data_1KHP
# 
_entry.id   1KHP 
# 
_audit_conform.dict_name       mmcif_pdbx.dic 
_audit_conform.dict_version    5.399 
_audit_conform.dict_location   http://mmcif.pdb.org/dictionaries/ascii/mmcif_pdbx.dic 
# 
loop_
_database_2.database_id 
_database_2.database_code 
_database_2.pdbx_database_accession 
_database_2.pdbx_DOI 
PDB   1KHP         pdb_00001khp 10.2210/pdb1khp/pdb 
RCSB  RCSB014973   ?            ?                   
WWPDB D_1000014973 ?            ?                   
# 
loop_
_pdbx_audit_revision_history.ordinal 
_pdbx_audit_revision_history.data_content_type 
_pdbx_audit_revision_history.major_revision 
_pdbx_audit_revision_history.minor_revision 
_pdbx_audit_revision_history.revision_date 
1 'Structure model' 1 0 2003-09-09 
2 'Structure model' 1 1 2008-04-27 
3 'Structure model' 1 2 2011-07-13 
4 'Structure model' 1 3 2012-12-12 
5 'Structure model' 1 4 2023-08-16 
6 'Structure model' 1 5 2024-11-20 
# 
_pdbx_audit_revision_details.ordinal             1 
_pdbx_audit_revision_details.revision_ordinal    1 
_pdbx_audit_revision_details.data_content_type   'Structure model' 
_pdbx_audit_revision_details.provider            repository 
_pdbx_audit_revision_details.type                'Initial release' 
_pdbx_audit_revision_details.description         ? 
_pdbx_audit_revision_details.details             ? 
# 
loop_
_pdbx_audit_revision_group.ordinal 
_pdbx_audit_revision_group.revision_ordinal 
_pdbx_audit_revision_group.data_content_type 
_pdbx_audit_revision_group.group 
1  2 'Structure model' 'Version format compliance' 
2  3 'Structure model' 'Atomic model'              
3  3 'Structure model' 'Database references'       
4  3 'Structure model' 'Derived calculations'      
5  3 'Structure model' 'Non-polymer description'   
6  3 'Structure model' 'Structure summary'         
7  3 'Structure model' 'Version format compliance' 
8  4 'Structure model' Other                       
9  5 'Structure model' 'Data collection'           
10 5 'Structure model' 'Database references'       
11 5 'Structure model' 'Derived calculations'      
12 5 'Structure model' 'Refinement description'    
13 6 'Structure model' 'Structure summary'         
# 
loop_
_pdbx_audit_revision_category.ordinal 
_pdbx_audit_revision_category.revision_ordinal 
_pdbx_audit_revision_category.data_content_type 
_pdbx_audit_revision_category.category 
1 5 'Structure model' chem_comp_atom                
2 5 'Structure model' chem_comp_bond                
3 5 'Structure model' database_2                    
4 5 'Structure model' pdbx_initial_refinement_model 
5 5 'Structure model' struct_conn                   
6 6 'Structure model' pdbx_entry_details            
7 6 'Structure model' pdbx_modification_feature     
# 
loop_
_pdbx_audit_revision_item.ordinal 
_pdbx_audit_revision_item.revision_ordinal 
_pdbx_audit_revision_item.data_content_type 
_pdbx_audit_revision_item.item 
1 5 'Structure model' '_database_2.pdbx_DOI'                         
2 5 'Structure model' '_database_2.pdbx_database_accession'          
3 5 'Structure model' '_struct_conn.pdbx_leaving_atom_flag'          
4 6 'Structure model' '_pdbx_entry_details.has_protein_modification' 
# 
_pdbx_database_status.status_code                     REL 
_pdbx_database_status.entry_id                        1KHP 
_pdbx_database_status.recvd_initial_deposition_date   2001-11-30 
_pdbx_database_status.deposit_site                    RCSB 
_pdbx_database_status.process_site                    RCSB 
_pdbx_database_status.status_code_sf                  REL 
_pdbx_database_status.status_code_mr                  ? 
_pdbx_database_status.SG_entry                        ? 
_pdbx_database_status.status_code_cs                  ? 
_pdbx_database_status.pdb_format_compatible           Y 
_pdbx_database_status.status_code_nmr_data            ? 
_pdbx_database_status.methods_development_category    ? 
# 
loop_
_pdbx_database_related.db_name 
_pdbx_database_related.db_id 
_pdbx_database_related.details 
_pdbx_database_related.content_type 
PDB 1PAD 'PAPAIN-ACETYL-ALANYL-ALANYL-PHENYLALANYL-METHYLENYLALANYL DERIVATIVE (/ACAAPACK)' unspecified 
PDB 5PAD 'PAPAIN-BENZYLOXYCARBONYL-GLYCYL-PHENYLALANYL-METHYLENYLGLYCYL DERIVATIVE (/ZGPGCK)' unspecified 
PDB 6PAD 'PAPAIN-BENZYLOXYCARBONYL-PHENYLALANYL-METHYLENYLALANYL DERIVATIVE (/ZPACK)' unspecified 
PDB 9PAP 'PAPAIN CYS 25 OXIDIZED' unspecified 
PDB 1PPN 'PAPAIN CYS 25 WITH BOUND ATOM' unspecified 
PDB 2PAD 'PAPAIN-CYSTEINYL DERIVATIVE OF CYS 25 (/PAPSSCYS)' unspecified 
PDB 1PE6 'PAPAIN COMPLEX WITH E-64-C' unspecified 
PDB 1PIP 'PAPAIN COMPLEX WITH SUCCINYL-GLN-VAL-VAL-ALA-ALA-P-NITROANILIDE' unspecified 
PDB 1PPP 'PAPAIN COMPLEX WITH E64-C (FORM II)' unspecified 
PDB 1PPD '2-HYDROXYETHYLTHIOPAPAIN - CRYSTAL FORM D' unspecified 
PDB 1POP 'PAPAIN COMPLEX WITH LEUPEPTIN (N-ACETYL-L-LEUCYL-L-LEUCYL-L-ARGININAL)' unspecified 
PDB 1STF 
'PAPAIN (CYS 25 CARBOXYMETHYLATED) COMPLEXED WITH THE INHIBITOR STEFIN B (CYSTATIN B) MUTANT WITH CYS I 8 REPLACED BY SER (C(I 8)S)' 
unspecified 
PDB 1CVZ 'PAPAIN WITH CLIK148 (CATHEPSIN L SPECIFIC INHIBITOR)' unspecified 
PDB 1KHQ 'ORTHORHOMBIC FORM OF PAPAIN/ZLFG-DAM COVALENT COMPLEX' unspecified 
# 
loop_
_audit_author.name 
_audit_author.pdbx_ordinal 
'Janowski, R.'  1 
'Kozak, M.'     2 
'Jankowska, E.' 3 
'Grzonka, Z.'   4 
'Jaskolski, M.' 5 
# 
loop_
_citation.id 
_citation.title 
_citation.journal_abbrev 
_citation.journal_volume 
_citation.page_first 
_citation.page_last 
_citation.year 
_citation.journal_id_ASTM 
_citation.country 
_citation.journal_id_ISSN 
_citation.journal_id_CSD 
_citation.book_publisher 
_citation.pdbx_database_id_PubMed 
_citation.pdbx_database_id_DOI 
primary 'Two polymorphs of a covalent complex between papain and a diazomethylketone inhibitor' J.Pept.Res.                64   
141  150  2004 JPERFA DK 1397-002X 2150 ? 15357669 10.1111/j.1399-3011.2004.00181.x 
1       'Crystallization and preliminary crystallographic studies of a new crystal form of papain from Carica papaya.' 
'ACTA BIOCHIM.POL.'        44   601  605  1997 ABPLAF PL 0001-527X 1139 ? ?        ?                                
2       'Structural studies of cysteine proteases and their inhibitors' 'ACTA BIOCHIM.POL.'        48   1    20   2001 ABPLAF PL 
0001-527X 1139 ? ?        ?                                
3       'Binding of chloromethyl ketone substrate analogues to crystalline papain.' Biochemistry               15   3731 3738 1976 
BICHAW US 0006-2960 0033 ? ?        ?                                
4       'Structure of monoclinic papain at 1.60 Angstroms resolution.' 'ACTA CRYSTALLOGR.,SECT.B' 48   59   66   1992 ASBSDK DK 
0108-7681 0622 ? ?        10.1107/S0108768191006572        
5       
;Binding modes of a new epoxysuccinyl-peptide inhibitor of cysteine proteases. Where and how do cysteine proteases express their selectivity?
;
BIOCHIM.BIOPHYS.ACTA       1431 290  305  1999 BBACAQ NE 0006-3002 0113 ? ?        '10.1016/S0167-4838(99)00053-9'  
# 
loop_
_citation_author.citation_id 
_citation_author.name 
_citation_author.ordinal 
_citation_author.identifier_ORCID 
primary 'Janowski, R.'      1  ? 
primary 'Kozak, M.'         2  ? 
primary 'Jankowska, E.'     3  ? 
primary 'Grzonka, Z.'       4  ? 
primary 'Jaskolski, M.'     5  ? 
1       'Kozak, M.'         6  ? 
1       'Kozian, E.'        7  ? 
1       'Grzonka, Z.'       8  ? 
1       'Jaskolski, M.'     9  ? 
2       'Grzonka, Z.'       10 ? 
2       'Jankowska, E.'     11 ? 
2       'Wieczerzak, E.'    12 ? 
2       'Kasprzykowski, F.' 13 ? 
2       'Lankiewicz, L.'    14 ? 
2       'Wiczk, W.'         15 ? 
2       'Drabik, P.'        16 ? 
2       'Ciarkowski, J.'    17 ? 
2       'Janowski, R.'      18 ? 
2       'Kozak, M.'         19 ? 
2       'Jaskolski, M.'     20 ? 
2       'Grubb, A.'         21 ? 
3       'Drenth, J.'        22 ? 
3       'Kalk, K.H.'        23 ? 
3       'Swen, H.M.'        24 ? 
4       'Pickersgill, R.W.' 25 ? 
4       'Harris, G.W.'      26 ? 
4       'Garman, E.'        27 ? 
5       'Czaplewski, C.'    28 ? 
5       'Grzonka, Z.'       29 ? 
5       'Jaskolski, M.'     30 ? 
5       'Kasprzykowski, F.' 31 ? 
5       'Kozak, M.'         32 ? 
5       'Politowska, E.'    33 ? 
5       'Ciarkowski, J.'    34 ? 
# 
loop_
_entity.id 
_entity.type 
_entity.src_method 
_entity.pdbx_description 
_entity.formula_weight 
_entity.pdbx_number_of_molecules 
_entity.pdbx_ec 
_entity.pdbx_mutation 
_entity.pdbx_fragment 
_entity.details 
1 polymer nat Papain               23452.301 1  3.4.22.2 ? 'Papain, Residues 134-345' ? 
2 polymer syn 'peptidic inhibitor' 512.001   1  ?        ? ?                          ? 
3 water   nat water                18.015    53 ?        ? ?                          ? 
# 
_entity_name_com.entity_id   1 
_entity_name_com.name        'Papaya proteinase I, PPI' 
# 
loop_
_entity_poly.entity_id 
_entity_poly.type 
_entity_poly.nstd_linkage 
_entity_poly.nstd_monomer 
_entity_poly.pdbx_seq_one_letter_code 
_entity_poly.pdbx_seq_one_letter_code_can 
_entity_poly.pdbx_strand_id 
_entity_poly.pdbx_target_identifier 
1 'polypeptide(L)' no no  
;IPEYVDWRQKGAVTPVKNQGSCGSCWAFSAVVTIEGIIKIRTGNLNEYSEQELLDCDRRSYGCNGGYPWSALQLVAQYGI
HYRNTYPYEGVQRYCRSREKGPYAAKTDGVRQVQPYNEGALLYSIANQPVSVVLEAAGKDFQLYRGGIFVGPCGNKVDHA
VAAVGYGPNYILIKNSWGTGWGENGYIRIKRGTGNSYGVCGLYTSSFYPVKN
;
;IPEYVDWRQKGAVTPVKNQGSCGSCWAFSAVVTIEGIIKIRTGNLNEYSEQELLDCDRRSYGCNGGYPWSALQLVAQYGI
HYRNTYPYEGVQRYCRSREKGPYAAKTDGVRQVQPYNEGALLYSIANQPVSVVLEAAGKDFQLYRGGIFVGPCGNKVDHA
VAAVGYGPNYILIKNSWGTGWGENGYIRIKRGTGNSYGVCGLYTSSFYPVKN
;
A ? 
2 'polypeptide(L)' no yes '(PHQ)LFG(0HQ)' XLFGX I ? 
# 
_pdbx_entity_nonpoly.entity_id   3 
_pdbx_entity_nonpoly.name        water 
_pdbx_entity_nonpoly.comp_id     HOH 
# 
loop_
_entity_poly_seq.entity_id 
_entity_poly_seq.num 
_entity_poly_seq.mon_id 
_entity_poly_seq.hetero 
1 1   ILE n 
1 2   PRO n 
1 3   GLU n 
1 4   TYR n 
1 5   VAL n 
1 6   ASP n 
1 7   TRP n 
1 8   ARG n 
1 9   GLN n 
1 10  LYS n 
1 11  GLY n 
1 12  ALA n 
1 13  VAL n 
1 14  THR n 
1 15  PRO n 
1 16  VAL n 
1 17  LYS n 
1 18  ASN n 
1 19  GLN n 
1 20  GLY n 
1 21  SER n 
1 22  CYS n 
1 23  GLY n 
1 24  SER n 
1 25  CYS n 
1 26  TRP n 
1 27  ALA n 
1 28  PHE n 
1 29  SER n 
1 30  ALA n 
1 31  VAL n 
1 32  VAL n 
1 33  THR n 
1 34  ILE n 
1 35  GLU n 
1 36  GLY n 
1 37  ILE n 
1 38  ILE n 
1 39  LYS n 
1 40  ILE n 
1 41  ARG n 
1 42  THR n 
1 43  GLY n 
1 44  ASN n 
1 45  LEU n 
1 46  ASN n 
1 47  GLU n 
1 48  TYR n 
1 49  SER n 
1 50  GLU n 
1 51  GLN n 
1 52  GLU n 
1 53  LEU n 
1 54  LEU n 
1 55  ASP n 
1 56  CYS n 
1 57  ASP n 
1 58  ARG n 
1 59  ARG n 
1 60  SER n 
1 61  TYR n 
1 62  GLY n 
1 63  CYS n 
1 64  ASN n 
1 65  GLY n 
1 66  GLY n 
1 67  TYR n 
1 68  PRO n 
1 69  TRP n 
1 70  SER n 
1 71  ALA n 
1 72  LEU n 
1 73  GLN n 
1 74  LEU n 
1 75  VAL n 
1 76  ALA n 
1 77  GLN n 
1 78  TYR n 
1 79  GLY n 
1 80  ILE n 
1 81  HIS n 
1 82  TYR n 
1 83  ARG n 
1 84  ASN n 
1 85  THR n 
1 86  TYR n 
1 87  PRO n 
1 88  TYR n 
1 89  GLU n 
1 90  GLY n 
1 91  VAL n 
1 92  GLN n 
1 93  ARG n 
1 94  TYR n 
1 95  CYS n 
1 96  ARG n 
1 97  SER n 
1 98  ARG n 
1 99  GLU n 
1 100 LYS n 
1 101 GLY n 
1 102 PRO n 
1 103 TYR n 
1 104 ALA n 
1 105 ALA n 
1 106 LYS n 
1 107 THR n 
1 108 ASP n 
1 109 GLY n 
1 110 VAL n 
1 111 ARG n 
1 112 GLN n 
1 113 VAL n 
1 114 GLN n 
1 115 PRO n 
1 116 TYR n 
1 117 ASN n 
1 118 GLU n 
1 119 GLY n 
1 120 ALA n 
1 121 LEU n 
1 122 LEU n 
1 123 TYR n 
1 124 SER n 
1 125 ILE n 
1 126 ALA n 
1 127 ASN n 
1 128 GLN n 
1 129 PRO n 
1 130 VAL n 
1 131 SER n 
1 132 VAL n 
1 133 VAL n 
1 134 LEU n 
1 135 GLU n 
1 136 ALA n 
1 137 ALA n 
1 138 GLY n 
1 139 LYS n 
1 140 ASP n 
1 141 PHE n 
1 142 GLN n 
1 143 LEU n 
1 144 TYR n 
1 145 ARG n 
1 146 GLY n 
1 147 GLY n 
1 148 ILE n 
1 149 PHE n 
1 150 VAL n 
1 151 GLY n 
1 152 PRO n 
1 153 CYS n 
1 154 GLY n 
1 155 ASN n 
1 156 LYS n 
1 157 VAL n 
1 158 ASP n 
1 159 HIS n 
1 160 ALA n 
1 161 VAL n 
1 162 ALA n 
1 163 ALA n 
1 164 VAL n 
1 165 GLY n 
1 166 TYR n 
1 167 GLY n 
1 168 PRO n 
1 169 ASN n 
1 170 TYR n 
1 171 ILE n 
1 172 LEU n 
1 173 ILE n 
1 174 LYS n 
1 175 ASN n 
1 176 SER n 
1 177 TRP n 
1 178 GLY n 
1 179 THR n 
1 180 GLY n 
1 181 TRP n 
1 182 GLY n 
1 183 GLU n 
1 184 ASN n 
1 185 GLY n 
1 186 TYR n 
1 187 ILE n 
1 188 ARG n 
1 189 ILE n 
1 190 LYS n 
1 191 ARG n 
1 192 GLY n 
1 193 THR n 
1 194 GLY n 
1 195 ASN n 
1 196 SER n 
1 197 TYR n 
1 198 GLY n 
1 199 VAL n 
1 200 CYS n 
1 201 GLY n 
1 202 LEU n 
1 203 TYR n 
1 204 THR n 
1 205 SER n 
1 206 SER n 
1 207 PHE n 
1 208 TYR n 
1 209 PRO n 
1 210 VAL n 
1 211 LYS n 
1 212 ASN n 
2 1   PHQ n 
2 2   LEU n 
2 3   PHE n 
2 4   GLY n 
2 5   0HQ n 
# 
_entity_src_nat.entity_id                  1 
_entity_src_nat.pdbx_src_id                1 
_entity_src_nat.pdbx_alt_source_flag       sample 
_entity_src_nat.pdbx_beg_seq_num           ? 
_entity_src_nat.pdbx_end_seq_num           ? 
_entity_src_nat.common_name                papaya 
_entity_src_nat.pdbx_organism_scientific   'Carica papaya' 
_entity_src_nat.pdbx_ncbi_taxonomy_id      3649 
_entity_src_nat.genus                      Carica 
_entity_src_nat.species                    ? 
_entity_src_nat.strain                     ? 
_entity_src_nat.tissue                     ? 
_entity_src_nat.tissue_fraction            ? 
_entity_src_nat.pdbx_secretion             ? 
_entity_src_nat.pdbx_fragment              ? 
_entity_src_nat.pdbx_variant               ? 
_entity_src_nat.pdbx_cell_line             ? 
_entity_src_nat.pdbx_atcc                  ? 
_entity_src_nat.pdbx_cellular_location     ? 
_entity_src_nat.pdbx_organ                 ? 
_entity_src_nat.pdbx_organelle             ? 
_entity_src_nat.pdbx_cell                  ? 
_entity_src_nat.pdbx_plasmid_name          ? 
_entity_src_nat.pdbx_plasmid_details       ? 
_entity_src_nat.details                    ? 
# 
loop_
_chem_comp.id 
_chem_comp.type 
_chem_comp.mon_nstd_flag 
_chem_comp.name 
_chem_comp.pdbx_synonyms 
_chem_comp.formula 
_chem_comp.formula_weight 
0HQ non-polymer         . diazomethane             'DIAZOMETHYL GROUP' 'C H2 N2'        42.040  
ALA 'L-peptide linking' y ALANINE                  ?                   'C3 H7 N O2'     89.093  
ARG 'L-peptide linking' y ARGININE                 ?                   'C6 H15 N4 O2 1' 175.209 
ASN 'L-peptide linking' y ASPARAGINE               ?                   'C4 H8 N2 O3'    132.118 
ASP 'L-peptide linking' y 'ASPARTIC ACID'          ?                   'C4 H7 N O4'     133.103 
CYS 'L-peptide linking' y CYSTEINE                 ?                   'C3 H7 N O2 S'   121.158 
GLN 'L-peptide linking' y GLUTAMINE                ?                   'C5 H10 N2 O3'   146.144 
GLU 'L-peptide linking' y 'GLUTAMIC ACID'          ?                   'C5 H9 N O4'     147.129 
GLY 'peptide linking'   y GLYCINE                  ?                   'C2 H5 N O2'     75.067  
HIS 'L-peptide linking' y HISTIDINE                ?                   'C6 H10 N3 O2 1' 156.162 
HOH non-polymer         . WATER                    ?                   'H2 O'           18.015  
ILE 'L-peptide linking' y ISOLEUCINE               ?                   'C6 H13 N O2'    131.173 
LEU 'L-peptide linking' y LEUCINE                  ?                   'C6 H13 N O2'    131.173 
LYS 'L-peptide linking' y LYSINE                   ?                   'C6 H15 N2 O2 1' 147.195 
PHE 'L-peptide linking' y PHENYLALANINE            ?                   'C9 H11 N O2'    165.189 
PHQ non-polymer         . 'benzyl chlorocarbonate' ?                   'C8 H7 Cl O2'    170.593 
PRO 'L-peptide linking' y PROLINE                  ?                   'C5 H9 N O2'     115.130 
SER 'L-peptide linking' y SERINE                   ?                   'C3 H7 N O3'     105.093 
THR 'L-peptide linking' y THREONINE                ?                   'C4 H9 N O3'     119.119 
TRP 'L-peptide linking' y TRYPTOPHAN               ?                   'C11 H12 N2 O2'  204.225 
TYR 'L-peptide linking' y TYROSINE                 ?                   'C9 H11 N O3'    181.189 
VAL 'L-peptide linking' y VALINE                   ?                   'C5 H11 N O2'    117.146 
# 
loop_
_pdbx_poly_seq_scheme.asym_id 
_pdbx_poly_seq_scheme.entity_id 
_pdbx_poly_seq_scheme.seq_id 
_pdbx_poly_seq_scheme.mon_id 
_pdbx_poly_seq_scheme.ndb_seq_num 
_pdbx_poly_seq_scheme.pdb_seq_num 
_pdbx_poly_seq_scheme.auth_seq_num 
_pdbx_poly_seq_scheme.pdb_mon_id 
_pdbx_poly_seq_scheme.auth_mon_id 
_pdbx_poly_seq_scheme.pdb_strand_id 
_pdbx_poly_seq_scheme.pdb_ins_code 
_pdbx_poly_seq_scheme.hetero 
A 1 1   ILE 1   1   1   ILE ILE A . n 
A 1 2   PRO 2   2   2   PRO PRO A . n 
A 1 3   GLU 3   3   3   GLU GLU A . n 
A 1 4   TYR 4   4   4   TYR TYR A . n 
A 1 5   VAL 5   5   5   VAL VAL A . n 
A 1 6   ASP 6   6   6   ASP ASP A . n 
A 1 7   TRP 7   7   7   TRP TRP A . n 
A 1 8   ARG 8   8   8   ARG ARG A . n 
A 1 9   GLN 9   9   9   GLN GLN A . n 
A 1 10  LYS 10  10  10  LYS LYS A . n 
A 1 11  GLY 11  11  11  GLY GLY A . n 
A 1 12  ALA 12  12  12  ALA ALA A . n 
A 1 13  VAL 13  13  13  VAL VAL A . n 
A 1 14  THR 14  14  14  THR THR A . n 
A 1 15  PRO 15  15  15  PRO PRO A . n 
A 1 16  VAL 16  16  16  VAL VAL A . n 
A 1 17  LYS 17  17  17  LYS LYS A . n 
A 1 18  ASN 18  18  18  ASN ASN A . n 
A 1 19  GLN 19  19  19  GLN GLN A . n 
A 1 20  GLY 20  20  20  GLY GLY A . n 
A 1 21  SER 21  21  21  SER SER A . n 
A 1 22  CYS 22  22  22  CYS CYS A . n 
A 1 23  GLY 23  23  23  GLY GLY A . n 
A 1 24  SER 24  24  24  SER SER A . n 
A 1 25  CYS 25  25  25  CYS CYS A . n 
A 1 26  TRP 26  26  26  TRP TRP A . n 
A 1 27  ALA 27  27  27  ALA ALA A . n 
A 1 28  PHE 28  28  28  PHE PHE A . n 
A 1 29  SER 29  29  29  SER SER A . n 
A 1 30  ALA 30  30  30  ALA ALA A . n 
A 1 31  VAL 31  31  31  VAL VAL A . n 
A 1 32  VAL 32  32  32  VAL VAL A . n 
A 1 33  THR 33  33  33  THR THR A . n 
A 1 34  ILE 34  34  34  ILE ILE A . n 
A 1 35  GLU 35  35  35  GLU GLU A . n 
A 1 36  GLY 36  36  36  GLY GLY A . n 
A 1 37  ILE 37  37  37  ILE ILE A . n 
A 1 38  ILE 38  38  38  ILE ILE A . n 
A 1 39  LYS 39  39  39  LYS LYS A . n 
A 1 40  ILE 40  40  40  ILE ILE A . n 
A 1 41  ARG 41  41  41  ARG ARG A . n 
A 1 42  THR 42  42  42  THR THR A . n 
A 1 43  GLY 43  43  43  GLY GLY A . n 
A 1 44  ASN 44  44  44  ASN ASN A . n 
A 1 45  LEU 45  45  45  LEU LEU A . n 
A 1 46  ASN 46  46  46  ASN ASN A . n 
A 1 47  GLU 47  47  47  GLU GLU A . n 
A 1 48  TYR 48  48  48  TYR TYR A . n 
A 1 49  SER 49  49  49  SER SER A . n 
A 1 50  GLU 50  50  50  GLU GLU A . n 
A 1 51  GLN 51  51  51  GLN GLN A . n 
A 1 52  GLU 52  52  52  GLU GLU A . n 
A 1 53  LEU 53  53  53  LEU LEU A . n 
A 1 54  LEU 54  54  54  LEU LEU A . n 
A 1 55  ASP 55  55  55  ASP ASP A . n 
A 1 56  CYS 56  56  56  CYS CYS A . n 
A 1 57  ASP 57  57  57  ASP ASP A . n 
A 1 58  ARG 58  58  58  ARG ARG A . n 
A 1 59  ARG 59  59  59  ARG ARG A . n 
A 1 60  SER 60  60  60  SER SER A . n 
A 1 61  TYR 61  61  61  TYR TYR A . n 
A 1 62  GLY 62  62  62  GLY GLY A . n 
A 1 63  CYS 63  63  63  CYS CYS A . n 
A 1 64  ASN 64  64  64  ASN ASN A . n 
A 1 65  GLY 65  65  65  GLY GLY A . n 
A 1 66  GLY 66  66  66  GLY GLY A . n 
A 1 67  TYR 67  67  67  TYR TYR A . n 
A 1 68  PRO 68  68  68  PRO PRO A . n 
A 1 69  TRP 69  69  69  TRP TRP A . n 
A 1 70  SER 70  70  70  SER SER A . n 
A 1 71  ALA 71  71  71  ALA ALA A . n 
A 1 72  LEU 72  72  72  LEU LEU A . n 
A 1 73  GLN 73  73  73  GLN GLN A . n 
A 1 74  LEU 74  74  74  LEU LEU A . n 
A 1 75  VAL 75  75  75  VAL VAL A . n 
A 1 76  ALA 76  76  76  ALA ALA A . n 
A 1 77  GLN 77  77  77  GLN GLN A . n 
A 1 78  TYR 78  78  78  TYR TYR A . n 
A 1 79  GLY 79  79  79  GLY GLY A . n 
A 1 80  ILE 80  80  80  ILE ILE A . n 
A 1 81  HIS 81  81  81  HIS HIS A . n 
A 1 82  TYR 82  82  82  TYR TYR A . n 
A 1 83  ARG 83  83  83  ARG ARG A . n 
A 1 84  ASN 84  84  84  ASN ASN A . n 
A 1 85  THR 85  85  85  THR THR A . n 
A 1 86  TYR 86  86  86  TYR TYR A . n 
A 1 87  PRO 87  87  87  PRO PRO A . n 
A 1 88  TYR 88  88  88  TYR TYR A . n 
A 1 89  GLU 89  89  89  GLU GLU A . n 
A 1 90  GLY 90  90  90  GLY GLY A . n 
A 1 91  VAL 91  91  91  VAL VAL A . n 
A 1 92  GLN 92  92  92  GLN GLN A . n 
A 1 93  ARG 93  93  93  ARG ARG A . n 
A 1 94  TYR 94  94  94  TYR TYR A . n 
A 1 95  CYS 95  95  95  CYS CYS A . n 
A 1 96  ARG 96  96  96  ARG ARG A . n 
A 1 97  SER 97  97  97  SER SER A . n 
A 1 98  ARG 98  98  98  ARG ARG A . n 
A 1 99  GLU 99  99  99  GLU GLU A . n 
A 1 100 LYS 100 100 100 LYS LYS A . n 
A 1 101 GLY 101 101 101 GLY GLY A . n 
A 1 102 PRO 102 102 102 PRO PRO A . n 
A 1 103 TYR 103 103 103 TYR TYR A . n 
A 1 104 ALA 104 104 104 ALA ALA A . n 
A 1 105 ALA 105 105 105 ALA ALA A . n 
A 1 106 LYS 106 106 106 LYS LYS A . n 
A 1 107 THR 107 107 107 THR THR A . n 
A 1 108 ASP 108 108 108 ASP ASP A . n 
A 1 109 GLY 109 109 109 GLY GLY A . n 
A 1 110 VAL 110 110 110 VAL VAL A . n 
A 1 111 ARG 111 111 111 ARG ARG A . n 
A 1 112 GLN 112 112 112 GLN GLN A . n 
A 1 113 VAL 113 113 113 VAL VAL A . n 
A 1 114 GLN 114 114 114 GLN GLN A . n 
A 1 115 PRO 115 115 115 PRO PRO A . n 
A 1 116 TYR 116 116 116 TYR TYR A . n 
A 1 117 ASN 117 117 117 ASN ASN A . n 
A 1 118 GLU 118 118 118 GLU GLU A . n 
A 1 119 GLY 119 119 119 GLY GLY A . n 
A 1 120 ALA 120 120 120 ALA ALA A . n 
A 1 121 LEU 121 121 121 LEU LEU A . n 
A 1 122 LEU 122 122 122 LEU LEU A . n 
A 1 123 TYR 123 123 123 TYR TYR A . n 
A 1 124 SER 124 124 124 SER SER A . n 
A 1 125 ILE 125 125 125 ILE ILE A . n 
A 1 126 ALA 126 126 126 ALA ALA A . n 
A 1 127 ASN 127 127 127 ASN ASN A . n 
A 1 128 GLN 128 128 128 GLN GLN A . n 
A 1 129 PRO 129 129 129 PRO PRO A . n 
A 1 130 VAL 130 130 130 VAL VAL A . n 
A 1 131 SER 131 131 131 SER SER A . n 
A 1 132 VAL 132 132 132 VAL VAL A . n 
A 1 133 VAL 133 133 133 VAL VAL A . n 
A 1 134 LEU 134 134 134 LEU LEU A . n 
A 1 135 GLU 135 135 135 GLU GLU A . n 
A 1 136 ALA 136 136 136 ALA ALA A . n 
A 1 137 ALA 137 137 137 ALA ALA A . n 
A 1 138 GLY 138 138 138 GLY GLY A . n 
A 1 139 LYS 139 139 139 LYS LYS A . n 
A 1 140 ASP 140 140 140 ASP ASP A . n 
A 1 141 PHE 141 141 141 PHE PHE A . n 
A 1 142 GLN 142 142 142 GLN GLN A . n 
A 1 143 LEU 143 143 143 LEU LEU A . n 
A 1 144 TYR 144 144 144 TYR TYR A . n 
A 1 145 ARG 145 145 145 ARG ARG A . n 
A 1 146 GLY 146 146 146 GLY GLY A . n 
A 1 147 GLY 147 147 147 GLY GLY A . n 
A 1 148 ILE 148 148 148 ILE ILE A . n 
A 1 149 PHE 149 149 149 PHE PHE A . n 
A 1 150 VAL 150 150 150 VAL VAL A . n 
A 1 151 GLY 151 151 151 GLY GLY A . n 
A 1 152 PRO 152 152 152 PRO PRO A . n 
A 1 153 CYS 153 153 153 CYS CYS A . n 
A 1 154 GLY 154 154 154 GLY GLY A . n 
A 1 155 ASN 155 155 155 ASN ASN A . n 
A 1 156 LYS 156 156 156 LYS LYS A . n 
A 1 157 VAL 157 157 157 VAL VAL A . n 
A 1 158 ASP 158 158 158 ASP ASP A . n 
A 1 159 HIS 159 159 159 HIS HIS A . n 
A 1 160 ALA 160 160 160 ALA ALA A . n 
A 1 161 VAL 161 161 161 VAL VAL A . n 
A 1 162 ALA 162 162 162 ALA ALA A . n 
A 1 163 ALA 163 163 163 ALA ALA A . n 
A 1 164 VAL 164 164 164 VAL VAL A . n 
A 1 165 GLY 165 165 165 GLY GLY A . n 
A 1 166 TYR 166 166 166 TYR TYR A . n 
A 1 167 GLY 167 167 167 GLY GLY A . n 
A 1 168 PRO 168 168 168 PRO PRO A . n 
A 1 169 ASN 169 169 169 ASN ASN A . n 
A 1 170 TYR 170 170 170 TYR TYR A . n 
A 1 171 ILE 171 171 171 ILE ILE A . n 
A 1 172 LEU 172 172 172 LEU LEU A . n 
A 1 173 ILE 173 173 173 ILE ILE A . n 
A 1 174 LYS 174 174 174 LYS LYS A . n 
A 1 175 ASN 175 175 175 ASN ASN A . n 
A 1 176 SER 176 176 176 SER SER A . n 
A 1 177 TRP 177 177 177 TRP TRP A . n 
A 1 178 GLY 178 178 178 GLY GLY A . n 
A 1 179 THR 179 179 179 THR THR A . n 
A 1 180 GLY 180 180 180 GLY GLY A . n 
A 1 181 TRP 181 181 181 TRP TRP A . n 
A 1 182 GLY 182 182 182 GLY GLY A . n 
A 1 183 GLU 183 183 183 GLU GLU A . n 
A 1 184 ASN 184 184 184 ASN ASN A . n 
A 1 185 GLY 185 185 185 GLY GLY A . n 
A 1 186 TYR 186 186 186 TYR TYR A . n 
A 1 187 ILE 187 187 187 ILE ILE A . n 
A 1 188 ARG 188 188 188 ARG ARG A . n 
A 1 189 ILE 189 189 189 ILE ILE A . n 
A 1 190 LYS 190 190 190 LYS LYS A . n 
A 1 191 ARG 191 191 191 ARG ARG A . n 
A 1 192 GLY 192 192 192 GLY GLY A . n 
A 1 193 THR 193 193 193 THR THR A . n 
A 1 194 GLY 194 194 194 GLY GLY A . n 
A 1 195 ASN 195 195 195 ASN ASN A . n 
A 1 196 SER 196 196 196 SER SER A . n 
A 1 197 TYR 197 197 197 TYR TYR A . n 
A 1 198 GLY 198 198 198 GLY GLY A . n 
A 1 199 VAL 199 199 199 VAL VAL A . n 
A 1 200 CYS 200 200 200 CYS CYS A . n 
A 1 201 GLY 201 201 201 GLY GLY A . n 
A 1 202 LEU 202 202 202 LEU LEU A . n 
A 1 203 TYR 203 203 203 TYR TYR A . n 
A 1 204 THR 204 204 204 THR THR A . n 
A 1 205 SER 205 205 205 SER SER A . n 
A 1 206 SER 206 206 206 SER SER A . n 
A 1 207 PHE 207 207 207 PHE PHE A . n 
A 1 208 TYR 208 208 208 TYR TYR A . n 
A 1 209 PRO 209 209 209 PRO PRO A . n 
A 1 210 VAL 210 210 210 VAL VAL A . n 
A 1 211 LYS 211 211 211 LYS LYS A . n 
A 1 212 ASN 212 212 212 ASN ASN A . n 
B 2 1   PHQ 1   250 ?   ?   ?   I . n 
B 2 2   LEU 2   251 251 LEU LEU I . n 
B 2 3   PHE 3   252 252 PHE PHE I . n 
B 2 4   GLY 4   253 253 GLY GLY I . n 
B 2 5   0HQ 5   254 254 0HQ 0HQ I . n 
# 
loop_
_pdbx_nonpoly_scheme.asym_id 
_pdbx_nonpoly_scheme.entity_id 
_pdbx_nonpoly_scheme.mon_id 
_pdbx_nonpoly_scheme.ndb_seq_num 
_pdbx_nonpoly_scheme.pdb_seq_num 
_pdbx_nonpoly_scheme.auth_seq_num 
_pdbx_nonpoly_scheme.pdb_mon_id 
_pdbx_nonpoly_scheme.auth_mon_id 
_pdbx_nonpoly_scheme.pdb_strand_id 
_pdbx_nonpoly_scheme.pdb_ins_code 
C 3 HOH 1  301 301 HOH HOH A . 
C 3 HOH 2  302 302 HOH HOH A . 
C 3 HOH 3  303 303 HOH HOH A . 
C 3 HOH 4  304 304 HOH HOH A . 
C 3 HOH 5  305 305 HOH HOH A . 
C 3 HOH 6  306 306 HOH HOH A . 
C 3 HOH 7  307 307 HOH HOH A . 
C 3 HOH 8  308 308 HOH HOH A . 
C 3 HOH 9  309 309 HOH HOH A . 
C 3 HOH 10 310 310 HOH HOH A . 
C 3 HOH 11 311 311 HOH HOH A . 
C 3 HOH 12 312 312 HOH HOH A . 
C 3 HOH 13 313 313 HOH HOH A . 
C 3 HOH 14 314 314 HOH HOH A . 
C 3 HOH 15 315 315 HOH HOH A . 
C 3 HOH 16 316 316 HOH HOH A . 
C 3 HOH 17 317 317 HOH HOH A . 
C 3 HOH 18 318 318 HOH HOH A . 
C 3 HOH 19 319 319 HOH HOH A . 
C 3 HOH 20 320 320 HOH HOH A . 
C 3 HOH 21 321 321 HOH HOH A . 
C 3 HOH 22 322 322 HOH HOH A . 
C 3 HOH 23 323 323 HOH HOH A . 
C 3 HOH 24 324 324 HOH HOH A . 
C 3 HOH 25 325 325 HOH HOH A . 
C 3 HOH 26 326 326 HOH HOH A . 
C 3 HOH 27 327 327 HOH HOH A . 
C 3 HOH 28 328 328 HOH HOH A . 
C 3 HOH 29 329 329 HOH HOH A . 
C 3 HOH 30 330 330 HOH HOH A . 
C 3 HOH 31 331 331 HOH HOH A . 
C 3 HOH 32 332 332 HOH HOH A . 
C 3 HOH 33 333 333 HOH HOH A . 
C 3 HOH 34 334 334 HOH HOH A . 
C 3 HOH 35 335 335 HOH HOH A . 
C 3 HOH 36 336 336 HOH HOH A . 
C 3 HOH 37 337 337 HOH HOH A . 
C 3 HOH 38 338 338 HOH HOH A . 
C 3 HOH 39 339 339 HOH HOH A . 
C 3 HOH 40 340 340 HOH HOH A . 
C 3 HOH 41 341 341 HOH HOH A . 
C 3 HOH 42 342 342 HOH HOH A . 
C 3 HOH 43 343 343 HOH HOH A . 
C 3 HOH 44 344 344 HOH HOH A . 
C 3 HOH 45 345 345 HOH HOH A . 
C 3 HOH 46 346 346 HOH HOH A . 
C 3 HOH 47 347 347 HOH HOH A . 
C 3 HOH 48 348 348 HOH HOH A . 
C 3 HOH 49 350 350 HOH HOH A . 
C 3 HOH 50 351 351 HOH HOH A . 
C 3 HOH 51 352 352 HOH HOH A . 
C 3 HOH 52 353 353 HOH HOH A . 
D 3 HOH 1  349 349 HOH HOH I . 
# 
loop_
_software.name 
_software.classification 
_software.version 
_software.citation_id 
_software.pdbx_ordinal 
DENZO     'data reduction' . ? 1 
SCALEPACK 'data scaling'   . ? 2 
AMoRE     phasing          . ? 3 
REFMAC    refinement       . ? 4 
# 
_cell.entry_id           1KHP 
_cell.length_a           42.44 
_cell.length_b           48.93 
_cell.length_c           52.69 
_cell.angle_alpha        90.00 
_cell.angle_beta         112.42 
_cell.angle_gamma        90.00 
_cell.Z_PDB              2 
_cell.pdbx_unique_axis   ? 
_cell.length_a_esd       ? 
_cell.length_b_esd       ? 
_cell.length_c_esd       ? 
_cell.angle_alpha_esd    ? 
_cell.angle_beta_esd     ? 
_cell.angle_gamma_esd    ? 
# 
_symmetry.entry_id                         1KHP 
_symmetry.space_group_name_H-M             'P 1 21 1' 
_symmetry.pdbx_full_space_group_name_H-M   ? 
_symmetry.cell_setting                     ? 
_symmetry.Int_Tables_number                4 
_symmetry.space_group_name_Hall            ? 
# 
_exptl.entry_id          1KHP 
_exptl.method            'X-RAY DIFFRACTION' 
_exptl.crystals_number   1 
# 
_exptl_crystal.id                    1 
_exptl_crystal.density_meas          ? 
_exptl_crystal.density_Matthews      2.12 
_exptl_crystal.density_percent_sol   42 
_exptl_crystal.description           ? 
_exptl_crystal.F_000                 ? 
_exptl_crystal.preparation           ? 
# 
_exptl_crystal_grow.crystal_id      1 
_exptl_crystal_grow.method          'VAPOR DIFFUSION, HANGING DROP' 
_exptl_crystal_grow.temp            292 
_exptl_crystal_grow.temp_details    ? 
_exptl_crystal_grow.pH              9.2 
_exptl_crystal_grow.pdbx_details    
'68% methanol/ethanol (2:1), 34 mM NaCl, 50 mM 2-aminoethanol/HCl, pH 9.2, VAPOR DIFFUSION, HANGING DROP, temperature 292K' 
_exptl_crystal_grow.pdbx_pH_range   . 
# 
_diffrn.id                     1 
_diffrn.ambient_temp           293 
_diffrn.ambient_temp_details   ? 
_diffrn.crystal_id             1 
# 
_diffrn_detector.diffrn_id              1 
_diffrn_detector.detector               'IMAGE PLATE' 
_diffrn_detector.type                   MARRESEARCH 
_diffrn_detector.pdbx_collection_date   1998-03-09 
_diffrn_detector.details                ? 
# 
_diffrn_radiation.diffrn_id                        1 
_diffrn_radiation.wavelength_id                    1 
_diffrn_radiation.pdbx_monochromatic_or_laue_m_l   M 
_diffrn_radiation.monochromator                    GRAPHITE 
_diffrn_radiation.pdbx_diffrn_protocol             'SINGLE WAVELENGTH' 
_diffrn_radiation.pdbx_scattering_type             x-ray 
# 
_diffrn_radiation_wavelength.id           1 
_diffrn_radiation_wavelength.wavelength   1.5418 
_diffrn_radiation_wavelength.wt           1.0 
# 
_diffrn_source.diffrn_id                   1 
_diffrn_source.source                      'ROTATING ANODE' 
_diffrn_source.type                        MACSCIENCE 
_diffrn_source.pdbx_synchrotron_site       ? 
_diffrn_source.pdbx_synchrotron_beamline   ? 
_diffrn_source.pdbx_wavelength             ? 
_diffrn_source.pdbx_wavelength_list        1.5418 
# 
_reflns.entry_id                     1KHP 
_reflns.observed_criterion_sigma_I   -3 
_reflns.observed_criterion_sigma_F   -3 
_reflns.d_resolution_low             20.0 
_reflns.d_resolution_high            2.0 
_reflns.number_obs                   12041 
_reflns.number_all                   12041 
_reflns.percent_possible_obs         88.9 
_reflns.pdbx_Rmerge_I_obs            0.123 
_reflns.pdbx_Rsym_value              ? 
_reflns.pdbx_netI_over_sigmaI        6.6 
_reflns.B_iso_Wilson_estimate        26.20 
_reflns.pdbx_redundancy              4.8 
_reflns.R_free_details               ? 
_reflns.limit_h_max                  ? 
_reflns.limit_h_min                  ? 
_reflns.limit_k_max                  ? 
_reflns.limit_k_min                  ? 
_reflns.limit_l_max                  ? 
_reflns.limit_l_min                  ? 
_reflns.observed_criterion_F_max     ? 
_reflns.observed_criterion_F_min     ? 
_reflns.pdbx_chi_squared             ? 
_reflns.pdbx_scaling_rejects         ? 
_reflns.pdbx_ordinal                 1 
_reflns.pdbx_diffrn_id               1 
# 
_reflns_shell.d_res_high             2.00 
_reflns_shell.d_res_low              2.07 
_reflns_shell.percent_possible_all   75.1 
_reflns_shell.Rmerge_I_obs           0.328 
_reflns_shell.pdbx_Rsym_value        ? 
_reflns_shell.meanI_over_sigI_obs    2.0 
_reflns_shell.pdbx_redundancy        1.74 
_reflns_shell.percent_possible_obs   ? 
_reflns_shell.number_unique_all      ? 
_reflns_shell.number_measured_all    ? 
_reflns_shell.number_measured_obs    ? 
_reflns_shell.number_unique_obs      ? 
_reflns_shell.pdbx_chi_squared       ? 
_reflns_shell.pdbx_ordinal           1 
_reflns_shell.pdbx_diffrn_id         1 
# 
_refine.entry_id                                 1KHP 
_refine.ls_number_reflns_obs                     10783 
_refine.ls_number_reflns_all                     10783 
_refine.pdbx_ls_sigma_I                          0.0 
_refine.pdbx_ls_sigma_F                          0.0 
_refine.pdbx_data_cutoff_high_absF               ? 
_refine.pdbx_data_cutoff_low_absF                ? 
_refine.pdbx_data_cutoff_high_rms_absF           ? 
_refine.ls_d_res_low                             10.0 
_refine.ls_d_res_high                            2.0 
_refine.ls_percent_reflns_obs                    88.8 
_refine.ls_R_factor_obs                          0.185 
_refine.ls_R_factor_all                          0.185 
_refine.ls_R_factor_R_work                       0.18 
_refine.ls_R_factor_R_free                       0.229 
_refine.ls_R_factor_R_free_error                 ? 
_refine.ls_R_factor_R_free_error_details         ? 
_refine.ls_percent_reflns_R_free                 9.8 
_refine.ls_number_reflns_R_free                  1165 
_refine.ls_number_parameters                     ? 
_refine.ls_number_restraints                     ? 
_refine.occupancy_min                            ? 
_refine.occupancy_max                            ? 
_refine.correlation_coeff_Fo_to_Fc               ? 
_refine.correlation_coeff_Fo_to_Fc_free          ? 
_refine.B_iso_mean                               22.10 
_refine.aniso_B[1][1]                            -1.22 
_refine.aniso_B[2][2]                            0.57 
_refine.aniso_B[3][3]                            0.74 
_refine.aniso_B[1][2]                            0.00 
_refine.aniso_B[1][3]                            0.12 
_refine.aniso_B[2][3]                            0.00 
_refine.solvent_model_details                    ? 
_refine.solvent_model_param_ksol                 ? 
_refine.solvent_model_param_bsol                 ? 
_refine.pdbx_solvent_vdw_probe_radii             ? 
_refine.pdbx_solvent_ion_probe_radii             ? 
_refine.pdbx_solvent_shrinkage_radii             ? 
_refine.pdbx_ls_cross_valid_method               THROUGHOUT 
_refine.details                                  
;MAXIMUM LIKELIHOOD ALGORITHM. TLS PARAMETERS WERE USED. THE PHQ (CARBOBENZOXY- OR BENZYLOXYCARBONYL-) BLOCKING GROUP AT THE N-TERMINUS OF THE INHIBITOR IS NOT VISIBLE IN ELECTRON DENSITY DUE TO DISORDER AND WAS NOT INCLUDED IN THE MODEL.
;
_refine.pdbx_starting_model                      'PDB ENTRY 1PPN' 
_refine.pdbx_method_to_determine_struct          'MOLECULAR REPLACEMENT' 
_refine.pdbx_isotropic_thermal_model             ? 
_refine.pdbx_stereochemistry_target_values       'Engh & Huber' 
_refine.pdbx_stereochem_target_val_spec_case     ? 
_refine.pdbx_R_Free_selection_details            RANDOM 
_refine.pdbx_overall_ESU_R                       0.26120 
_refine.pdbx_overall_ESU_R_Free                  0.19839 
_refine.overall_SU_ML                            0.16795 
_refine.overall_SU_B                             6.19632 
_refine.ls_redundancy_reflns_obs                 ? 
_refine.B_iso_min                                ? 
_refine.B_iso_max                                ? 
_refine.overall_SU_R_Cruickshank_DPI             ? 
_refine.overall_SU_R_free                        ? 
_refine.ls_wR_factor_R_free                      ? 
_refine.ls_wR_factor_R_work                      ? 
_refine.overall_FOM_free_R_set                   ? 
_refine.overall_FOM_work_R_set                   ? 
_refine.pdbx_refine_id                           'X-RAY DIFFRACTION' 
_refine.pdbx_overall_phase_error                 ? 
_refine.pdbx_diffrn_id                           1 
_refine.pdbx_TLS_residual_ADP_flag               ? 
_refine.pdbx_overall_SU_R_free_Cruickshank_DPI   ? 
_refine.pdbx_overall_SU_R_Blow_DPI               ? 
_refine.pdbx_overall_SU_R_free_Blow_DPI          ? 
# 
_refine_hist.pdbx_refine_id                   'X-RAY DIFFRACTION' 
_refine_hist.cycle_id                         LAST 
_refine_hist.pdbx_number_atoms_protein        1679 
_refine_hist.pdbx_number_atoms_nucleic_acid   0 
_refine_hist.pdbx_number_atoms_ligand         0 
_refine_hist.number_atoms_solvent             53 
_refine_hist.number_atoms_total               1732 
_refine_hist.d_res_high                       2.0 
_refine_hist.d_res_low                        10.0 
# 
loop_
_refine_ls_restr.type 
_refine_ls_restr.dev_ideal 
_refine_ls_restr.dev_ideal_target 
_refine_ls_restr.weight 
_refine_ls_restr.number 
_refine_ls_restr.pdbx_refine_id 
_refine_ls_restr.pdbx_restraint_function 
p_bond_d            0.016 0.021 ? ? 'X-RAY DIFFRACTION' ? 
p_angle_d           0.025 0.030 ? ? 'X-RAY DIFFRACTION' ? 
p_angle_deg         1.663 ?     ? ? 'X-RAY DIFFRACTION' ? 
p_planar_d          ?     ?     ? ? 'X-RAY DIFFRACTION' ? 
p_hb_or_metal_coord ?     ?     ? ? 'X-RAY DIFFRACTION' ? 
p_mcbond_it         0.793 1.5   ? ? 'X-RAY DIFFRACTION' ? 
p_mcangle_it        1.300 2.000 ? ? 'X-RAY DIFFRACTION' ? 
p_scbond_it         2.451 3.000 ? ? 'X-RAY DIFFRACTION' ? 
p_scangle_it        3.784 4.500 ? ? 'X-RAY DIFFRACTION' ? 
p_plane_restr       0.007 0.020 ? ? 'X-RAY DIFFRACTION' ? 
p_chiral_restr      0.108 0.200 ? ? 'X-RAY DIFFRACTION' ? 
p_singtor_nbd       ?     ?     ? ? 'X-RAY DIFFRACTION' ? 
p_multtor_nbd       ?     ?     ? ? 'X-RAY DIFFRACTION' ? 
p_xhyhbond_nbd      ?     ?     ? ? 'X-RAY DIFFRACTION' ? 
p_xyhbond_nbd       ?     ?     ? ? 'X-RAY DIFFRACTION' ? 
p_planar_tor        ?     ?     ? ? 'X-RAY DIFFRACTION' ? 
p_staggered_tor     ?     ?     ? ? 'X-RAY DIFFRACTION' ? 
p_orthonormal_tor   ?     ?     ? ? 'X-RAY DIFFRACTION' ? 
p_transverse_tor    ?     ?     ? ? 'X-RAY DIFFRACTION' ? 
p_special_tor       ?     ?     ? ? 'X-RAY DIFFRACTION' ? 
# 
_struct.entry_id                  1KHP 
_struct.title                     'Monoclinic form of papain/ZLFG-DAM covalent complex' 
_struct.pdbx_model_details        ? 
_struct.pdbx_CASP_flag            ? 
_struct.pdbx_model_type_details   ? 
# 
_struct_keywords.entry_id        1KHP 
_struct_keywords.pdbx_keywords   'HYDROLASE/HYDROLASE INHIBITOR' 
_struct_keywords.text            
'PROTEASE INHIBITOR, DIAZOMETHYLKETONE INHIBITOR, IRREVERSIBLE INHIBITOR, HYDROLASE-HYDROLASE INHIBITOR COMPLEX' 
# 
loop_
_struct_asym.id 
_struct_asym.pdbx_blank_PDB_chainid_flag 
_struct_asym.pdbx_modified 
_struct_asym.entity_id 
_struct_asym.details 
A N N 1 ? 
B N N 2 ? 
C N N 3 ? 
D N N 3 ? 
# 
loop_
_struct_ref.id 
_struct_ref.db_name 
_struct_ref.db_code 
_struct_ref.entity_id 
_struct_ref.pdbx_seq_one_letter_code 
_struct_ref.pdbx_align_begin 
_struct_ref.pdbx_db_accession 
_struct_ref.pdbx_db_isoform 
1 UNP PAPA_CARPA 1 
;MAMIPSISKLLFVAICLFVYMGLSFGDFSIVGYSQNDLTSTERLIQLFESWMLKHNKIYKNIDEKIYRFEIFKDNLKYID
ETNKKNNSYWLGLNVFADMSNDEFKEKYTGSIAGNYTTTELSYEEVLNDGDVNIPEYVDWRQKGAVTPVKNQGSCGSCWA
FSAVVTIEGIIKIRTGNLNEYSEQELLDCDRRSYGCNGGYPWSALQLVAQYGIHYRNTYPYEGVQRYCRSREKGPYAAKT
DGVRQVQPYNEGALLYSIANQPVSVVLEAAGKDFQLYRGGIFVGPCGNKVDHAVAAVGYGPNYILIKNSWGTGWGENGYI
RIKRGTGNSYGVCGLYTSSFYPVKN
;
1 P00784 ? 
2 PDB 1KHP       2 '(PHQ)LFG(0HQ)' 1 1KHP   ? 
# 
loop_
_struct_ref_seq.align_id 
_struct_ref_seq.ref_id 
_struct_ref_seq.pdbx_PDB_id_code 
_struct_ref_seq.pdbx_strand_id 
_struct_ref_seq.seq_align_beg 
_struct_ref_seq.pdbx_seq_align_beg_ins_code 
_struct_ref_seq.seq_align_end 
_struct_ref_seq.pdbx_seq_align_end_ins_code 
_struct_ref_seq.pdbx_db_accession 
_struct_ref_seq.db_align_beg 
_struct_ref_seq.pdbx_db_align_beg_ins_code 
_struct_ref_seq.db_align_end 
_struct_ref_seq.pdbx_db_align_end_ins_code 
_struct_ref_seq.pdbx_auth_seq_align_beg 
_struct_ref_seq.pdbx_auth_seq_align_end 
1 1 1KHP A 1 ? 212 ? P00784 134 ? 345 ? 1   212 
2 2 1KHP I 1 ? 5   ? 1KHP   250 ? 254 ? 250 254 
# 
_pdbx_struct_assembly.id                   1 
_pdbx_struct_assembly.details              author_and_software_defined_assembly 
_pdbx_struct_assembly.method_details       PISA 
_pdbx_struct_assembly.oligomeric_details   dimeric 
_pdbx_struct_assembly.oligomeric_count     2 
# 
loop_
_pdbx_struct_assembly_prop.biol_id 
_pdbx_struct_assembly_prop.type 
_pdbx_struct_assembly_prop.value 
_pdbx_struct_assembly_prop.details 
1 'ABSA (A^2)' 790  ? 
1 MORE         -6   ? 
1 'SSA (A^2)'  9530 ? 
# 
_pdbx_struct_assembly_gen.assembly_id       1 
_pdbx_struct_assembly_gen.oper_expression   1 
_pdbx_struct_assembly_gen.asym_id_list      A,B,C,D 
# 
_pdbx_struct_oper_list.id                   1 
_pdbx_struct_oper_list.type                 'identity operation' 
_pdbx_struct_oper_list.name                 1_555 
_pdbx_struct_oper_list.symmetry_operation   x,y,z 
_pdbx_struct_oper_list.matrix[1][1]         1.0000000000 
_pdbx_struct_oper_list.matrix[1][2]         0.0000000000 
_pdbx_struct_oper_list.matrix[1][3]         0.0000000000 
_pdbx_struct_oper_list.vector[1]            0.0000000000 
_pdbx_struct_oper_list.matrix[2][1]         0.0000000000 
_pdbx_struct_oper_list.matrix[2][2]         1.0000000000 
_pdbx_struct_oper_list.matrix[2][3]         0.0000000000 
_pdbx_struct_oper_list.vector[2]            0.0000000000 
_pdbx_struct_oper_list.matrix[3][1]         0.0000000000 
_pdbx_struct_oper_list.matrix[3][2]         0.0000000000 
_pdbx_struct_oper_list.matrix[3][3]         1.0000000000 
_pdbx_struct_oper_list.vector[3]            0.0000000000 
# 
_struct_biol.id                    1 
_struct_biol.pdbx_parent_biol_id   ? 
_struct_biol.details               ? 
# 
loop_
_struct_conf.conf_type_id 
_struct_conf.id 
_struct_conf.pdbx_PDB_helix_id 
_struct_conf.beg_label_comp_id 
_struct_conf.beg_label_asym_id 
_struct_conf.beg_label_seq_id 
_struct_conf.pdbx_beg_PDB_ins_code 
_struct_conf.end_label_comp_id 
_struct_conf.end_label_asym_id 
_struct_conf.end_label_seq_id 
_struct_conf.pdbx_end_PDB_ins_code 
_struct_conf.beg_auth_comp_id 
_struct_conf.beg_auth_asym_id 
_struct_conf.beg_auth_seq_id 
_struct_conf.end_auth_comp_id 
_struct_conf.end_auth_asym_id 
_struct_conf.end_auth_seq_id 
_struct_conf.pdbx_PDB_helix_class 
_struct_conf.details 
_struct_conf.pdbx_PDB_helix_length 
HELX_P HELX_P1 1 SER A 24  ? GLY A 43  ? SER A 24  GLY A 43  1 ? 20 
HELX_P HELX_P2 2 SER A 49  ? ASP A 57  ? SER A 49  ASP A 57  1 ? 9  
HELX_P HELX_P3 3 TYR A 61  ? GLY A 65  ? TYR A 61  GLY A 65  5 ? 5  
HELX_P HELX_P4 4 TYR A 67  ? TYR A 78  ? TYR A 67  TYR A 78  1 ? 12 
HELX_P HELX_P5 5 ARG A 96  ? GLY A 101 ? ARG A 96  GLY A 101 5 ? 6  
HELX_P HELX_P6 6 ASN A 117 ? GLN A 128 ? ASN A 117 GLN A 128 1 ? 12 
HELX_P HELX_P7 7 GLY A 138 ? TYR A 144 ? GLY A 138 TYR A 144 1 ? 7  
HELX_P HELX_P8 8 GLY A 198 ? LEU A 202 ? GLY A 198 LEU A 202 5 ? 5  
# 
_struct_conf_type.id          HELX_P 
_struct_conf_type.criteria    ? 
_struct_conf_type.reference   ? 
# 
loop_
_struct_conn.id 
_struct_conn.conn_type_id 
_struct_conn.pdbx_leaving_atom_flag 
_struct_conn.pdbx_PDB_id 
_struct_conn.ptnr1_label_asym_id 
_struct_conn.ptnr1_label_comp_id 
_struct_conn.ptnr1_label_seq_id 
_struct_conn.ptnr1_label_atom_id 
_struct_conn.pdbx_ptnr1_label_alt_id 
_struct_conn.pdbx_ptnr1_PDB_ins_code 
_struct_conn.pdbx_ptnr1_standard_comp_id 
_struct_conn.ptnr1_symmetry 
_struct_conn.ptnr2_label_asym_id 
_struct_conn.ptnr2_label_comp_id 
_struct_conn.ptnr2_label_seq_id 
_struct_conn.ptnr2_label_atom_id 
_struct_conn.pdbx_ptnr2_label_alt_id 
_struct_conn.pdbx_ptnr2_PDB_ins_code 
_struct_conn.ptnr1_auth_asym_id 
_struct_conn.ptnr1_auth_comp_id 
_struct_conn.ptnr1_auth_seq_id 
_struct_conn.ptnr2_auth_asym_id 
_struct_conn.ptnr2_auth_comp_id 
_struct_conn.ptnr2_auth_seq_id 
_struct_conn.ptnr2_symmetry 
_struct_conn.pdbx_ptnr3_label_atom_id 
_struct_conn.pdbx_ptnr3_label_seq_id 
_struct_conn.pdbx_ptnr3_label_comp_id 
_struct_conn.pdbx_ptnr3_label_asym_id 
_struct_conn.pdbx_ptnr3_label_alt_id 
_struct_conn.pdbx_ptnr3_PDB_ins_code 
_struct_conn.details 
_struct_conn.pdbx_dist_value 
_struct_conn.pdbx_value_order 
_struct_conn.pdbx_role 
disulf1 disulf ?    ? A CYS 22  SG ? ? ? 1_555 A CYS 63  SG ? ? A CYS 22  A CYS 63  1_555 ? ? ? ? ? ? ? 2.042 ? ? 
disulf2 disulf ?    ? A CYS 56  SG ? ? ? 1_555 A CYS 95  SG ? ? A CYS 56  A CYS 95  1_555 ? ? ? ? ? ? ? 2.012 ? ? 
disulf3 disulf ?    ? A CYS 153 SG ? ? ? 1_555 A CYS 200 SG ? ? A CYS 153 A CYS 200 1_555 ? ? ? ? ? ? ? 2.018 ? ? 
covale1 covale one  ? A CYS 25  SG ? ? ? 1_555 B 0HQ 5   C1 ? ? A CYS 25  I 0HQ 254 1_555 ? ? ? ? ? ? ? 1.764 ? ? 
covale2 covale both ? B GLY 4   C  ? ? ? 1_555 B 0HQ 5   C1 ? ? I GLY 253 I 0HQ 254 1_555 ? ? ? ? ? ? ? 1.515 ? ? 
# 
loop_
_struct_conn_type.id 
_struct_conn_type.criteria 
_struct_conn_type.reference 
disulf ? ? 
covale ? ? 
# 
loop_
_pdbx_modification_feature.ordinal 
_pdbx_modification_feature.label_comp_id 
_pdbx_modification_feature.label_asym_id 
_pdbx_modification_feature.label_seq_id 
_pdbx_modification_feature.label_alt_id 
_pdbx_modification_feature.modified_residue_label_comp_id 
_pdbx_modification_feature.modified_residue_label_asym_id 
_pdbx_modification_feature.modified_residue_label_seq_id 
_pdbx_modification_feature.modified_residue_label_alt_id 
_pdbx_modification_feature.auth_comp_id 
_pdbx_modification_feature.auth_asym_id 
_pdbx_modification_feature.auth_seq_id 
_pdbx_modification_feature.PDB_ins_code 
_pdbx_modification_feature.symmetry 
_pdbx_modification_feature.modified_residue_auth_comp_id 
_pdbx_modification_feature.modified_residue_auth_asym_id 
_pdbx_modification_feature.modified_residue_auth_seq_id 
_pdbx_modification_feature.modified_residue_PDB_ins_code 
_pdbx_modification_feature.modified_residue_symmetry 
_pdbx_modification_feature.comp_id_linking_atom 
_pdbx_modification_feature.modified_residue_id_linking_atom 
_pdbx_modification_feature.modified_residue_id 
_pdbx_modification_feature.ref_pcm_id 
_pdbx_modification_feature.ref_comp_id 
_pdbx_modification_feature.type 
_pdbx_modification_feature.category 
1 0HQ B 5   ? .   . .   . 0HQ I 254 ? 1_555 .   . .   . .     .  .  ? 1 0HQ None 'Non-standard residue' 
2 CYS A 22  ? CYS A 63  ? CYS A 22  ? 1_555 CYS A 63  ? 1_555 SG SG . . .   None 'Disulfide bridge'     
3 CYS A 56  ? CYS A 95  ? CYS A 56  ? 1_555 CYS A 95  ? 1_555 SG SG . . .   None 'Disulfide bridge'     
4 CYS A 153 ? CYS A 200 ? CYS A 153 ? 1_555 CYS A 200 ? 1_555 SG SG . . .   None 'Disulfide bridge'     
5 CYS A 25  ? 0HQ B 5   ? CYS A 25  ? 1_555 0HQ I 254 ? 1_555 SG C1 . . .   None 'Non-standard linkage' 
# 
_struct_mon_prot_cis.pdbx_id                1 
_struct_mon_prot_cis.label_comp_id          GLY 
_struct_mon_prot_cis.label_seq_id           151 
_struct_mon_prot_cis.label_asym_id          A 
_struct_mon_prot_cis.label_alt_id           . 
_struct_mon_prot_cis.pdbx_PDB_ins_code      ? 
_struct_mon_prot_cis.auth_comp_id           GLY 
_struct_mon_prot_cis.auth_seq_id            151 
_struct_mon_prot_cis.auth_asym_id           A 
_struct_mon_prot_cis.pdbx_label_comp_id_2   PRO 
_struct_mon_prot_cis.pdbx_label_seq_id_2    152 
_struct_mon_prot_cis.pdbx_label_asym_id_2   A 
_struct_mon_prot_cis.pdbx_PDB_ins_code_2    ? 
_struct_mon_prot_cis.pdbx_auth_comp_id_2    PRO 
_struct_mon_prot_cis.pdbx_auth_seq_id_2     152 
_struct_mon_prot_cis.pdbx_auth_asym_id_2    A 
_struct_mon_prot_cis.pdbx_PDB_model_num     1 
_struct_mon_prot_cis.pdbx_omega_angle       0.89 
# 
loop_
_struct_sheet.id 
_struct_sheet.type 
_struct_sheet.number_strands 
_struct_sheet.details 
A ? 3 ? 
B ? 5 ? 
C ? 2 ? 
# 
loop_
_struct_sheet_order.sheet_id 
_struct_sheet_order.range_id_1 
_struct_sheet_order.range_id_2 
_struct_sheet_order.offset 
_struct_sheet_order.sense 
A 1 2 ? anti-parallel 
A 2 3 ? anti-parallel 
B 1 2 ? anti-parallel 
B 2 3 ? anti-parallel 
B 3 4 ? anti-parallel 
B 4 5 ? parallel      
C 1 2 ? anti-parallel 
# 
loop_
_struct_sheet_range.sheet_id 
_struct_sheet_range.id 
_struct_sheet_range.beg_label_comp_id 
_struct_sheet_range.beg_label_asym_id 
_struct_sheet_range.beg_label_seq_id 
_struct_sheet_range.pdbx_beg_PDB_ins_code 
_struct_sheet_range.end_label_comp_id 
_struct_sheet_range.end_label_asym_id 
_struct_sheet_range.end_label_seq_id 
_struct_sheet_range.pdbx_end_PDB_ins_code 
_struct_sheet_range.beg_auth_comp_id 
_struct_sheet_range.beg_auth_asym_id 
_struct_sheet_range.beg_auth_seq_id 
_struct_sheet_range.end_auth_comp_id 
_struct_sheet_range.end_auth_asym_id 
_struct_sheet_range.end_auth_seq_id 
A 1 VAL A 130 ? LEU A 134 ? VAL A 130 LEU A 134 
A 2 HIS A 159 ? TYR A 166 ? HIS A 159 TYR A 166 
A 3 VAL A 5   ? ASP A 6   ? VAL A 5   ASP A 6   
B 1 VAL A 130 ? LEU A 134 ? VAL A 130 LEU A 134 
B 2 HIS A 159 ? TYR A 166 ? HIS A 159 TYR A 166 
B 3 TYR A 170 ? LYS A 174 ? TYR A 170 LYS A 174 
B 4 TYR A 186 ? LYS A 190 ? TYR A 186 LYS A 190 
B 5 ILE A 148 ? PHE A 149 ? ILE A 148 PHE A 149 
C 1 GLY A 109 ? GLN A 112 ? GLY A 109 GLN A 112 
C 2 PHE A 207 ? VAL A 210 ? PHE A 207 VAL A 210 
# 
loop_
_pdbx_struct_sheet_hbond.sheet_id 
_pdbx_struct_sheet_hbond.range_id_1 
_pdbx_struct_sheet_hbond.range_id_2 
_pdbx_struct_sheet_hbond.range_1_label_atom_id 
_pdbx_struct_sheet_hbond.range_1_label_comp_id 
_pdbx_struct_sheet_hbond.range_1_label_asym_id 
_pdbx_struct_sheet_hbond.range_1_label_seq_id 
_pdbx_struct_sheet_hbond.range_1_PDB_ins_code 
_pdbx_struct_sheet_hbond.range_1_auth_atom_id 
_pdbx_struct_sheet_hbond.range_1_auth_comp_id 
_pdbx_struct_sheet_hbond.range_1_auth_asym_id 
_pdbx_struct_sheet_hbond.range_1_auth_seq_id 
_pdbx_struct_sheet_hbond.range_2_label_atom_id 
_pdbx_struct_sheet_hbond.range_2_label_comp_id 
_pdbx_struct_sheet_hbond.range_2_label_asym_id 
_pdbx_struct_sheet_hbond.range_2_label_seq_id 
_pdbx_struct_sheet_hbond.range_2_PDB_ins_code 
_pdbx_struct_sheet_hbond.range_2_auth_atom_id 
_pdbx_struct_sheet_hbond.range_2_auth_comp_id 
_pdbx_struct_sheet_hbond.range_2_auth_asym_id 
_pdbx_struct_sheet_hbond.range_2_auth_seq_id 
A 1 2 N VAL A 130 ? N VAL A 130 O ALA A 163 ? O ALA A 163 
A 2 3 O TYR A 166 ? O TYR A 166 N VAL A 5   ? N VAL A 5   
B 1 2 N VAL A 130 ? N VAL A 130 O ALA A 163 ? O ALA A 163 
B 2 3 N ALA A 162 ? N ALA A 162 O LYS A 174 ? O LYS A 174 
B 3 4 N ILE A 173 ? N ILE A 173 O ILE A 187 ? O ILE A 187 
B 4 5 O ARG A 188 ? O ARG A 188 N PHE A 149 ? N PHE A 149 
C 1 2 N ARG A 111 ? N ARG A 111 O TYR A 208 ? O TYR A 208 
# 
_struct_site.id                   AC1 
_struct_site.pdbx_evidence_code   Software 
_struct_site.pdbx_auth_asym_id    ? 
_struct_site.pdbx_auth_comp_id    ? 
_struct_site.pdbx_auth_seq_id     ? 
_struct_site.pdbx_auth_ins_code   ? 
_struct_site.pdbx_num_residues    13 
_struct_site.details              'BINDING SITE FOR CHAIN I OF PEPTIDIC INHIBITOR' 
# 
loop_
_struct_site_gen.id 
_struct_site_gen.site_id 
_struct_site_gen.pdbx_num_res 
_struct_site_gen.label_comp_id 
_struct_site_gen.label_asym_id 
_struct_site_gen.label_seq_id 
_struct_site_gen.pdbx_auth_ins_code 
_struct_site_gen.auth_comp_id 
_struct_site_gen.auth_asym_id 
_struct_site_gen.auth_seq_id 
_struct_site_gen.label_atom_id 
_struct_site_gen.label_alt_id 
_struct_site_gen.symmetry 
_struct_site_gen.details 
1  AC1 13 GLN A 19  ? GLN A 19  . ? 1_555 ? 
2  AC1 13 GLY A 23  ? GLY A 23  . ? 1_555 ? 
3  AC1 13 SER A 24  ? SER A 24  . ? 1_555 ? 
4  AC1 13 CYS A 25  ? CYS A 25  . ? 1_555 ? 
5  AC1 13 TRP A 26  ? TRP A 26  . ? 1_555 ? 
6  AC1 13 TYR A 61  ? TYR A 61  . ? 1_555 ? 
7  AC1 13 GLY A 65  ? GLY A 65  . ? 1_555 ? 
8  AC1 13 GLY A 66  ? GLY A 66  . ? 1_555 ? 
9  AC1 13 TYR A 67  ? TYR A 67  . ? 1_555 ? 
10 AC1 13 VAL A 133 ? VAL A 133 . ? 1_555 ? 
11 AC1 13 ASP A 158 ? ASP A 158 . ? 1_555 ? 
12 AC1 13 HIS A 159 ? HIS A 159 . ? 1_555 ? 
13 AC1 13 HOH D .   ? HOH I 349 . ? 1_555 ? 
# 
_pdbx_entry_details.entry_id                   1KHP 
_pdbx_entry_details.compound_details           
;THE PEPTIDIC INHIBITOR IS COVALENTLY LINKED TO THE SG ATOM OF CYS 25 OF THE PROTEIN VIA A METHYLKETONE GROUP. THE NON-STANDARD TRIPEPTIDE IS N-TERMINALLY PROTECTED BY THE BENZYLOXYCARBONYL-GROUP PHQ WHICH IS NOT VISIBLE IN ELECTRON DENSITY
;
_pdbx_entry_details.source_details             ? 
_pdbx_entry_details.nonpolymer_details         
;THE PEPTIDIC INHIBITOR IS COVALENTLY LINKED TO THE SG ATOM OF CYS 25 OF THE PROTEIN VIA A METHYLKETONE GROUP. THE NON-STANDARD TRIPEPTIDE IS N-TERMINALLY PROTECTED BY THE BENZYLOXYCARBONYL-GROUP PHQ WHICH IS NOT VISIBLE IN ELECTRON DENSITY
;
_pdbx_entry_details.sequence_details           ? 
_pdbx_entry_details.has_ligand_of_interest     ? 
_pdbx_entry_details.has_protein_modification   Y 
# 
_pdbx_validate_rmsd_angle.id                         1 
_pdbx_validate_rmsd_angle.PDB_model_num              1 
_pdbx_validate_rmsd_angle.auth_atom_id_1             CB 
_pdbx_validate_rmsd_angle.auth_asym_id_1             A 
_pdbx_validate_rmsd_angle.auth_comp_id_1             ASP 
_pdbx_validate_rmsd_angle.auth_seq_id_1              108 
_pdbx_validate_rmsd_angle.PDB_ins_code_1             ? 
_pdbx_validate_rmsd_angle.label_alt_id_1             ? 
_pdbx_validate_rmsd_angle.auth_atom_id_2             CG 
_pdbx_validate_rmsd_angle.auth_asym_id_2             A 
_pdbx_validate_rmsd_angle.auth_comp_id_2             ASP 
_pdbx_validate_rmsd_angle.auth_seq_id_2              108 
_pdbx_validate_rmsd_angle.PDB_ins_code_2             ? 
_pdbx_validate_rmsd_angle.label_alt_id_2             ? 
_pdbx_validate_rmsd_angle.auth_atom_id_3             OD2 
_pdbx_validate_rmsd_angle.auth_asym_id_3             A 
_pdbx_validate_rmsd_angle.auth_comp_id_3             ASP 
_pdbx_validate_rmsd_angle.auth_seq_id_3              108 
_pdbx_validate_rmsd_angle.PDB_ins_code_3             ? 
_pdbx_validate_rmsd_angle.label_alt_id_3             ? 
_pdbx_validate_rmsd_angle.angle_value                123.94 
_pdbx_validate_rmsd_angle.angle_target_value         118.30 
_pdbx_validate_rmsd_angle.angle_deviation            5.64 
_pdbx_validate_rmsd_angle.angle_standard_deviation   0.90 
_pdbx_validate_rmsd_angle.linker_flag                N 
# 
loop_
_pdbx_validate_torsion.id 
_pdbx_validate_torsion.PDB_model_num 
_pdbx_validate_torsion.auth_comp_id 
_pdbx_validate_torsion.auth_asym_id 
_pdbx_validate_torsion.auth_seq_id 
_pdbx_validate_torsion.PDB_ins_code 
_pdbx_validate_torsion.label_alt_id 
_pdbx_validate_torsion.phi 
_pdbx_validate_torsion.psi 
1 1 ARG A 93  ? ? -125.58 -140.40 
2 1 GLN A 128 ? ? 177.87  161.48  
3 1 ASP A 158 ? ? -157.61 15.87   
# 
_pdbx_validate_main_chain_plane.id                       1 
_pdbx_validate_main_chain_plane.PDB_model_num            1 
_pdbx_validate_main_chain_plane.auth_comp_id             CYS 
_pdbx_validate_main_chain_plane.auth_asym_id             A 
_pdbx_validate_main_chain_plane.auth_seq_id              25 
_pdbx_validate_main_chain_plane.PDB_ins_code             ? 
_pdbx_validate_main_chain_plane.label_alt_id             ? 
_pdbx_validate_main_chain_plane.improper_torsion_angle   -14.09 
# 
_pdbx_molecule_features.prd_id    PRD_000309 
_pdbx_molecule_features.name      'L-leucyl-N-(2-oxopropyl)-L-phenylalaninamide' 
_pdbx_molecule_features.type      Peptide-like 
_pdbx_molecule_features.class     Inhibitor 
_pdbx_molecule_features.details   ? 
# 
_pdbx_molecule.instance_id   1 
_pdbx_molecule.prd_id        PRD_000309 
_pdbx_molecule.asym_id       B 
# 
_pdbx_unobs_or_zero_occ_residues.id               1 
_pdbx_unobs_or_zero_occ_residues.PDB_model_num    1 
_pdbx_unobs_or_zero_occ_residues.polymer_flag     Y 
_pdbx_unobs_or_zero_occ_residues.occupancy_flag   1 
_pdbx_unobs_or_zero_occ_residues.auth_asym_id     I 
_pdbx_unobs_or_zero_occ_residues.auth_comp_id     PHQ 
_pdbx_unobs_or_zero_occ_residues.auth_seq_id      250 
_pdbx_unobs_or_zero_occ_residues.PDB_ins_code     ? 
_pdbx_unobs_or_zero_occ_residues.label_asym_id    B 
_pdbx_unobs_or_zero_occ_residues.label_comp_id    PHQ 
_pdbx_unobs_or_zero_occ_residues.label_seq_id     1 
# 
loop_
_chem_comp_atom.comp_id 
_chem_comp_atom.atom_id 
_chem_comp_atom.type_symbol 
_chem_comp_atom.pdbx_aromatic_flag 
_chem_comp_atom.pdbx_stereo_config 
_chem_comp_atom.pdbx_ordinal 
0HQ C1   C  N N 1   
0HQ N1   N  N N 2   
0HQ N2   N  N N 3   
0HQ H1   H  N N 4   
0HQ H2   H  N N 5   
ALA N    N  N N 6   
ALA CA   C  N S 7   
ALA C    C  N N 8   
ALA O    O  N N 9   
ALA CB   C  N N 10  
ALA OXT  O  N N 11  
ALA H    H  N N 12  
ALA H2   H  N N 13  
ALA HA   H  N N 14  
ALA HB1  H  N N 15  
ALA HB2  H  N N 16  
ALA HB3  H  N N 17  
ALA HXT  H  N N 18  
ARG N    N  N N 19  
ARG CA   C  N S 20  
ARG C    C  N N 21  
ARG O    O  N N 22  
ARG CB   C  N N 23  
ARG CG   C  N N 24  
ARG CD   C  N N 25  
ARG NE   N  N N 26  
ARG CZ   C  N N 27  
ARG NH1  N  N N 28  
ARG NH2  N  N N 29  
ARG OXT  O  N N 30  
ARG H    H  N N 31  
ARG H2   H  N N 32  
ARG HA   H  N N 33  
ARG HB2  H  N N 34  
ARG HB3  H  N N 35  
ARG HG2  H  N N 36  
ARG HG3  H  N N 37  
ARG HD2  H  N N 38  
ARG HD3  H  N N 39  
ARG HE   H  N N 40  
ARG HH11 H  N N 41  
ARG HH12 H  N N 42  
ARG HH21 H  N N 43  
ARG HH22 H  N N 44  
ARG HXT  H  N N 45  
ASN N    N  N N 46  
ASN CA   C  N S 47  
ASN C    C  N N 48  
ASN O    O  N N 49  
ASN CB   C  N N 50  
ASN CG   C  N N 51  
ASN OD1  O  N N 52  
ASN ND2  N  N N 53  
ASN OXT  O  N N 54  
ASN H    H  N N 55  
ASN H2   H  N N 56  
ASN HA   H  N N 57  
ASN HB2  H  N N 58  
ASN HB3  H  N N 59  
ASN HD21 H  N N 60  
ASN HD22 H  N N 61  
ASN HXT  H  N N 62  
ASP N    N  N N 63  
ASP CA   C  N S 64  
ASP C    C  N N 65  
ASP O    O  N N 66  
ASP CB   C  N N 67  
ASP CG   C  N N 68  
ASP OD1  O  N N 69  
ASP OD2  O  N N 70  
ASP OXT  O  N N 71  
ASP H    H  N N 72  
ASP H2   H  N N 73  
ASP HA   H  N N 74  
ASP HB2  H  N N 75  
ASP HB3  H  N N 76  
ASP HD2  H  N N 77  
ASP HXT  H  N N 78  
CYS N    N  N N 79  
CYS CA   C  N R 80  
CYS C    C  N N 81  
CYS O    O  N N 82  
CYS CB   C  N N 83  
CYS SG   S  N N 84  
CYS OXT  O  N N 85  
CYS H    H  N N 86  
CYS H2   H  N N 87  
CYS HA   H  N N 88  
CYS HB2  H  N N 89  
CYS HB3  H  N N 90  
CYS HG   H  N N 91  
CYS HXT  H  N N 92  
GLN N    N  N N 93  
GLN CA   C  N S 94  
GLN C    C  N N 95  
GLN O    O  N N 96  
GLN CB   C  N N 97  
GLN CG   C  N N 98  
GLN CD   C  N N 99  
GLN OE1  O  N N 100 
GLN NE2  N  N N 101 
GLN OXT  O  N N 102 
GLN H    H  N N 103 
GLN H2   H  N N 104 
GLN HA   H  N N 105 
GLN HB2  H  N N 106 
GLN HB3  H  N N 107 
GLN HG2  H  N N 108 
GLN HG3  H  N N 109 
GLN HE21 H  N N 110 
GLN HE22 H  N N 111 
GLN HXT  H  N N 112 
GLU N    N  N N 113 
GLU CA   C  N S 114 
GLU C    C  N N 115 
GLU O    O  N N 116 
GLU CB   C  N N 117 
GLU CG   C  N N 118 
GLU CD   C  N N 119 
GLU OE1  O  N N 120 
GLU OE2  O  N N 121 
GLU OXT  O  N N 122 
GLU H    H  N N 123 
GLU H2   H  N N 124 
GLU HA   H  N N 125 
GLU HB2  H  N N 126 
GLU HB3  H  N N 127 
GLU HG2  H  N N 128 
GLU HG3  H  N N 129 
GLU HE2  H  N N 130 
GLU HXT  H  N N 131 
GLY N    N  N N 132 
GLY CA   C  N N 133 
GLY C    C  N N 134 
GLY O    O  N N 135 
GLY OXT  O  N N 136 
GLY H    H  N N 137 
GLY H2   H  N N 138 
GLY HA2  H  N N 139 
GLY HA3  H  N N 140 
GLY HXT  H  N N 141 
HIS N    N  N N 142 
HIS CA   C  N S 143 
HIS C    C  N N 144 
HIS O    O  N N 145 
HIS CB   C  N N 146 
HIS CG   C  Y N 147 
HIS ND1  N  Y N 148 
HIS CD2  C  Y N 149 
HIS CE1  C  Y N 150 
HIS NE2  N  Y N 151 
HIS OXT  O  N N 152 
HIS H    H  N N 153 
HIS H2   H  N N 154 
HIS HA   H  N N 155 
HIS HB2  H  N N 156 
HIS HB3  H  N N 157 
HIS HD1  H  N N 158 
HIS HD2  H  N N 159 
HIS HE1  H  N N 160 
HIS HE2  H  N N 161 
HIS HXT  H  N N 162 
HOH O    O  N N 163 
HOH H1   H  N N 164 
HOH H2   H  N N 165 
ILE N    N  N N 166 
ILE CA   C  N S 167 
ILE C    C  N N 168 
ILE O    O  N N 169 
ILE CB   C  N S 170 
ILE CG1  C  N N 171 
ILE CG2  C  N N 172 
ILE CD1  C  N N 173 
ILE OXT  O  N N 174 
ILE H    H  N N 175 
ILE H2   H  N N 176 
ILE HA   H  N N 177 
ILE HB   H  N N 178 
ILE HG12 H  N N 179 
ILE HG13 H  N N 180 
ILE HG21 H  N N 181 
ILE HG22 H  N N 182 
ILE HG23 H  N N 183 
ILE HD11 H  N N 184 
ILE HD12 H  N N 185 
ILE HD13 H  N N 186 
ILE HXT  H  N N 187 
LEU N    N  N N 188 
LEU CA   C  N S 189 
LEU C    C  N N 190 
LEU O    O  N N 191 
LEU CB   C  N N 192 
LEU CG   C  N N 193 
LEU CD1  C  N N 194 
LEU CD2  C  N N 195 
LEU OXT  O  N N 196 
LEU H    H  N N 197 
LEU H2   H  N N 198 
LEU HA   H  N N 199 
LEU HB2  H  N N 200 
LEU HB3  H  N N 201 
LEU HG   H  N N 202 
LEU HD11 H  N N 203 
LEU HD12 H  N N 204 
LEU HD13 H  N N 205 
LEU HD21 H  N N 206 
LEU HD22 H  N N 207 
LEU HD23 H  N N 208 
LEU HXT  H  N N 209 
LYS N    N  N N 210 
LYS CA   C  N S 211 
LYS C    C  N N 212 
LYS O    O  N N 213 
LYS CB   C  N N 214 
LYS CG   C  N N 215 
LYS CD   C  N N 216 
LYS CE   C  N N 217 
LYS NZ   N  N N 218 
LYS OXT  O  N N 219 
LYS H    H  N N 220 
LYS H2   H  N N 221 
LYS HA   H  N N 222 
LYS HB2  H  N N 223 
LYS HB3  H  N N 224 
LYS HG2  H  N N 225 
LYS HG3  H  N N 226 
LYS HD2  H  N N 227 
LYS HD3  H  N N 228 
LYS HE2  H  N N 229 
LYS HE3  H  N N 230 
LYS HZ1  H  N N 231 
LYS HZ2  H  N N 232 
LYS HZ3  H  N N 233 
LYS HXT  H  N N 234 
PHE N    N  N N 235 
PHE CA   C  N S 236 
PHE C    C  N N 237 
PHE O    O  N N 238 
PHE CB   C  N N 239 
PHE CG   C  Y N 240 
PHE CD1  C  Y N 241 
PHE CD2  C  Y N 242 
PHE CE1  C  Y N 243 
PHE CE2  C  Y N 244 
PHE CZ   C  Y N 245 
PHE OXT  O  N N 246 
PHE H    H  N N 247 
PHE H2   H  N N 248 
PHE HA   H  N N 249 
PHE HB2  H  N N 250 
PHE HB3  H  N N 251 
PHE HD1  H  N N 252 
PHE HD2  H  N N 253 
PHE HE1  H  N N 254 
PHE HE2  H  N N 255 
PHE HZ   H  N N 256 
PHE HXT  H  N N 257 
PHQ C1   C  N N 258 
PHQ O1   O  N N 259 
PHQ O2   O  N N 260 
PHQ C2   C  N N 261 
PHQ C3   C  Y N 262 
PHQ C4   C  Y N 263 
PHQ C5   C  Y N 264 
PHQ C6   C  Y N 265 
PHQ C7   C  Y N 266 
PHQ C8   C  Y N 267 
PHQ CL1  CL N N 268 
PHQ H21  H  N N 269 
PHQ H22  H  N N 270 
PHQ H41  H  N N 271 
PHQ H51  H  N N 272 
PHQ H61  H  N N 273 
PHQ H71  H  N N 274 
PHQ H81  H  N N 275 
PRO N    N  N N 276 
PRO CA   C  N S 277 
PRO C    C  N N 278 
PRO O    O  N N 279 
PRO CB   C  N N 280 
PRO CG   C  N N 281 
PRO CD   C  N N 282 
PRO OXT  O  N N 283 
PRO H    H  N N 284 
PRO HA   H  N N 285 
PRO HB2  H  N N 286 
PRO HB3  H  N N 287 
PRO HG2  H  N N 288 
PRO HG3  H  N N 289 
PRO HD2  H  N N 290 
PRO HD3  H  N N 291 
PRO HXT  H  N N 292 
SER N    N  N N 293 
SER CA   C  N S 294 
SER C    C  N N 295 
SER O    O  N N 296 
SER CB   C  N N 297 
SER OG   O  N N 298 
SER OXT  O  N N 299 
SER H    H  N N 300 
SER H2   H  N N 301 
SER HA   H  N N 302 
SER HB2  H  N N 303 
SER HB3  H  N N 304 
SER HG   H  N N 305 
SER HXT  H  N N 306 
THR N    N  N N 307 
THR CA   C  N S 308 
THR C    C  N N 309 
THR O    O  N N 310 
THR CB   C  N R 311 
THR OG1  O  N N 312 
THR CG2  C  N N 313 
THR OXT  O  N N 314 
THR H    H  N N 315 
THR H2   H  N N 316 
THR HA   H  N N 317 
THR HB   H  N N 318 
THR HG1  H  N N 319 
THR HG21 H  N N 320 
THR HG22 H  N N 321 
THR HG23 H  N N 322 
THR HXT  H  N N 323 
TRP N    N  N N 324 
TRP CA   C  N S 325 
TRP C    C  N N 326 
TRP O    O  N N 327 
TRP CB   C  N N 328 
TRP CG   C  Y N 329 
TRP CD1  C  Y N 330 
TRP CD2  C  Y N 331 
TRP NE1  N  Y N 332 
TRP CE2  C  Y N 333 
TRP CE3  C  Y N 334 
TRP CZ2  C  Y N 335 
TRP CZ3  C  Y N 336 
TRP CH2  C  Y N 337 
TRP OXT  O  N N 338 
TRP H    H  N N 339 
TRP H2   H  N N 340 
TRP HA   H  N N 341 
TRP HB2  H  N N 342 
TRP HB3  H  N N 343 
TRP HD1  H  N N 344 
TRP HE1  H  N N 345 
TRP HE3  H  N N 346 
TRP HZ2  H  N N 347 
TRP HZ3  H  N N 348 
TRP HH2  H  N N 349 
TRP HXT  H  N N 350 
TYR N    N  N N 351 
TYR CA   C  N S 352 
TYR C    C  N N 353 
TYR O    O  N N 354 
TYR CB   C  N N 355 
TYR CG   C  Y N 356 
TYR CD1  C  Y N 357 
TYR CD2  C  Y N 358 
TYR CE1  C  Y N 359 
TYR CE2  C  Y N 360 
TYR CZ   C  Y N 361 
TYR OH   O  N N 362 
TYR OXT  O  N N 363 
TYR H    H  N N 364 
TYR H2   H  N N 365 
TYR HA   H  N N 366 
TYR HB2  H  N N 367 
TYR HB3  H  N N 368 
TYR HD1  H  N N 369 
TYR HD2  H  N N 370 
TYR HE1  H  N N 371 
TYR HE2  H  N N 372 
TYR HH   H  N N 373 
TYR HXT  H  N N 374 
VAL N    N  N N 375 
VAL CA   C  N S 376 
VAL C    C  N N 377 
VAL O    O  N N 378 
VAL CB   C  N N 379 
VAL CG1  C  N N 380 
VAL CG2  C  N N 381 
VAL OXT  O  N N 382 
VAL H    H  N N 383 
VAL H2   H  N N 384 
VAL HA   H  N N 385 
VAL HB   H  N N 386 
VAL HG11 H  N N 387 
VAL HG12 H  N N 388 
VAL HG13 H  N N 389 
VAL HG21 H  N N 390 
VAL HG22 H  N N 391 
VAL HG23 H  N N 392 
VAL HXT  H  N N 393 
# 
loop_
_chem_comp_bond.comp_id 
_chem_comp_bond.atom_id_1 
_chem_comp_bond.atom_id_2 
_chem_comp_bond.value_order 
_chem_comp_bond.pdbx_aromatic_flag 
_chem_comp_bond.pdbx_stereo_config 
_chem_comp_bond.pdbx_ordinal 
0HQ C1  N1   doub N N 1   
0HQ N1  N2   doub N N 2   
0HQ C1  H1   sing N N 3   
0HQ C1  H2   sing N N 4   
ALA N   CA   sing N N 5   
ALA N   H    sing N N 6   
ALA N   H2   sing N N 7   
ALA CA  C    sing N N 8   
ALA CA  CB   sing N N 9   
ALA CA  HA   sing N N 10  
ALA C   O    doub N N 11  
ALA C   OXT  sing N N 12  
ALA CB  HB1  sing N N 13  
ALA CB  HB2  sing N N 14  
ALA CB  HB3  sing N N 15  
ALA OXT HXT  sing N N 16  
ARG N   CA   sing N N 17  
ARG N   H    sing N N 18  
ARG N   H2   sing N N 19  
ARG CA  C    sing N N 20  
ARG CA  CB   sing N N 21  
ARG CA  HA   sing N N 22  
ARG C   O    doub N N 23  
ARG C   OXT  sing N N 24  
ARG CB  CG   sing N N 25  
ARG CB  HB2  sing N N 26  
ARG CB  HB3  sing N N 27  
ARG CG  CD   sing N N 28  
ARG CG  HG2  sing N N 29  
ARG CG  HG3  sing N N 30  
ARG CD  NE   sing N N 31  
ARG CD  HD2  sing N N 32  
ARG CD  HD3  sing N N 33  
ARG NE  CZ   sing N N 34  
ARG NE  HE   sing N N 35  
ARG CZ  NH1  sing N N 36  
ARG CZ  NH2  doub N N 37  
ARG NH1 HH11 sing N N 38  
ARG NH1 HH12 sing N N 39  
ARG NH2 HH21 sing N N 40  
ARG NH2 HH22 sing N N 41  
ARG OXT HXT  sing N N 42  
ASN N   CA   sing N N 43  
ASN N   H    sing N N 44  
ASN N   H2   sing N N 45  
ASN CA  C    sing N N 46  
ASN CA  CB   sing N N 47  
ASN CA  HA   sing N N 48  
ASN C   O    doub N N 49  
ASN C   OXT  sing N N 50  
ASN CB  CG   sing N N 51  
ASN CB  HB2  sing N N 52  
ASN CB  HB3  sing N N 53  
ASN CG  OD1  doub N N 54  
ASN CG  ND2  sing N N 55  
ASN ND2 HD21 sing N N 56  
ASN ND2 HD22 sing N N 57  
ASN OXT HXT  sing N N 58  
ASP N   CA   sing N N 59  
ASP N   H    sing N N 60  
ASP N   H2   sing N N 61  
ASP CA  C    sing N N 62  
ASP CA  CB   sing N N 63  
ASP CA  HA   sing N N 64  
ASP C   O    doub N N 65  
ASP C   OXT  sing N N 66  
ASP CB  CG   sing N N 67  
ASP CB  HB2  sing N N 68  
ASP CB  HB3  sing N N 69  
ASP CG  OD1  doub N N 70  
ASP CG  OD2  sing N N 71  
ASP OD2 HD2  sing N N 72  
ASP OXT HXT  sing N N 73  
CYS N   CA   sing N N 74  
CYS N   H    sing N N 75  
CYS N   H2   sing N N 76  
CYS CA  C    sing N N 77  
CYS CA  CB   sing N N 78  
CYS CA  HA   sing N N 79  
CYS C   O    doub N N 80  
CYS C   OXT  sing N N 81  
CYS CB  SG   sing N N 82  
CYS CB  HB2  sing N N 83  
CYS CB  HB3  sing N N 84  
CYS SG  HG   sing N N 85  
CYS OXT HXT  sing N N 86  
GLN N   CA   sing N N 87  
GLN N   H    sing N N 88  
GLN N   H2   sing N N 89  
GLN CA  C    sing N N 90  
GLN CA  CB   sing N N 91  
GLN CA  HA   sing N N 92  
GLN C   O    doub N N 93  
GLN C   OXT  sing N N 94  
GLN CB  CG   sing N N 95  
GLN CB  HB2  sing N N 96  
GLN CB  HB3  sing N N 97  
GLN CG  CD   sing N N 98  
GLN CG  HG2  sing N N 99  
GLN CG  HG3  sing N N 100 
GLN CD  OE1  doub N N 101 
GLN CD  NE2  sing N N 102 
GLN NE2 HE21 sing N N 103 
GLN NE2 HE22 sing N N 104 
GLN OXT HXT  sing N N 105 
GLU N   CA   sing N N 106 
GLU N   H    sing N N 107 
GLU N   H2   sing N N 108 
GLU CA  C    sing N N 109 
GLU CA  CB   sing N N 110 
GLU CA  HA   sing N N 111 
GLU C   O    doub N N 112 
GLU C   OXT  sing N N 113 
GLU CB  CG   sing N N 114 
GLU CB  HB2  sing N N 115 
GLU CB  HB3  sing N N 116 
GLU CG  CD   sing N N 117 
GLU CG  HG2  sing N N 118 
GLU CG  HG3  sing N N 119 
GLU CD  OE1  doub N N 120 
GLU CD  OE2  sing N N 121 
GLU OE2 HE2  sing N N 122 
GLU OXT HXT  sing N N 123 
GLY N   CA   sing N N 124 
GLY N   H    sing N N 125 
GLY N   H2   sing N N 126 
GLY CA  C    sing N N 127 
GLY CA  HA2  sing N N 128 
GLY CA  HA3  sing N N 129 
GLY C   O    doub N N 130 
GLY C   OXT  sing N N 131 
GLY OXT HXT  sing N N 132 
HIS N   CA   sing N N 133 
HIS N   H    sing N N 134 
HIS N   H2   sing N N 135 
HIS CA  C    sing N N 136 
HIS CA  CB   sing N N 137 
HIS CA  HA   sing N N 138 
HIS C   O    doub N N 139 
HIS C   OXT  sing N N 140 
HIS CB  CG   sing N N 141 
HIS CB  HB2  sing N N 142 
HIS CB  HB3  sing N N 143 
HIS CG  ND1  sing Y N 144 
HIS CG  CD2  doub Y N 145 
HIS ND1 CE1  doub Y N 146 
HIS ND1 HD1  sing N N 147 
HIS CD2 NE2  sing Y N 148 
HIS CD2 HD2  sing N N 149 
HIS CE1 NE2  sing Y N 150 
HIS CE1 HE1  sing N N 151 
HIS NE2 HE2  sing N N 152 
HIS OXT HXT  sing N N 153 
HOH O   H1   sing N N 154 
HOH O   H2   sing N N 155 
ILE N   CA   sing N N 156 
ILE N   H    sing N N 157 
ILE N   H2   sing N N 158 
ILE CA  C    sing N N 159 
ILE CA  CB   sing N N 160 
ILE CA  HA   sing N N 161 
ILE C   O    doub N N 162 
ILE C   OXT  sing N N 163 
ILE CB  CG1  sing N N 164 
ILE CB  CG2  sing N N 165 
ILE CB  HB   sing N N 166 
ILE CG1 CD1  sing N N 167 
ILE CG1 HG12 sing N N 168 
ILE CG1 HG13 sing N N 169 
ILE CG2 HG21 sing N N 170 
ILE CG2 HG22 sing N N 171 
ILE CG2 HG23 sing N N 172 
ILE CD1 HD11 sing N N 173 
ILE CD1 HD12 sing N N 174 
ILE CD1 HD13 sing N N 175 
ILE OXT HXT  sing N N 176 
LEU N   CA   sing N N 177 
LEU N   H    sing N N 178 
LEU N   H2   sing N N 179 
LEU CA  C    sing N N 180 
LEU CA  CB   sing N N 181 
LEU CA  HA   sing N N 182 
LEU C   O    doub N N 183 
LEU C   OXT  sing N N 184 
LEU CB  CG   sing N N 185 
LEU CB  HB2  sing N N 186 
LEU CB  HB3  sing N N 187 
LEU CG  CD1  sing N N 188 
LEU CG  CD2  sing N N 189 
LEU CG  HG   sing N N 190 
LEU CD1 HD11 sing N N 191 
LEU CD1 HD12 sing N N 192 
LEU CD1 HD13 sing N N 193 
LEU CD2 HD21 sing N N 194 
LEU CD2 HD22 sing N N 195 
LEU CD2 HD23 sing N N 196 
LEU OXT HXT  sing N N 197 
LYS N   CA   sing N N 198 
LYS N   H    sing N N 199 
LYS N   H2   sing N N 200 
LYS CA  C    sing N N 201 
LYS CA  CB   sing N N 202 
LYS CA  HA   sing N N 203 
LYS C   O    doub N N 204 
LYS C   OXT  sing N N 205 
LYS CB  CG   sing N N 206 
LYS CB  HB2  sing N N 207 
LYS CB  HB3  sing N N 208 
LYS CG  CD   sing N N 209 
LYS CG  HG2  sing N N 210 
LYS CG  HG3  sing N N 211 
LYS CD  CE   sing N N 212 
LYS CD  HD2  sing N N 213 
LYS CD  HD3  sing N N 214 
LYS CE  NZ   sing N N 215 
LYS CE  HE2  sing N N 216 
LYS CE  HE3  sing N N 217 
LYS NZ  HZ1  sing N N 218 
LYS NZ  HZ2  sing N N 219 
LYS NZ  HZ3  sing N N 220 
LYS OXT HXT  sing N N 221 
PHE N   CA   sing N N 222 
PHE N   H    sing N N 223 
PHE N   H2   sing N N 224 
PHE CA  C    sing N N 225 
PHE CA  CB   sing N N 226 
PHE CA  HA   sing N N 227 
PHE C   O    doub N N 228 
PHE C   OXT  sing N N 229 
PHE CB  CG   sing N N 230 
PHE CB  HB2  sing N N 231 
PHE CB  HB3  sing N N 232 
PHE CG  CD1  doub Y N 233 
PHE CG  CD2  sing Y N 234 
PHE CD1 CE1  sing Y N 235 
PHE CD1 HD1  sing N N 236 
PHE CD2 CE2  doub Y N 237 
PHE CD2 HD2  sing N N 238 
PHE CE1 CZ   doub Y N 239 
PHE CE1 HE1  sing N N 240 
PHE CE2 CZ   sing Y N 241 
PHE CE2 HE2  sing N N 242 
PHE CZ  HZ   sing N N 243 
PHE OXT HXT  sing N N 244 
PHQ C1  O1   doub N N 245 
PHQ C1  O2   sing N N 246 
PHQ C1  CL1  sing N N 247 
PHQ O2  C2   sing N N 248 
PHQ C2  C3   sing N N 249 
PHQ C2  H21  sing N N 250 
PHQ C2  H22  sing N N 251 
PHQ C3  C4   doub Y N 252 
PHQ C3  C8   sing Y N 253 
PHQ C4  C5   sing Y N 254 
PHQ C4  H41  sing N N 255 
PHQ C5  C6   doub Y N 256 
PHQ C5  H51  sing N N 257 
PHQ C6  C7   sing Y N 258 
PHQ C6  H61  sing N N 259 
PHQ C7  C8   doub Y N 260 
PHQ C7  H71  sing N N 261 
PHQ C8  H81  sing N N 262 
PRO N   CA   sing N N 263 
PRO N   CD   sing N N 264 
PRO N   H    sing N N 265 
PRO CA  C    sing N N 266 
PRO CA  CB   sing N N 267 
PRO CA  HA   sing N N 268 
PRO C   O    doub N N 269 
PRO C   OXT  sing N N 270 
PRO CB  CG   sing N N 271 
PRO CB  HB2  sing N N 272 
PRO CB  HB3  sing N N 273 
PRO CG  CD   sing N N 274 
PRO CG  HG2  sing N N 275 
PRO CG  HG3  sing N N 276 
PRO CD  HD2  sing N N 277 
PRO CD  HD3  sing N N 278 
PRO OXT HXT  sing N N 279 
SER N   CA   sing N N 280 
SER N   H    sing N N 281 
SER N   H2   sing N N 282 
SER CA  C    sing N N 283 
SER CA  CB   sing N N 284 
SER CA  HA   sing N N 285 
SER C   O    doub N N 286 
SER C   OXT  sing N N 287 
SER CB  OG   sing N N 288 
SER CB  HB2  sing N N 289 
SER CB  HB3  sing N N 290 
SER OG  HG   sing N N 291 
SER OXT HXT  sing N N 292 
THR N   CA   sing N N 293 
THR N   H    sing N N 294 
THR N   H2   sing N N 295 
THR CA  C    sing N N 296 
THR CA  CB   sing N N 297 
THR CA  HA   sing N N 298 
THR C   O    doub N N 299 
THR C   OXT  sing N N 300 
THR CB  OG1  sing N N 301 
THR CB  CG2  sing N N 302 
THR CB  HB   sing N N 303 
THR OG1 HG1  sing N N 304 
THR CG2 HG21 sing N N 305 
THR CG2 HG22 sing N N 306 
THR CG2 HG23 sing N N 307 
THR OXT HXT  sing N N 308 
TRP N   CA   sing N N 309 
TRP N   H    sing N N 310 
TRP N   H2   sing N N 311 
TRP CA  C    sing N N 312 
TRP CA  CB   sing N N 313 
TRP CA  HA   sing N N 314 
TRP C   O    doub N N 315 
TRP C   OXT  sing N N 316 
TRP CB  CG   sing N N 317 
TRP CB  HB2  sing N N 318 
TRP CB  HB3  sing N N 319 
TRP CG  CD1  doub Y N 320 
TRP CG  CD2  sing Y N 321 
TRP CD1 NE1  sing Y N 322 
TRP CD1 HD1  sing N N 323 
TRP CD2 CE2  doub Y N 324 
TRP CD2 CE3  sing Y N 325 
TRP NE1 CE2  sing Y N 326 
TRP NE1 HE1  sing N N 327 
TRP CE2 CZ2  sing Y N 328 
TRP CE3 CZ3  doub Y N 329 
TRP CE3 HE3  sing N N 330 
TRP CZ2 CH2  doub Y N 331 
TRP CZ2 HZ2  sing N N 332 
TRP CZ3 CH2  sing Y N 333 
TRP CZ3 HZ3  sing N N 334 
TRP CH2 HH2  sing N N 335 
TRP OXT HXT  sing N N 336 
TYR N   CA   sing N N 337 
TYR N   H    sing N N 338 
TYR N   H2   sing N N 339 
TYR CA  C    sing N N 340 
TYR CA  CB   sing N N 341 
TYR CA  HA   sing N N 342 
TYR C   O    doub N N 343 
TYR C   OXT  sing N N 344 
TYR CB  CG   sing N N 345 
TYR CB  HB2  sing N N 346 
TYR CB  HB3  sing N N 347 
TYR CG  CD1  doub Y N 348 
TYR CG  CD2  sing Y N 349 
TYR CD1 CE1  sing Y N 350 
TYR CD1 HD1  sing N N 351 
TYR CD2 CE2  doub Y N 352 
TYR CD2 HD2  sing N N 353 
TYR CE1 CZ   doub Y N 354 
TYR CE1 HE1  sing N N 355 
TYR CE2 CZ   sing Y N 356 
TYR CE2 HE2  sing N N 357 
TYR CZ  OH   sing N N 358 
TYR OH  HH   sing N N 359 
TYR OXT HXT  sing N N 360 
VAL N   CA   sing N N 361 
VAL N   H    sing N N 362 
VAL N   H2   sing N N 363 
VAL CA  C    sing N N 364 
VAL CA  CB   sing N N 365 
VAL CA  HA   sing N N 366 
VAL C   O    doub N N 367 
VAL C   OXT  sing N N 368 
VAL CB  CG1  sing N N 369 
VAL CB  CG2  sing N N 370 
VAL CB  HB   sing N N 371 
VAL CG1 HG11 sing N N 372 
VAL CG1 HG12 sing N N 373 
VAL CG1 HG13 sing N N 374 
VAL CG2 HG21 sing N N 375 
VAL CG2 HG22 sing N N 376 
VAL CG2 HG23 sing N N 377 
VAL OXT HXT  sing N N 378 
# 
_pdbx_initial_refinement_model.id               1 
_pdbx_initial_refinement_model.entity_id_list   ? 
_pdbx_initial_refinement_model.type             'experimental model' 
_pdbx_initial_refinement_model.source_name      PDB 
_pdbx_initial_refinement_model.accession_code   1PPN 
_pdbx_initial_refinement_model.details          'PDB ENTRY 1PPN' 
# 
_atom_sites.entry_id                    1KHP 
_atom_sites.fract_transf_matrix[1][1]   -0.00231692 
_atom_sites.fract_transf_matrix[1][2]   -0.02408752 
_atom_sites.fract_transf_matrix[1][3]   -0.00800434 
_atom_sites.fract_transf_matrix[2][1]   -0.00708547 
_atom_sites.fract_transf_matrix[2][2]   0.00665601 
_atom_sites.fract_transf_matrix[2][3]   -0.01797905 
_atom_sites.fract_transf_matrix[3][1]   0.01700452 
_atom_sites.fract_transf_matrix[3][2]   -0.00684970 
_atom_sites.fract_transf_matrix[3][3]   -0.00923724 
_atom_sites.fract_transf_vector[1]      0.200928 
_atom_sites.fract_transf_vector[2]      0.005015 
_atom_sites.fract_transf_vector[3]      0.254382 
# 
loop_
_atom_type.symbol 
C 
N 
O 
S 
# 
loop_
_atom_site.group_PDB 
_atom_site.id 
_atom_site.type_symbol 
_atom_site.label_atom_id 
_atom_site.label_alt_id 
_atom_site.label_comp_id 
_atom_site.label_asym_id 
_atom_site.label_entity_id 
_atom_site.label_seq_id 
_atom_site.pdbx_PDB_ins_code 
_atom_site.Cartn_x 
_atom_site.Cartn_y 
_atom_site.Cartn_z 
_atom_site.occupancy 
_atom_site.B_iso_or_equiv 
_atom_site.pdbx_formal_charge 
_atom_site.auth_seq_id 
_atom_site.auth_comp_id 
_atom_site.auth_asym_id 
_atom_site.auth_atom_id 
_atom_site.pdbx_PDB_model_num 
ATOM   1    N N   . ILE A 1 1   ? 21.027  -1.269  7.759   1.00 21.67 ? 1   ILE A N   1 
ATOM   2    C CA  . ILE A 1 1   ? 20.146  -1.916  6.739   1.00 20.88 ? 1   ILE A CA  1 
ATOM   3    C C   . ILE A 1 1   ? 20.944  -2.172  5.471   1.00 20.83 ? 1   ILE A C   1 
ATOM   4    O O   . ILE A 1 1   ? 21.916  -1.471  5.205   1.00 19.61 ? 1   ILE A O   1 
ATOM   5    C CB  . ILE A 1 1   ? 18.897  -1.040  6.425   1.00 21.33 ? 1   ILE A CB  1 
ATOM   6    C CG1 . ILE A 1 1   ? 19.296  0.341   5.899   1.00 19.12 ? 1   ILE A CG1 1 
ATOM   7    C CG2 . ILE A 1 1   ? 18.064  -0.848  7.699   1.00 21.34 ? 1   ILE A CG2 1 
ATOM   8    C CD1 . ILE A 1 1   ? 18.097  1.266   5.792   1.00 18.13 ? 1   ILE A CD1 1 
ATOM   9    N N   . PRO A 1 2   ? 20.529  -3.183  4.692   1.00 21.49 ? 2   PRO A N   1 
ATOM   10   C CA  . PRO A 1 2   ? 21.303  -3.620  3.516   1.00 20.86 ? 2   PRO A CA  1 
ATOM   11   C C   . PRO A 1 2   ? 21.140  -2.650  2.378   1.00 20.70 ? 2   PRO A C   1 
ATOM   12   O O   . PRO A 1 2   ? 20.246  -1.765  2.366   1.00 19.06 ? 2   PRO A O   1 
ATOM   13   C CB  . PRO A 1 2   ? 20.685  -4.981  3.150   1.00 21.94 ? 2   PRO A CB  1 
ATOM   14   C CG  . PRO A 1 2   ? 19.715  -5.334  4.276   1.00 21.85 ? 2   PRO A CG  1 
ATOM   15   C CD  . PRO A 1 2   ? 19.308  -3.983  4.876   1.00 21.22 ? 2   PRO A CD  1 
ATOM   16   N N   . GLU A 1 3   ? 21.998  -2.816  1.393   1.00 20.67 ? 3   GLU A N   1 
ATOM   17   C CA  . GLU A 1 3   ? 21.918  -1.901  0.276   1.00 23.13 ? 3   GLU A CA  1 
ATOM   18   C C   . GLU A 1 3   ? 20.687  -2.172  -0.568  1.00 22.91 ? 3   GLU A C   1 
ATOM   19   O O   . GLU A 1 3   ? 20.162  -1.250  -1.187  1.00 22.74 ? 3   GLU A O   1 
ATOM   20   C CB  . GLU A 1 3   ? 23.203  -1.924  -0.561  1.00 23.52 ? 3   GLU A CB  1 
ATOM   21   C CG  . GLU A 1 3   ? 24.417  -1.610  0.281   1.00 26.86 ? 3   GLU A CG  1 
ATOM   22   C CD  . GLU A 1 3   ? 25.711  -1.759  -0.484  1.00 31.45 ? 3   GLU A CD  1 
ATOM   23   O OE1 . GLU A 1 3   ? 25.976  -0.948  -1.381  1.00 36.85 ? 3   GLU A OE1 1 
ATOM   24   O OE2 . GLU A 1 3   ? 26.474  -2.679  -0.190  1.00 33.88 ? 3   GLU A OE2 1 
ATOM   25   N N   . TYR A 1 4   ? 20.247  -3.426  -0.623  1.00 22.24 ? 4   TYR A N   1 
ATOM   26   C CA  . TYR A 1 4   ? 19.047  -3.739  -1.397  1.00 22.23 ? 4   TYR A CA  1 
ATOM   27   C C   . TYR A 1 4   ? 18.063  -4.481  -0.533  1.00 21.47 ? 4   TYR A C   1 
ATOM   28   O O   . TYR A 1 4   ? 18.476  -5.294  0.287   1.00 21.79 ? 4   TYR A O   1 
ATOM   29   C CB  . TYR A 1 4   ? 19.380  -4.652  -2.563  1.00 23.32 ? 4   TYR A CB  1 
ATOM   30   C CG  . TYR A 1 4   ? 20.279  -4.057  -3.617  1.00 23.69 ? 4   TYR A CG  1 
ATOM   31   C CD1 . TYR A 1 4   ? 21.640  -4.095  -3.472  1.00 23.09 ? 4   TYR A CD1 1 
ATOM   32   C CD2 . TYR A 1 4   ? 19.752  -3.522  -4.795  1.00 26.30 ? 4   TYR A CD2 1 
ATOM   33   C CE1 . TYR A 1 4   ? 22.475  -3.582  -4.419  1.00 24.60 ? 4   TYR A CE1 1 
ATOM   34   C CE2 . TYR A 1 4   ? 20.607  -3.008  -5.785  1.00 26.98 ? 4   TYR A CE2 1 
ATOM   35   C CZ  . TYR A 1 4   ? 21.953  -3.044  -5.571  1.00 23.77 ? 4   TYR A CZ  1 
ATOM   36   O OH  . TYR A 1 4   ? 22.846  -2.553  -6.483  1.00 29.63 ? 4   TYR A OH  1 
ATOM   37   N N   . VAL A 1 5   ? 16.774  -4.198  -0.715  1.00 21.12 ? 5   VAL A N   1 
ATOM   38   C CA  . VAL A 1 5   ? 15.695  -4.955  -0.072  1.00 20.57 ? 5   VAL A CA  1 
ATOM   39   C C   . VAL A 1 5   ? 14.562  -5.151  -1.090  1.00 21.00 ? 5   VAL A C   1 
ATOM   40   O O   . VAL A 1 5   ? 14.184  -4.204  -1.817  1.00 19.89 ? 5   VAL A O   1 
ATOM   41   C CB  . VAL A 1 5   ? 15.130  -4.246  1.170   1.00 20.84 ? 5   VAL A CB  1 
ATOM   42   C CG1 . VAL A 1 5   ? 13.871  -4.966  1.683   1.00 20.51 ? 5   VAL A CG1 1 
ATOM   43   C CG2 . VAL A 1 5   ? 16.184  -4.152  2.305   1.00 21.38 ? 5   VAL A CG2 1 
ATOM   44   N N   . ASP A 1 6   ? 14.054  -6.378  -1.176  1.00 19.47 ? 6   ASP A N   1 
ATOM   45   C CA  . ASP A 1 6   ? 12.926  -6.669  -2.030  1.00 19.80 ? 6   ASP A CA  1 
ATOM   46   C C   . ASP A 1 6   ? 12.060  -7.732  -1.369  1.00 19.80 ? 6   ASP A C   1 
ATOM   47   O O   . ASP A 1 6   ? 12.404  -8.951  -1.391  1.00 19.01 ? 6   ASP A O   1 
ATOM   48   C CB  . ASP A 1 6   ? 13.433  -7.195  -3.365  1.00 20.03 ? 6   ASP A CB  1 
ATOM   49   C CG  . ASP A 1 6   ? 12.358  -7.253  -4.408  1.00 20.86 ? 6   ASP A CG  1 
ATOM   50   O OD1 . ASP A 1 6   ? 11.159  -7.349  -4.086  1.00 24.22 ? 6   ASP A OD1 1 
ATOM   51   O OD2 . ASP A 1 6   ? 12.620  -7.215  -5.617  1.00 27.46 ? 6   ASP A OD2 1 
ATOM   52   N N   . TRP A 1 7   ? 10.920  -7.316  -0.830  1.00 18.74 ? 7   TRP A N   1 
ATOM   53   C CA  . TRP A 1 7   ? 10.070  -8.266  -0.105  1.00 19.39 ? 7   TRP A CA  1 
ATOM   54   C C   . TRP A 1 7   ? 9.467   -9.333  -1.006  1.00 20.47 ? 7   TRP A C   1 
ATOM   55   O O   . TRP A 1 7   ? 8.925   -10.369 -0.516  1.00 20.79 ? 7   TRP A O   1 
ATOM   56   C CB  . TRP A 1 7   ? 8.975   -7.523  0.620   1.00 19.11 ? 7   TRP A CB  1 
ATOM   57   C CG  . TRP A 1 7   ? 9.536   -6.971  1.855   1.00 22.19 ? 7   TRP A CG  1 
ATOM   58   C CD1 . TRP A 1 7   ? 9.786   -5.663  2.118   1.00 17.68 ? 7   TRP A CD1 1 
ATOM   59   C CD2 . TRP A 1 7   ? 9.978   -7.713  3.009   1.00 19.82 ? 7   TRP A CD2 1 
ATOM   60   N NE1 . TRP A 1 7   ? 10.350  -5.551  3.366   1.00 19.89 ? 7   TRP A NE1 1 
ATOM   61   C CE2 . TRP A 1 7   ? 10.468  -6.788  3.934   1.00 20.11 ? 7   TRP A CE2 1 
ATOM   62   C CE3 . TRP A 1 7   ? 9.996   -9.075  3.344   1.00 21.78 ? 7   TRP A CE3 1 
ATOM   63   C CZ2 . TRP A 1 7   ? 10.991  -7.165  5.200   1.00 22.00 ? 7   TRP A CZ2 1 
ATOM   64   C CZ3 . TRP A 1 7   ? 10.508  -9.464  4.589   1.00 25.86 ? 7   TRP A CZ3 1 
ATOM   65   C CH2 . TRP A 1 7   ? 10.999  -8.504  5.512   1.00 25.18 ? 7   TRP A CH2 1 
ATOM   66   N N   . ARG A 1 8   ? 9.510   -9.067  -2.311  1.00 20.48 ? 8   ARG A N   1 
ATOM   67   C CA  . ARG A 1 8   ? 9.026   -10.030 -3.298  1.00 20.66 ? 8   ARG A CA  1 
ATOM   68   C C   . ARG A 1 8   ? 9.840   -11.303 -3.247  1.00 20.56 ? 8   ARG A C   1 
ATOM   69   O O   . ARG A 1 8   ? 9.269   -12.399 -3.292  1.00 20.80 ? 8   ARG A O   1 
ATOM   70   C CB  . ARG A 1 8   ? 9.021   -9.448  -4.732  1.00 19.54 ? 8   ARG A CB  1 
ATOM   71   C CG  . ARG A 1 8   ? 7.997   -8.338  -4.906  1.00 19.53 ? 8   ARG A CG  1 
ATOM   72   C CD  . ARG A 1 8   ? 8.106   -7.577  -6.232  1.00 20.09 ? 8   ARG A CD  1 
ATOM   73   N NE  . ARG A 1 8   ? 9.495   -7.314  -6.552  1.00 18.96 ? 8   ARG A NE  1 
ATOM   74   C CZ  . ARG A 1 8   ? 9.927   -6.816  -7.695  1.00 20.60 ? 8   ARG A CZ  1 
ATOM   75   N NH1 . ARG A 1 8   ? 9.073   -6.540  -8.659  1.00 21.05 ? 8   ARG A NH1 1 
ATOM   76   N NH2 . ARG A 1 8   ? 11.230  -6.627  -7.871  1.00 20.00 ? 8   ARG A NH2 1 
ATOM   77   N N   . GLN A 1 9   ? 11.165  -11.159 -3.124  1.00 20.89 ? 9   GLN A N   1 
ATOM   78   C CA  . GLN A 1 9   ? 12.058  -12.305 -3.120  1.00 21.84 ? 9   GLN A CA  1 
ATOM   79   C C   . GLN A 1 9   ? 11.968  -13.072 -1.811  1.00 20.23 ? 9   GLN A C   1 
ATOM   80   O O   . GLN A 1 9   ? 12.303  -14.246 -1.735  1.00 20.71 ? 9   GLN A O   1 
ATOM   81   C CB  . GLN A 1 9   ? 13.468  -11.793 -3.390  1.00 23.50 ? 9   GLN A CB  1 
ATOM   82   C CG  . GLN A 1 9   ? 13.345  -10.729 -4.457  1.00 28.53 ? 9   GLN A CG  1 
ATOM   83   C CD  . GLN A 1 9   ? 14.598  -10.527 -5.265  1.00 37.77 ? 9   GLN A CD  1 
ATOM   84   O OE1 . GLN A 1 9   ? 15.706  -10.793 -4.786  1.00 41.59 ? 9   GLN A OE1 1 
ATOM   85   N NE2 . GLN A 1 9   ? 14.434  -10.050 -6.503  1.00 39.09 ? 9   GLN A NE2 1 
ATOM   86   N N   . LYS A 1 10  ? 11.481  -12.404 -0.783  1.00 19.29 ? 10  LYS A N   1 
ATOM   87   C CA  . LYS A 1 10  ? 11.318  -13.068 0.502   1.00 19.74 ? 10  LYS A CA  1 
ATOM   88   C C   . LYS A 1 10  ? 9.915   -13.661 0.674   1.00 18.67 ? 10  LYS A C   1 
ATOM   89   O O   . LYS A 1 10  ? 9.562   -14.047 1.774   1.00 19.70 ? 10  LYS A O   1 
ATOM   90   C CB  . LYS A 1 10  ? 11.707  -12.125 1.666   1.00 19.88 ? 10  LYS A CB  1 
ATOM   91   C CG  . LYS A 1 10  ? 13.105  -11.527 1.476   1.00 22.10 ? 10  LYS A CG  1 
ATOM   92   C CD  . LYS A 1 10  ? 13.796  -11.141 2.787   1.00 29.19 ? 10  LYS A CD  1 
ATOM   93   C CE  . LYS A 1 10  ? 13.558  -9.632  3.088   1.00 32.33 ? 10  LYS A CE  1 
ATOM   94   N NZ  . LYS A 1 10  ? 14.534  -8.980  4.114   1.00 34.20 ? 10  LYS A NZ  1 
ATOM   95   N N   . GLY A 1 11  ? 9.129   -13.722 -0.402  1.00 17.56 ? 11  GLY A N   1 
ATOM   96   C CA  . GLY A 1 11  ? 7.820   -14.383 -0.398  1.00 17.03 ? 11  GLY A CA  1 
ATOM   97   C C   . GLY A 1 11  ? 6.718   -13.701 0.399   1.00 17.75 ? 11  GLY A C   1 
ATOM   98   O O   . GLY A 1 11  ? 5.772   -14.350 0.852   1.00 17.01 ? 11  GLY A O   1 
ATOM   99   N N   . ALA A 1 12  ? 6.791   -12.369 0.521   1.00 19.48 ? 12  ALA A N   1 
ATOM   100  C CA  . ALA A 1 12  ? 5.865   -11.635 1.375   1.00 18.26 ? 12  ALA A CA  1 
ATOM   101  C C   . ALA A 1 12  ? 4.984   -10.699 0.559   1.00 19.24 ? 12  ALA A C   1 
ATOM   102  O O   . ALA A 1 12  ? 4.259   -9.849  1.157   1.00 16.74 ? 12  ALA A O   1 
ATOM   103  C CB  . ALA A 1 12  ? 6.644   -10.827 2.361   1.00 19.51 ? 12  ALA A CB  1 
ATOM   104  N N   . VAL A 1 13  ? 5.043   -10.814 -0.774  1.00 17.87 ? 13  VAL A N   1 
ATOM   105  C CA  . VAL A 1 13  ? 4.140   -9.955  -1.593  1.00 18.61 ? 13  VAL A CA  1 
ATOM   106  C C   . VAL A 1 13  ? 3.255   -10.777 -2.464  1.00 17.95 ? 13  VAL A C   1 
ATOM   107  O O   . VAL A 1 13  ? 3.744   -11.713 -3.161  1.00 18.67 ? 13  VAL A O   1 
ATOM   108  C CB  . VAL A 1 13  ? 4.923   -8.940  -2.482  1.00 18.93 ? 13  VAL A CB  1 
ATOM   109  C CG1 . VAL A 1 13  ? 3.979   -8.033  -3.272  1.00 20.56 ? 13  VAL A CG1 1 
ATOM   110  C CG2 . VAL A 1 13  ? 5.901   -8.031  -1.623  1.00 20.72 ? 13  VAL A CG2 1 
ATOM   111  N N   . THR A 1 14  ? 1.947   -10.522 -2.445  1.00 18.42 ? 14  THR A N   1 
ATOM   112  C CA  . THR A 1 14  ? 1.040   -11.298 -3.311  1.00 18.05 ? 14  THR A CA  1 
ATOM   113  C C   . THR A 1 14  ? 0.959   -10.650 -4.709  1.00 18.87 ? 14  THR A C   1 
ATOM   114  O O   . THR A 1 14  ? 1.495   -9.580  -4.915  1.00 19.64 ? 14  THR A O   1 
ATOM   115  C CB  . THR A 1 14  ? -0.380  -11.332 -2.758  1.00 19.17 ? 14  THR A CB  1 
ATOM   116  O OG1 . THR A 1 14  ? -0.914  -10.023 -2.868  1.00 16.70 ? 14  THR A OG1 1 
ATOM   117  C CG2 . THR A 1 14  ? -0.384  -11.598 -1.280  1.00 18.54 ? 14  THR A CG2 1 
ATOM   118  N N   . PRO A 1 15  ? 0.365   -11.322 -5.682  1.00 18.93 ? 15  PRO A N   1 
ATOM   119  C CA  . PRO A 1 15  ? 0.264   -10.757 -7.036  1.00 19.20 ? 15  PRO A CA  1 
ATOM   120  C C   . PRO A 1 15  ? -0.315  -9.370  -7.153  1.00 19.17 ? 15  PRO A C   1 
ATOM   121  O O   . PRO A 1 15  ? -1.112  -8.943  -6.324  1.00 19.83 ? 15  PRO A O   1 
ATOM   122  C CB  . PRO A 1 15  ? -0.590  -11.788 -7.773  1.00 20.91 ? 15  PRO A CB  1 
ATOM   123  C CG  . PRO A 1 15  ? -0.184  -13.114 -7.084  1.00 20.35 ? 15  PRO A CG  1 
ATOM   124  C CD  . PRO A 1 15  ? -0.143  -12.708 -5.619  1.00 17.96 ? 15  PRO A CD  1 
ATOM   125  N N   . VAL A 1 16  ? 0.095   -8.649  -8.184  1.00 18.86 ? 16  VAL A N   1 
ATOM   126  C CA  . VAL A 1 16  ? -0.428  -7.307  -8.423  1.00 18.83 ? 16  VAL A CA  1 
ATOM   127  C C   . VAL A 1 16  ? -1.897  -7.351  -8.770  1.00 18.66 ? 16  VAL A C   1 
ATOM   128  O O   . VAL A 1 16  ? -2.332  -8.199  -9.536  1.00 18.84 ? 16  VAL A O   1 
ATOM   129  C CB  . VAL A 1 16  ? 0.339   -6.596  -9.589  1.00 19.82 ? 16  VAL A CB  1 
ATOM   130  C CG1 . VAL A 1 16  ? -0.424  -5.359  -10.079 1.00 17.49 ? 16  VAL A CG1 1 
ATOM   131  C CG2 . VAL A 1 16  ? 1.725   -6.188  -9.103  1.00 19.83 ? 16  VAL A CG2 1 
ATOM   132  N N   . LYS A 1 17  ? -2.670  -6.440  -8.215  1.00 18.61 ? 17  LYS A N   1 
ATOM   133  C CA  . LYS A 1 17  ? -4.088  -6.393  -8.499  1.00 20.48 ? 17  LYS A CA  1 
ATOM   134  C C   . LYS A 1 17  ? -4.521  -5.108  -9.268  1.00 20.61 ? 17  LYS A C   1 
ATOM   135  O O   . LYS A 1 17  ? -3.759  -4.178  -9.409  1.00 21.15 ? 17  LYS A O   1 
ATOM   136  C CB  . LYS A 1 17  ? -4.901  -6.495  -7.188  1.00 21.53 ? 17  LYS A CB  1 
ATOM   137  C CG  . LYS A 1 17  ? -4.401  -7.492  -6.146  1.00 20.94 ? 17  LYS A CG  1 
ATOM   138  C CD  . LYS A 1 17  ? -4.747  -8.933  -6.488  1.00 24.30 ? 17  LYS A CD  1 
ATOM   139  C CE  . LYS A 1 17  ? -4.586  -9.852  -5.289  1.00 20.53 ? 17  LYS A CE  1 
ATOM   140  N NZ  . LYS A 1 17  ? -3.224  -9.742  -4.724  1.00 20.77 ? 17  LYS A NZ  1 
ATOM   141  N N   . ASN A 1 18  ? -5.759  -5.086  -9.725  1.00 20.71 ? 18  ASN A N   1 
ATOM   142  C CA  . ASN A 1 18  ? -6.342  -3.972  -10.467 1.00 21.77 ? 18  ASN A CA  1 
ATOM   143  C C   . ASN A 1 18  ? -7.577  -3.473  -9.748  1.00 21.76 ? 18  ASN A C   1 
ATOM   144  O O   . ASN A 1 18  ? -8.597  -4.185  -9.691  1.00 22.09 ? 18  ASN A O   1 
ATOM   145  C CB  . ASN A 1 18  ? -6.778  -4.408  -11.872 1.00 22.13 ? 18  ASN A CB  1 
ATOM   146  C CG  . ASN A 1 18  ? -6.938  -3.210  -12.848 1.00 25.22 ? 18  ASN A CG  1 
ATOM   147  O OD1 . ASN A 1 18  ? -7.298  -2.076  -12.436 1.00 23.47 ? 18  ASN A OD1 1 
ATOM   148  N ND2 . ASN A 1 18  ? -6.604  -3.442  -14.127 1.00 21.09 ? 18  ASN A ND2 1 
ATOM   149  N N   . GLN A 1 19  ? -7.502  -2.250  -9.227  1.00 21.16 ? 19  GLN A N   1 
ATOM   150  C CA  . GLN A 1 19  ? -8.610  -1.711  -8.484  1.00 21.36 ? 19  GLN A CA  1 
ATOM   151  C C   . GLN A 1 19  ? -9.780  -1.370  -9.408  1.00 22.00 ? 19  GLN A C   1 
ATOM   152  O O   . GLN A 1 19  ? -10.930 -1.273  -8.957  1.00 22.63 ? 19  GLN A O   1 
ATOM   153  C CB  . GLN A 1 19  ? -8.159  -0.473  -7.738  1.00 21.39 ? 19  GLN A CB  1 
ATOM   154  C CG  . GLN A 1 19  ? -7.707  0.685   -8.629  1.00 20.29 ? 19  GLN A CG  1 
ATOM   155  C CD  . GLN A 1 19  ? -7.093  1.776   -7.800  1.00 20.38 ? 19  GLN A CD  1 
ATOM   156  O OE1 . GLN A 1 19  ? -5.935  1.684   -7.422  1.00 22.20 ? 19  GLN A OE1 1 
ATOM   157  N NE2 . GLN A 1 19  ? -7.874  2.806   -7.489  1.00 19.39 ? 19  GLN A NE2 1 
ATOM   158  N N   . GLY A 1 20  ? -9.480  -1.211  -10.702 1.00 22.67 ? 20  GLY A N   1 
ATOM   159  C CA  . GLY A 1 20  ? -10.476 -0.871  -11.709 1.00 21.30 ? 20  GLY A CA  1 
ATOM   160  C C   . GLY A 1 20  ? -10.911 0.560   -11.537 1.00 21.83 ? 20  GLY A C   1 
ATOM   161  O O   . GLY A 1 20  ? -10.136 1.376   -11.066 1.00 21.91 ? 20  GLY A O   1 
ATOM   162  N N   . SER A 1 21  ? -12.132 0.889   -11.924 1.00 22.44 ? 21  SER A N   1 
ATOM   163  C CA  . SER A 1 21  ? -12.569 2.271   -11.798 1.00 23.78 ? 21  SER A CA  1 
ATOM   164  C C   . SER A 1 21  ? -13.430 2.406   -10.557 1.00 23.66 ? 21  SER A C   1 
ATOM   165  O O   . SER A 1 21  ? -14.675 2.310   -10.626 1.00 25.65 ? 21  SER A O   1 
ATOM   166  C CB  . SER A 1 21  ? -13.274 2.776   -13.064 1.00 22.90 ? 21  SER A CB  1 
ATOM   167  O OG  . SER A 1 21  ? -14.173 1.803   -13.565 1.00 25.60 ? 21  SER A OG  1 
ATOM   168  N N   . CYS A 1 22  ? -12.725 2.564   -9.438  1.00 22.50 ? 22  CYS A N   1 
ATOM   169  C CA  . CYS A 1 22  ? -13.252 2.739   -8.095  1.00 21.81 ? 22  CYS A CA  1 
ATOM   170  C C   . CYS A 1 22  ? -12.054 3.293   -7.344  1.00 20.97 ? 22  CYS A C   1 
ATOM   171  O O   . CYS A 1 22  ? -10.986 2.672   -7.355  1.00 20.78 ? 22  CYS A O   1 
ATOM   172  C CB  . CYS A 1 22  ? -13.634 1.402   -7.470  1.00 21.60 ? 22  CYS A CB  1 
ATOM   173  S SG  . CYS A 1 22  ? -13.887 1.405   -5.674  1.00 21.55 ? 22  CYS A SG  1 
ATOM   174  N N   . GLY A 1 23  ? -12.184 4.461   -6.713  1.00 20.31 ? 23  GLY A N   1 
ATOM   175  C CA  . GLY A 1 23  ? -11.028 5.005   -5.979  1.00 19.68 ? 23  GLY A CA  1 
ATOM   176  C C   . GLY A 1 23  ? -10.723 4.312   -4.638  1.00 19.79 ? 23  GLY A C   1 
ATOM   177  O O   . GLY A 1 23  ? -10.877 4.930   -3.584  1.00 20.59 ? 23  GLY A O   1 
ATOM   178  N N   . SER A 1 24  ? -10.277 3.050   -4.675  1.00 19.25 ? 24  SER A N   1 
ATOM   179  C CA  . SER A 1 24  ? -10.052 2.239   -3.489  1.00 18.70 ? 24  SER A CA  1 
ATOM   180  C C   . SER A 1 24  ? -8.574  1.994   -3.159  1.00 18.99 ? 24  SER A C   1 
ATOM   181  O O   . SER A 1 24  ? -8.206  1.036   -2.444  1.00 18.91 ? 24  SER A O   1 
ATOM   182  C CB  . SER A 1 24  ? -10.753 0.888   -3.719  1.00 20.66 ? 24  SER A CB  1 
ATOM   183  O OG  . SER A 1 24  ? -10.421 0.323   -5.001  1.00 18.86 ? 24  SER A OG  1 
ATOM   184  N N   . CYS A 1 25  ? -7.709  2.790   -3.755  1.00 18.71 ? 25  CYS A N   1 
ATOM   185  C CA  . CYS A 1 25  ? -6.256  2.714   -3.635  1.00 19.55 ? 25  CYS A CA  1 
ATOM   186  C C   . CYS A 1 25  ? -5.834  2.738   -2.198  1.00 19.04 ? 25  CYS A C   1 
ATOM   187  O O   . CYS A 1 25  ? -5.125  1.837   -1.808  1.00 19.12 ? 25  CYS A O   1 
ATOM   188  C CB  . CYS A 1 25  ? -5.542  3.798   -4.429  1.00 19.97 ? 25  CYS A CB  1 
ATOM   189  S SG  . CYS A 1 25  ? -5.782  5.404   -3.682  1.00 22.64 ? 25  CYS A SG  1 
ATOM   190  N N   . TRP A 1 26  ? -6.619  3.380   -1.335  1.00 18.55 ? 26  TRP A N   1 
ATOM   191  C CA  . TRP A 1 26  ? -6.295  3.398   0.113   1.00 19.83 ? 26  TRP A CA  1 
ATOM   192  C C   . TRP A 1 26  ? -6.480  1.985   0.653   1.00 20.98 ? 26  TRP A C   1 
ATOM   193  O O   . TRP A 1 26  ? -5.731  1.539   1.524   1.00 21.45 ? 26  TRP A O   1 
ATOM   194  C CB  . TRP A 1 26  ? -7.185  4.415   0.867   1.00 19.15 ? 26  TRP A CB  1 
ATOM   195  C CG  . TRP A 1 26  ? -8.669  4.178   0.599   1.00 19.61 ? 26  TRP A CG  1 
ATOM   196  C CD1 . TRP A 1 26  ? -9.387  4.596   -0.499  1.00 18.57 ? 26  TRP A CD1 1 
ATOM   197  C CD2 . TRP A 1 26  ? -9.595  3.478   1.433   1.00 12.95 ? 26  TRP A CD2 1 
ATOM   198  N NE1 . TRP A 1 26  ? -10.694 4.200   -0.374  1.00 16.28 ? 26  TRP A NE1 1 
ATOM   199  C CE2 . TRP A 1 26  ? -10.846 3.521   0.804   1.00 15.66 ? 26  TRP A CE2 1 
ATOM   200  C CE3 . TRP A 1 26  ? -9.495  2.834   2.662   1.00 16.29 ? 26  TRP A CE3 1 
ATOM   201  C CZ2 . TRP A 1 26  ? -11.993 2.930   1.356   1.00 16.02 ? 26  TRP A CZ2 1 
ATOM   202  C CZ3 . TRP A 1 26  ? -10.646 2.229   3.203   1.00 13.36 ? 26  TRP A CZ3 1 
ATOM   203  C CH2 . TRP A 1 26  ? -11.857 2.287   2.554   1.00 14.04 ? 26  TRP A CH2 1 
ATOM   204  N N   . ALA A 1 27  ? -7.443  1.246   0.116   1.00 21.80 ? 27  ALA A N   1 
ATOM   205  C CA  . ALA A 1 27  ? -7.685  -0.075  0.673   1.00 21.68 ? 27  ALA A CA  1 
ATOM   206  C C   . ALA A 1 27  ? -6.655  -1.094  0.185   1.00 20.97 ? 27  ALA A C   1 
ATOM   207  O O   . ALA A 1 27  ? -6.209  -1.954  0.943   1.00 20.63 ? 27  ALA A O   1 
ATOM   208  C CB  . ALA A 1 27  ? -9.067  -0.568  0.361   1.00 21.40 ? 27  ALA A CB  1 
ATOM   209  N N   . PHE A 1 28  ? -6.348  -1.030  -1.096  1.00 19.14 ? 28  PHE A N   1 
ATOM   210  C CA  . PHE A 1 28  ? -5.344  -1.884  -1.676  1.00 18.75 ? 28  PHE A CA  1 
ATOM   211  C C   . PHE A 1 28  ? -3.998  -1.705  -1.041  1.00 19.23 ? 28  PHE A C   1 
ATOM   212  O O   . PHE A 1 28  ? -3.287  -2.692  -0.844  1.00 21.21 ? 28  PHE A O   1 
ATOM   213  C CB  . PHE A 1 28  ? -5.242  -1.597  -3.172  1.00 18.10 ? 28  PHE A CB  1 
ATOM   214  C CG  . PHE A 1 28  ? -6.326  -2.250  -3.935  1.00 18.67 ? 28  PHE A CG  1 
ATOM   215  C CD1 . PHE A 1 28  ? -7.595  -1.719  -3.916  1.00 20.33 ? 28  PHE A CD1 1 
ATOM   216  C CD2 . PHE A 1 28  ? -6.105  -3.438  -4.602  1.00 17.08 ? 28  PHE A CD2 1 
ATOM   217  C CE1 . PHE A 1 28  ? -8.651  -2.318  -4.614  1.00 20.64 ? 28  PHE A CE1 1 
ATOM   218  C CE2 . PHE A 1 28  ? -7.152  -4.084  -5.292  1.00 20.28 ? 28  PHE A CE2 1 
ATOM   219  C CZ  . PHE A 1 28  ? -8.431  -3.528  -5.306  1.00 22.59 ? 28  PHE A CZ  1 
ATOM   220  N N   . SER A 1 29  ? -3.641  -0.457  -0.753  1.00 19.71 ? 29  SER A N   1 
ATOM   221  C CA  . SER A 1 29  ? -2.381  -0.104  -0.076  1.00 20.48 ? 29  SER A CA  1 
ATOM   222  C C   . SER A 1 29  ? -2.339  -0.829  1.294   1.00 19.65 ? 29  SER A C   1 
ATOM   223  O O   . SER A 1 29  ? -1.371  -1.457  1.652   1.00 19.06 ? 29  SER A O   1 
ATOM   224  C CB  . SER A 1 29  ? -2.409  1.394   0.227   1.00 20.21 ? 29  SER A CB  1 
ATOM   225  O OG  . SER A 1 29  ? -1.209  1.858   0.818   1.00 21.51 ? 29  SER A OG  1 
ATOM   226  N N   . ALA A 1 30  ? -3.431  -0.721  2.043   1.00 17.84 ? 30  ALA A N   1 
ATOM   227  C CA  . ALA A 1 30  ? -3.447  -1.225  3.380   1.00 17.82 ? 30  ALA A CA  1 
ATOM   228  C C   . ALA A 1 30  ? -3.223  -2.716  3.378   1.00 18.16 ? 30  ALA A C   1 
ATOM   229  O O   . ALA A 1 30  ? -2.440  -3.215  4.188   1.00 19.27 ? 30  ALA A O   1 
ATOM   230  C CB  . ALA A 1 30  ? -4.763  -0.904  4.051   1.00 17.73 ? 30  ALA A CB  1 
ATOM   231  N N   . VAL A 1 31  ? -3.936  -3.407  2.491   1.00 18.57 ? 31  VAL A N   1 
ATOM   232  C CA  . VAL A 1 31  ? -3.878  -4.877  2.357   1.00 19.26 ? 31  VAL A CA  1 
ATOM   233  C C   . VAL A 1 31  ? -2.482  -5.379  2.053   1.00 19.26 ? 31  VAL A C   1 
ATOM   234  O O   . VAL A 1 31  ? -2.008  -6.331  2.674   1.00 19.93 ? 31  VAL A O   1 
ATOM   235  C CB  . VAL A 1 31  ? -4.958  -5.402  1.377   1.00 19.39 ? 31  VAL A CB  1 
ATOM   236  C CG1 . VAL A 1 31  ? -4.553  -6.793  0.731   1.00 18.15 ? 31  VAL A CG1 1 
ATOM   237  C CG2 . VAL A 1 31  ? -6.364  -5.398  2.070   1.00 17.33 ? 31  VAL A CG2 1 
ATOM   238  N N   . VAL A 1 32  ? -1.783  -4.710  1.152   1.00 19.68 ? 32  VAL A N   1 
ATOM   239  C CA  . VAL A 1 32  ? -0.397  -5.125  0.895   1.00 20.09 ? 32  VAL A CA  1 
ATOM   240  C C   . VAL A 1 32  ? 0.403   -5.161  2.168   1.00 19.17 ? 32  VAL A C   1 
ATOM   241  O O   . VAL A 1 32  ? 1.179   -6.097  2.373   1.00 20.12 ? 32  VAL A O   1 
ATOM   242  C CB  . VAL A 1 32  ? 0.304   -4.168  -0.040  1.00 20.21 ? 32  VAL A CB  1 
ATOM   243  C CG1 . VAL A 1 32  ? 1.812   -4.483  -0.141  1.00 19.24 ? 32  VAL A CG1 1 
ATOM   244  C CG2 . VAL A 1 32  ? -0.404  -4.130  -1.395  1.00 20.02 ? 32  VAL A CG2 1 
ATOM   245  N N   . THR A 1 33  ? 0.287   -4.146  3.023   1.00 17.27 ? 33  THR A N   1 
ATOM   246  C CA  . THR A 1 33  ? 1.032   -4.220  4.274   1.00 16.49 ? 33  THR A CA  1 
ATOM   247  C C   . THR A 1 33  ? 0.543   -5.344  5.198   1.00 15.99 ? 33  THR A C   1 
ATOM   248  O O   . THR A 1 33  ? 1.332   -5.926  5.909   1.00 17.22 ? 33  THR A O   1 
ATOM   249  C CB  . THR A 1 33  ? 1.045   -2.888  5.087   1.00 15.40 ? 33  THR A CB  1 
ATOM   250  O OG1 . THR A 1 33  ? -0.244  -2.623  5.661   1.00 18.02 ? 33  THR A OG1 1 
ATOM   251  C CG2 . THR A 1 33  ? 1.350   -1.695  4.164   1.00 16.84 ? 33  THR A CG2 1 
ATOM   252  N N   . ILE A 1 34  ? -0.748  -5.631  5.219   1.00 15.32 ? 34  ILE A N   1 
ATOM   253  C CA  . ILE A 1 34  ? -1.243  -6.639  6.113   1.00 15.17 ? 34  ILE A CA  1 
ATOM   254  C C   . ILE A 1 34  ? -0.730  -8.030  5.630   1.00 16.17 ? 34  ILE A C   1 
ATOM   255  O O   . ILE A 1 34  ? -0.203  -8.836  6.401   1.00 15.32 ? 34  ILE A O   1 
ATOM   256  C CB  . ILE A 1 34  ? -2.795  -6.547  6.116   1.00 14.88 ? 34  ILE A CB  1 
ATOM   257  C CG1 . ILE A 1 34  ? -3.240  -5.281  6.825   1.00 18.20 ? 34  ILE A CG1 1 
ATOM   258  C CG2 . ILE A 1 34  ? -3.394  -7.714  6.850   1.00 15.14 ? 34  ILE A CG2 1 
ATOM   259  C CD1 . ILE A 1 34  ? -4.655  -4.956  6.408   1.00 24.56 ? 34  ILE A CD1 1 
ATOM   260  N N   . GLU A 1 35  ? -0.851  -8.278  4.321   1.00 17.35 ? 35  GLU A N   1 
ATOM   261  C CA  . GLU A 1 35  ? -0.326  -9.522  3.705   1.00 18.15 ? 35  GLU A CA  1 
ATOM   262  C C   . GLU A 1 35  ? 1.173   -9.631  4.063   1.00 18.80 ? 35  GLU A C   1 
ATOM   263  O O   . GLU A 1 35  ? 1.684   -10.680 4.400   1.00 19.56 ? 35  GLU A O   1 
ATOM   264  C CB  . GLU A 1 35  ? -0.562  -9.443  2.177   1.00 18.24 ? 35  GLU A CB  1 
ATOM   265  C CG  . GLU A 1 35  ? -2.082  -9.454  1.852   1.00 16.36 ? 35  GLU A CG  1 
ATOM   266  C CD  . GLU A 1 35  ? -2.377  -9.253  0.391   1.00 20.58 ? 35  GLU A CD  1 
ATOM   267  O OE1 . GLU A 1 35  ? -1.469  -8.786  -0.336  1.00 20.03 ? 35  GLU A OE1 1 
ATOM   268  O OE2 . GLU A 1 35  ? -3.530  -9.568  -0.036  1.00 16.05 ? 35  GLU A OE2 1 
ATOM   269  N N   . GLY A 1 36  ? 1.883   -8.524  3.959   1.00 18.91 ? 36  GLY A N   1 
ATOM   270  C CA  . GLY A 1 36  ? 3.289   -8.474  4.339   1.00 18.88 ? 36  GLY A CA  1 
ATOM   271  C C   . GLY A 1 36  ? 3.608   -8.878  5.782   1.00 18.03 ? 36  GLY A C   1 
ATOM   272  O O   . GLY A 1 36  ? 4.398   -9.799  6.037   1.00 18.96 ? 36  GLY A O   1 
ATOM   273  N N   . ILE A 1 37  ? 3.000   -8.199  6.725   1.00 16.93 ? 37  ILE A N   1 
ATOM   274  C CA  . ILE A 1 37  ? 3.355   -8.445  8.105   1.00 17.48 ? 37  ILE A CA  1 
ATOM   275  C C   . ILE A 1 37  ? 2.889   -9.826  8.592   1.00 17.43 ? 37  ILE A C   1 
ATOM   276  O O   . ILE A 1 37  ? 3.565   -10.440 9.413   1.00 17.53 ? 37  ILE A O   1 
ATOM   277  C CB  . ILE A 1 37  ? 2.838   -7.325  9.037   1.00 17.25 ? 37  ILE A CB  1 
ATOM   278  C CG1 . ILE A 1 37  ? 3.527   -7.392  10.422  1.00 17.19 ? 37  ILE A CG1 1 
ATOM   279  C CG2 . ILE A 1 37  ? 1.312   -7.408  9.230   1.00 17.74 ? 37  ILE A CG2 1 
ATOM   280  C CD1 . ILE A 1 37  ? 5.048   -7.185  10.346  1.00 20.64 ? 37  ILE A CD1 1 
ATOM   281  N N   . ILE A 1 38  ? 1.753   -10.322 8.097   1.00 17.69 ? 38  ILE A N   1 
ATOM   282  C CA  . ILE A 1 38  ? 1.328   -11.641 8.522   1.00 18.33 ? 38  ILE A CA  1 
ATOM   283  C C   . ILE A 1 38  ? 2.358   -12.686 8.059   1.00 18.49 ? 38  ILE A C   1 
ATOM   284  O O   . ILE A 1 38  ? 2.655   -13.633 8.768   1.00 17.22 ? 38  ILE A O   1 
ATOM   285  C CB  . ILE A 1 38  ? -0.057  -12.039 7.983   1.00 19.52 ? 38  ILE A CB  1 
ATOM   286  C CG1 . ILE A 1 38  ? -1.183  -11.125 8.512   1.00 20.16 ? 38  ILE A CG1 1 
ATOM   287  C CG2 . ILE A 1 38  ? -0.316  -13.536 8.310   1.00 17.26 ? 38  ILE A CG2 1 
ATOM   288  C CD1 . ILE A 1 38  ? -1.046  -10.752 9.927   1.00 20.77 ? 38  ILE A CD1 1 
ATOM   289  N N   . LYS A 1 39  ? 2.899   -12.493 6.856   1.00 18.49 ? 39  LYS A N   1 
ATOM   290  C CA  . LYS A 1 39  ? 3.874   -13.441 6.344   1.00 17.71 ? 39  LYS A CA  1 
ATOM   291  C C   . LYS A 1 39  ? 5.118   -13.404 7.193   1.00 17.89 ? 39  LYS A C   1 
ATOM   292  O O   . LYS A 1 39  ? 5.615   -14.468 7.594   1.00 17.82 ? 39  LYS A O   1 
ATOM   293  C CB  . LYS A 1 39  ? 4.237   -13.139 4.887   1.00 17.95 ? 39  LYS A CB  1 
ATOM   294  C CG  . LYS A 1 39  ? 4.802   -14.307 4.166   1.00 17.41 ? 39  LYS A CG  1 
ATOM   295  C CD  . LYS A 1 39  ? 6.300   -14.444 4.340   1.00 20.25 ? 39  LYS A CD  1 
ATOM   296  C CE  . LYS A 1 39  ? 6.761   -15.841 3.791   1.00 22.79 ? 39  LYS A CE  1 
ATOM   297  N NZ  . LYS A 1 39  ? 8.275   -15.777 3.626   1.00 23.29 ? 39  LYS A NZ  1 
ATOM   298  N N   . ILE A 1 40  ? 5.569   -12.189 7.550   1.00 17.09 ? 40  ILE A N   1 
ATOM   299  C CA  . ILE A 1 40  ? 6.812   -12.053 8.299   1.00 16.17 ? 40  ILE A CA  1 
ATOM   300  C C   . ILE A 1 40  ? 6.679   -12.763 9.627   1.00 16.93 ? 40  ILE A C   1 
ATOM   301  O O   . ILE A 1 40  ? 7.599   -13.465 10.039  1.00 16.24 ? 40  ILE A O   1 
ATOM   302  C CB  . ILE A 1 40  ? 7.226   -10.572 8.444   1.00 16.23 ? 40  ILE A CB  1 
ATOM   303  C CG1 . ILE A 1 40  ? 7.726   -10.066 7.110   1.00 16.42 ? 40  ILE A CG1 1 
ATOM   304  C CG2 . ILE A 1 40  ? 8.308   -10.386 9.531   1.00 17.95 ? 40  ILE A CG2 1 
ATOM   305  C CD1 . ILE A 1 40  ? 7.450   -8.635  6.882   1.00 20.42 ? 40  ILE A CD1 1 
ATOM   306  N N   . ARG A 1 41  ? 5.517   -12.663 10.254  1.00 16.11 ? 41  ARG A N   1 
ATOM   307  C CA  . ARG A 1 41  ? 5.346   -13.252 11.581  1.00 17.95 ? 41  ARG A CA  1 
ATOM   308  C C   . ARG A 1 41  ? 5.015   -14.744 11.668  1.00 17.66 ? 41  ARG A C   1 
ATOM   309  O O   . ARG A 1 41  ? 5.429   -15.432 12.616  1.00 17.66 ? 41  ARG A O   1 
ATOM   310  C CB  . ARG A 1 41  ? 4.224   -12.510 12.317  1.00 18.98 ? 41  ARG A CB  1 
ATOM   311  C CG  . ARG A 1 41  ? 4.530   -11.103 12.636  1.00 21.71 ? 41  ARG A CG  1 
ATOM   312  C CD  . ARG A 1 41  ? 5.307   -10.906 13.894  1.00 28.60 ? 41  ARG A CD  1 
ATOM   313  N NE  . ARG A 1 41  ? 5.926   -9.608  13.751  1.00 34.30 ? 41  ARG A NE  1 
ATOM   314  C CZ  . ARG A 1 41  ? 7.195   -9.451  13.452  1.00 38.25 ? 41  ARG A CZ  1 
ATOM   315  N NH1 . ARG A 1 41  ? 7.966   -10.537 13.360  1.00 40.87 ? 41  ARG A NH1 1 
ATOM   316  N NH2 . ARG A 1 41  ? 7.698   -8.232  13.276  1.00 35.93 ? 41  ARG A NH2 1 
ATOM   317  N N   . THR A 1 42  ? 4.193   -15.229 10.740  1.00 17.27 ? 42  THR A N   1 
ATOM   318  C CA  . THR A 1 42  ? 3.680   -16.601 10.817  1.00 16.93 ? 42  THR A CA  1 
ATOM   319  C C   . THR A 1 42  ? 4.251   -17.456 9.732   1.00 17.92 ? 42  THR A C   1 
ATOM   320  O O   . THR A 1 42  ? 3.932   -18.606 9.677   1.00 19.10 ? 42  THR A O   1 
ATOM   321  C CB  . THR A 1 42  ? 2.134   -16.648 10.598  1.00 16.32 ? 42  THR A CB  1 
ATOM   322  O OG1 . THR A 1 42  ? 1.832   -16.265 9.231   1.00 15.22 ? 42  THR A OG1 1 
ATOM   323  C CG2 . THR A 1 42  ? 1.455   -15.608 11.412  1.00 14.17 ? 42  THR A CG2 1 
ATOM   324  N N   . GLY A 1 43  ? 5.012   -16.876 8.820   1.00 19.22 ? 43  GLY A N   1 
ATOM   325  C CA  . GLY A 1 43  ? 5.583   -17.632 7.715   1.00 20.34 ? 43  GLY A CA  1 
ATOM   326  C C   . GLY A 1 43  ? 4.642   -17.935 6.555   1.00 20.61 ? 43  GLY A C   1 
ATOM   327  O O   . GLY A 1 43  ? 5.070   -18.467 5.534   1.00 20.90 ? 43  GLY A O   1 
ATOM   328  N N   . ASN A 1 44  ? 3.375   -17.564 6.670   1.00 19.86 ? 44  ASN A N   1 
ATOM   329  C CA  . ASN A 1 44  ? 2.411   -17.894 5.607   1.00 19.53 ? 44  ASN A CA  1 
ATOM   330  C C   . ASN A 1 44  ? 1.885   -16.686 4.869   1.00 18.50 ? 44  ASN A C   1 
ATOM   331  O O   . ASN A 1 44  ? 1.502   -15.694 5.477   1.00 17.53 ? 44  ASN A O   1 
ATOM   332  C CB  . ASN A 1 44  ? 1.258   -18.739 6.171   1.00 18.65 ? 44  ASN A CB  1 
ATOM   333  C CG  . ASN A 1 44  ? 1.716   -20.102 6.612   1.00 20.42 ? 44  ASN A CG  1 
ATOM   334  O OD1 . ASN A 1 44  ? 1.732   -21.040 5.830   1.00 25.01 ? 44  ASN A OD1 1 
ATOM   335  N ND2 . ASN A 1 44  ? 2.096   -20.221 7.860   1.00 19.13 ? 44  ASN A ND2 1 
ATOM   336  N N   . LEU A 1 45  ? 1.878   -16.788 3.550   1.00 18.43 ? 45  LEU A N   1 
ATOM   337  C CA  . LEU A 1 45  ? 1.444   -15.703 2.701   1.00 18.91 ? 45  LEU A CA  1 
ATOM   338  C C   . LEU A 1 45  ? 0.012   -15.933 2.305   1.00 19.65 ? 45  LEU A C   1 
ATOM   339  O O   . LEU A 1 45  ? -0.329  -16.985 1.784   1.00 18.94 ? 45  LEU A O   1 
ATOM   340  C CB  . LEU A 1 45  ? 2.338   -15.563 1.451   1.00 18.54 ? 45  LEU A CB  1 
ATOM   341  C CG  . LEU A 1 45  ? 1.943   -14.342 0.616   1.00 15.67 ? 45  LEU A CG  1 
ATOM   342  C CD1 . LEU A 1 45  ? 2.350   -12.997 1.313   1.00 14.96 ? 45  LEU A CD1 1 
ATOM   343  C CD2 . LEU A 1 45  ? 2.601   -14.421 -0.806  1.00 18.16 ? 45  LEU A CD2 1 
ATOM   344  N N   . ASN A 1 46  ? -0.845  -14.955 2.592   1.00 20.01 ? 46  ASN A N   1 
ATOM   345  C CA  . ASN A 1 46  ? -2.250  -15.084 2.215   1.00 21.00 ? 46  ASN A CA  1 
ATOM   346  C C   . ASN A 1 46  ? -2.753  -13.778 1.615   1.00 20.41 ? 46  ASN A C   1 
ATOM   347  O O   . ASN A 1 46  ? -2.210  -12.724 1.919   1.00 21.34 ? 46  ASN A O   1 
ATOM   348  C CB  . ASN A 1 46  ? -3.113  -15.414 3.449   1.00 20.94 ? 46  ASN A CB  1 
ATOM   349  C CG  . ASN A 1 46  ? -2.698  -16.694 4.144   1.00 23.49 ? 46  ASN A CG  1 
ATOM   350  O OD1 . ASN A 1 46  ? -2.021  -16.678 5.179   1.00 28.06 ? 46  ASN A OD1 1 
ATOM   351  N ND2 . ASN A 1 46  ? -3.106  -17.803 3.593   1.00 23.66 ? 46  ASN A ND2 1 
ATOM   352  N N   . GLU A 1 47  ? -3.777  -13.842 0.779   1.00 19.45 ? 47  GLU A N   1 
ATOM   353  C CA  . GLU A 1 47  ? -4.405  -12.642 0.269   1.00 19.28 ? 47  GLU A CA  1 
ATOM   354  C C   . GLU A 1 47  ? -5.563  -12.216 1.132   1.00 19.28 ? 47  GLU A C   1 
ATOM   355  O O   . GLU A 1 47  ? -6.352  -13.066 1.599   1.00 19.49 ? 47  GLU A O   1 
ATOM   356  C CB  . GLU A 1 47  ? -4.887  -12.865 -1.126  1.00 19.22 ? 47  GLU A CB  1 
ATOM   357  C CG  . GLU A 1 47  ? -3.735  -12.938 -2.128  1.00 20.54 ? 47  GLU A CG  1 
ATOM   358  C CD  . GLU A 1 47  ? -4.235  -13.132 -3.558  1.00 23.86 ? 47  GLU A CD  1 
ATOM   359  O OE1 . GLU A 1 47  ? -5.200  -13.941 -3.773  1.00 20.75 ? 47  GLU A OE1 1 
ATOM   360  O OE2 . GLU A 1 47  ? -3.669  -12.436 -4.451  1.00 26.91 ? 47  GLU A OE2 1 
ATOM   361  N N   . TYR A 1 48  ? -5.676  -10.908 1.370   1.00 19.14 ? 48  TYR A N   1 
ATOM   362  C CA  . TYR A 1 48  ? -6.775  -10.450 2.193   1.00 19.35 ? 48  TYR A CA  1 
ATOM   363  C C   . TYR A 1 48  ? -7.710  -9.575  1.412   1.00 19.81 ? 48  TYR A C   1 
ATOM   364  O O   . TYR A 1 48  ? -7.370  -9.090  0.331   1.00 19.90 ? 48  TYR A O   1 
ATOM   365  C CB  . TYR A 1 48  ? -6.268  -9.801  3.489   1.00 19.38 ? 48  TYR A CB  1 
ATOM   366  C CG  . TYR A 1 48  ? -5.576  -10.837 4.343   1.00 20.64 ? 48  TYR A CG  1 
ATOM   367  C CD1 . TYR A 1 48  ? -6.315  -11.792 5.084   1.00 18.39 ? 48  TYR A CD1 1 
ATOM   368  C CD2 . TYR A 1 48  ? -4.193  -10.885 4.410   1.00 23.13 ? 48  TYR A CD2 1 
ATOM   369  C CE1 . TYR A 1 48  ? -5.655  -12.741 5.864   1.00 19.02 ? 48  TYR A CE1 1 
ATOM   370  C CE2 . TYR A 1 48  ? -3.533  -11.839 5.173   1.00 22.69 ? 48  TYR A CE2 1 
ATOM   371  C CZ  . TYR A 1 48  ? -4.253  -12.758 5.885   1.00 23.64 ? 48  TYR A CZ  1 
ATOM   372  O OH  . TYR A 1 48  ? -3.553  -13.692 6.621   1.00 21.36 ? 48  TYR A OH  1 
ATOM   373  N N   . SER A 1 49  ? -8.894  -9.391  1.974   1.00 19.10 ? 49  SER A N   1 
ATOM   374  C CA  . SER A 1 49  ? -9.954  -8.670  1.297   1.00 18.07 ? 49  SER A CA  1 
ATOM   375  C C   . SER A 1 49  ? -9.898  -7.104  1.250   1.00 17.52 ? 49  SER A C   1 
ATOM   376  O O   . SER A 1 49  ? -10.104 -6.402  2.263   1.00 16.84 ? 49  SER A O   1 
ATOM   377  C CB  . SER A 1 49  ? -11.286 -9.171  1.851   1.00 16.30 ? 49  SER A CB  1 
ATOM   378  O OG  . SER A 1 49  ? -12.321 -8.292  1.474   1.00 16.57 ? 49  SER A OG  1 
ATOM   379  N N   . GLU A 1 50  ? -9.655  -6.552  0.059   1.00 16.60 ? 50  GLU A N   1 
ATOM   380  C CA  . GLU A 1 50  ? -9.753  -5.102  -0.068  1.00 15.62 ? 50  GLU A CA  1 
ATOM   381  C C   . GLU A 1 50  ? -11.226 -4.707  0.028   1.00 17.08 ? 50  GLU A C   1 
ATOM   382  O O   . GLU A 1 50  ? -11.566 -3.643  0.595   1.00 17.20 ? 50  GLU A O   1 
ATOM   383  C CB  . GLU A 1 50  ? -9.228  -4.611  -1.415  1.00 15.36 ? 50  GLU A CB  1 
ATOM   384  C CG  . GLU A 1 50  ? -7.739  -4.814  -1.675  1.00 14.32 ? 50  GLU A CG  1 
ATOM   385  C CD  . GLU A 1 50  ? -7.427  -6.205  -2.096  1.00 16.54 ? 50  GLU A CD  1 
ATOM   386  O OE1 . GLU A 1 50  ? -8.375  -6.968  -2.246  1.00 13.98 ? 50  GLU A OE1 1 
ATOM   387  O OE2 . GLU A 1 50  ? -6.229  -6.536  -2.257  1.00 20.91 ? 50  GLU A OE2 1 
ATOM   388  N N   . GLN A 1 51  ? -12.105 -5.542  -0.530  1.00 16.21 ? 51  GLN A N   1 
ATOM   389  C CA  . GLN A 1 51  ? -13.526 -5.249  -0.541  1.00 17.22 ? 51  GLN A CA  1 
ATOM   390  C C   . GLN A 1 51  ? -14.081 -5.000  0.822   1.00 16.66 ? 51  GLN A C   1 
ATOM   391  O O   . GLN A 1 51  ? -14.930 -4.121  0.993   1.00 17.34 ? 51  GLN A O   1 
ATOM   392  C CB  . GLN A 1 51  ? -14.308 -6.396  -1.184  1.00 17.36 ? 51  GLN A CB  1 
ATOM   393  C CG  . GLN A 1 51  ? -15.792 -6.137  -1.363  1.00 17.27 ? 51  GLN A CG  1 
ATOM   394  C CD  . GLN A 1 51  ? -16.047 -5.042  -2.350  1.00 14.78 ? 51  GLN A CD  1 
ATOM   395  O OE1 . GLN A 1 51  ? -15.350 -4.925  -3.363  1.00 14.74 ? 51  GLN A OE1 1 
ATOM   396  N NE2 . GLN A 1 51  ? -17.039 -4.218  -2.058  1.00 17.23 ? 51  GLN A NE2 1 
ATOM   397  N N   . GLU A 1 52  ? -13.616 -5.780  1.792   1.00 16.45 ? 52  GLU A N   1 
ATOM   398  C CA  . GLU A 1 52  ? -14.091 -5.678  3.176   1.00 17.44 ? 52  GLU A CA  1 
ATOM   399  C C   . GLU A 1 52  ? -13.813 -4.271  3.771   1.00 17.22 ? 52  GLU A C   1 
ATOM   400  O O   . GLU A 1 52  ? -14.672 -3.678  4.441   1.00 17.08 ? 52  GLU A O   1 
ATOM   401  C CB  . GLU A 1 52  ? -13.534 -6.825  4.063   1.00 16.80 ? 52  GLU A CB  1 
ATOM   402  C CG  . GLU A 1 52  ? -13.963 -6.837  5.546   1.00 18.59 ? 52  GLU A CG  1 
ATOM   403  C CD  . GLU A 1 52  ? -13.681 -8.188  6.229   1.00 20.74 ? 52  GLU A CD  1 
ATOM   404  O OE1 . GLU A 1 52  ? -12.574 -8.733  6.032   1.00 21.33 ? 52  GLU A OE1 1 
ATOM   405  O OE2 . GLU A 1 52  ? -14.561 -8.726  6.933   1.00 14.27 ? 52  GLU A OE2 1 
ATOM   406  N N   . LEU A 1 53  ? -12.616 -3.751  3.534   1.00 18.13 ? 53  LEU A N   1 
ATOM   407  C CA  . LEU A 1 53  ? -12.282 -2.388  3.959   1.00 17.07 ? 53  LEU A CA  1 
ATOM   408  C C   . LEU A 1 53  ? -13.112 -1.341  3.214   1.00 17.68 ? 53  LEU A C   1 
ATOM   409  O O   . LEU A 1 53  ? -13.609 -0.363  3.793   1.00 16.00 ? 53  LEU A O   1 
ATOM   410  C CB  . LEU A 1 53  ? -10.819 -2.136  3.709   1.00 17.73 ? 53  LEU A CB  1 
ATOM   411  C CG  . LEU A 1 53  ? -9.976  -3.297  4.210   1.00 18.32 ? 53  LEU A CG  1 
ATOM   412  C CD1 . LEU A 1 53  ? -8.530  -3.001  3.919   1.00 19.86 ? 53  LEU A CD1 1 
ATOM   413  C CD2 . LEU A 1 53  ? -10.188 -3.408  5.717   1.00 17.64 ? 53  LEU A CD2 1 
ATOM   414  N N   . LEU A 1 54  ? -13.250 -1.539  1.911   1.00 18.27 ? 54  LEU A N   1 
ATOM   415  C CA  . LEU A 1 54  ? -14.072 -0.641  1.107   1.00 19.29 ? 54  LEU A CA  1 
ATOM   416  C C   . LEU A 1 54  ? -15.505 -0.481  1.654   1.00 19.34 ? 54  LEU A C   1 
ATOM   417  O O   . LEU A 1 54  ? -16.017 0.657   1.732   1.00 18.79 ? 54  LEU A O   1 
ATOM   418  C CB  . LEU A 1 54  ? -14.090 -1.128  -0.334  1.00 19.97 ? 54  LEU A CB  1 
ATOM   419  C CG  . LEU A 1 54  ? -14.644 -0.184  -1.377  1.00 23.05 ? 54  LEU A CG  1 
ATOM   420  C CD1 . LEU A 1 54  ? -13.688 0.956   -1.536  1.00 26.12 ? 54  LEU A CD1 1 
ATOM   421  C CD2 . LEU A 1 54  ? -14.755 -0.941  -2.669  1.00 26.73 ? 54  LEU A CD2 1 
ATOM   422  N N   . ASP A 1 55  ? -16.124 -1.589  2.083   1.00 18.86 ? 55  ASP A N   1 
ATOM   423  C CA  . ASP A 1 55  ? -17.495 -1.575  2.605   1.00 19.10 ? 55  ASP A CA  1 
ATOM   424  C C   . ASP A 1 55  ? -17.664 -1.237  4.070   1.00 19.48 ? 55  ASP A C   1 
ATOM   425  O O   . ASP A 1 55  ? -18.751 -0.895  4.475   1.00 18.71 ? 55  ASP A O   1 
ATOM   426  C CB  . ASP A 1 55  ? -18.160 -2.962  2.510   1.00 18.50 ? 55  ASP A CB  1 
ATOM   427  C CG  . ASP A 1 55  ? -18.295 -3.456  1.108   1.00 19.40 ? 55  ASP A CG  1 
ATOM   428  O OD1 . ASP A 1 55  ? -18.403 -2.605  0.209   1.00 21.90 ? 55  ASP A OD1 1 
ATOM   429  O OD2 . ASP A 1 55  ? -18.320 -4.675  0.809   1.00 19.89 ? 55  ASP A OD2 1 
ATOM   430  N N   . CYS A 1 56  ? -16.629 -1.439  4.876   1.00 20.17 ? 56  CYS A N   1 
ATOM   431  C CA  . CYS A 1 56  ? -16.765 -1.330  6.327   1.00 19.58 ? 56  CYS A CA  1 
ATOM   432  C C   . CYS A 1 56  ? -16.122 -0.098  6.970   1.00 20.32 ? 56  CYS A C   1 
ATOM   433  O O   . CYS A 1 56  ? -16.515 0.297   8.051   1.00 20.13 ? 56  CYS A O   1 
ATOM   434  C CB  . CYS A 1 56  ? -16.201 -2.578  6.988   1.00 18.58 ? 56  CYS A CB  1 
ATOM   435  S SG  . CYS A 1 56  ? -16.970 -4.110  6.438   1.00 21.06 ? 56  CYS A SG  1 
ATOM   436  N N   . ASP A 1 57  ? -15.123 0.498   6.344   1.00 20.45 ? 57  ASP A N   1 
ATOM   437  C CA  . ASP A 1 57  ? -14.477 1.617   6.974   1.00 21.86 ? 57  ASP A CA  1 
ATOM   438  C C   . ASP A 1 57  ? -15.338 2.819   6.807   1.00 23.47 ? 57  ASP A C   1 
ATOM   439  O O   . ASP A 1 57  ? -15.356 3.411   5.730   1.00 24.76 ? 57  ASP A O   1 
ATOM   440  C CB  . ASP A 1 57  ? -13.152 1.880   6.310   1.00 23.04 ? 57  ASP A CB  1 
ATOM   441  C CG  . ASP A 1 57  ? -12.413 3.014   6.942   1.00 23.24 ? 57  ASP A CG  1 
ATOM   442  O OD1 . ASP A 1 57  ? -12.979 3.668   7.853   1.00 24.06 ? 57  ASP A OD1 1 
ATOM   443  O OD2 . ASP A 1 57  ? -11.270 3.325   6.557   1.00 21.22 ? 57  ASP A OD2 1 
ATOM   444  N N   . ARG A 1 58  ? -16.000 3.199   7.893   1.00 23.18 ? 58  ARG A N   1 
ATOM   445  C CA  . ARG A 1 58  ? -16.945 4.303   7.920   1.00 25.33 ? 58  ARG A CA  1 
ATOM   446  C C   . ARG A 1 58  ? -16.334 5.696   7.818   1.00 24.96 ? 58  ARG A C   1 
ATOM   447  O O   . ARG A 1 58  ? -17.048 6.673   7.581   1.00 24.46 ? 58  ARG A O   1 
ATOM   448  C CB  . ARG A 1 58  ? -17.776 4.208   9.207   1.00 25.20 ? 58  ARG A CB  1 
ATOM   449  C CG  . ARG A 1 58  ? -19.028 5.008   9.194   1.00 28.90 ? 58  ARG A CG  1 
ATOM   450  C CD  . ARG A 1 58  ? -19.873 4.865   10.455  1.00 32.48 ? 58  ARG A CD  1 
ATOM   451  N NE  . ARG A 1 58  ? -21.260 5.236   10.211  1.00 34.25 ? 58  ARG A NE  1 
ATOM   452  C CZ  . ARG A 1 58  ? -22.271 4.696   10.864  1.00 38.61 ? 58  ARG A CZ  1 
ATOM   453  N NH1 . ARG A 1 58  ? -22.011 3.777   11.789  1.00 40.83 ? 58  ARG A NH1 1 
ATOM   454  N NH2 . ARG A 1 58  ? -23.534 5.065   10.616  1.00 39.73 ? 58  ARG A NH2 1 
ATOM   455  N N   . ARG A 1 59  ? -15.023 5.788   8.007   1.00 25.13 ? 59  ARG A N   1 
ATOM   456  C CA  . ARG A 1 59  ? -14.341 7.083   7.964   1.00 25.26 ? 59  ARG A CA  1 
ATOM   457  C C   . ARG A 1 59  ? -13.968 7.389   6.541   1.00 25.20 ? 59  ARG A C   1 
ATOM   458  O O   . ARG A 1 59  ? -13.755 8.545   6.176   1.00 24.64 ? 59  ARG A O   1 
ATOM   459  C CB  . ARG A 1 59  ? -13.071 7.046   8.817   1.00 25.73 ? 59  ARG A CB  1 
ATOM   460  C CG  . ARG A 1 59  ? -13.325 6.606   10.237  1.00 27.15 ? 59  ARG A CG  1 
ATOM   461  C CD  . ARG A 1 59  ? -12.226 6.941   11.208  1.00 30.17 ? 59  ARG A CD  1 
ATOM   462  N NE  . ARG A 1 59  ? -12.786 7.112   12.542  1.00 34.68 ? 59  ARG A NE  1 
ATOM   463  C CZ  . ARG A 1 59  ? -12.063 7.384   13.615  1.00 36.85 ? 59  ARG A CZ  1 
ATOM   464  N NH1 . ARG A 1 59  ? -10.748 7.509   13.491  1.00 40.57 ? 59  ARG A NH1 1 
ATOM   465  N NH2 . ARG A 1 59  ? -12.638 7.524   14.806  1.00 36.32 ? 59  ARG A NH2 1 
ATOM   466  N N   . SER A 1 60  ? -13.876 6.323   5.742   1.00 25.02 ? 60  SER A N   1 
ATOM   467  C CA  . SER A 1 60  ? -13.521 6.447   4.337   1.00 24.80 ? 60  SER A CA  1 
ATOM   468  C C   . SER A 1 60  ? -14.751 6.578   3.399   1.00 24.60 ? 60  SER A C   1 
ATOM   469  O O   . SER A 1 60  ? -15.900 6.402   3.828   1.00 23.02 ? 60  SER A O   1 
ATOM   470  C CB  . SER A 1 60  ? -12.579 5.309   3.954   1.00 24.49 ? 60  SER A CB  1 
ATOM   471  O OG  . SER A 1 60  ? -11.344 5.487   4.639   1.00 23.63 ? 60  SER A OG  1 
ATOM   472  N N   . TYR A 1 61  ? -14.499 6.878   2.121   1.00 24.44 ? 61  TYR A N   1 
ATOM   473  C CA  . TYR A 1 61  ? -15.604 7.221   1.206   1.00 24.62 ? 61  TYR A CA  1 
ATOM   474  C C   . TYR A 1 61  ? -15.832 6.179   0.133   1.00 23.51 ? 61  TYR A C   1 
ATOM   475  O O   . TYR A 1 61  ? -16.216 6.518   -0.978  1.00 22.92 ? 61  TYR A O   1 
ATOM   476  C CB  . TYR A 1 61  ? -15.360 8.570   0.514   1.00 24.20 ? 61  TYR A CB  1 
ATOM   477  C CG  . TYR A 1 61  ? -14.917 9.705   1.409   1.00 26.66 ? 61  TYR A CG  1 
ATOM   478  C CD1 . TYR A 1 61  ? -15.760 10.224  2.390   1.00 27.46 ? 61  TYR A CD1 1 
ATOM   479  C CD2 . TYR A 1 61  ? -13.654 10.285  1.251   1.00 28.72 ? 61  TYR A CD2 1 
ATOM   480  C CE1 . TYR A 1 61  ? -15.356 11.284  3.203   1.00 29.97 ? 61  TYR A CE1 1 
ATOM   481  C CE2 . TYR A 1 61  ? -13.233 11.334  2.054   1.00 29.93 ? 61  TYR A CE2 1 
ATOM   482  C CZ  . TYR A 1 61  ? -14.085 11.832  3.032   1.00 31.57 ? 61  TYR A CZ  1 
ATOM   483  O OH  . TYR A 1 61  ? -13.659 12.883  3.822   1.00 32.15 ? 61  TYR A OH  1 
ATOM   484  N N   . GLY A 1 62  ? -15.589 4.916   0.460   1.00 23.66 ? 62  GLY A N   1 
ATOM   485  C CA  . GLY A 1 62  ? -15.781 3.852   -0.512  1.00 23.41 ? 62  GLY A CA  1 
ATOM   486  C C   . GLY A 1 62  ? -15.027 4.104   -1.812  1.00 22.77 ? 62  GLY A C   1 
ATOM   487  O O   . GLY A 1 62  ? -13.828 4.230   -1.787  1.00 22.56 ? 62  GLY A O   1 
ATOM   488  N N   . CYS A 1 63  ? -15.730 4.193   -2.940  1.00 22.56 ? 63  CYS A N   1 
ATOM   489  C CA  . CYS A 1 63  ? -15.069 4.363   -4.245  1.00 22.25 ? 63  CYS A CA  1 
ATOM   490  C C   . CYS A 1 63  ? -14.712 5.809   -4.524  1.00 22.37 ? 63  CYS A C   1 
ATOM   491  O O   . CYS A 1 63  ? -14.126 6.156   -5.552  1.00 21.99 ? 63  CYS A O   1 
ATOM   492  C CB  . CYS A 1 63  ? -15.906 3.767   -5.384  1.00 21.63 ? 63  CYS A CB  1 
ATOM   493  S SG  . CYS A 1 63  ? -15.834 1.955   -5.396  1.00 20.32 ? 63  CYS A SG  1 
ATOM   494  N N   . ASN A 1 64  ? -15.039 6.659   -3.575  1.00 23.21 ? 64  ASN A N   1 
ATOM   495  C CA  . ASN A 1 64  ? -14.704 8.056   -3.694  1.00 22.55 ? 64  ASN A CA  1 
ATOM   496  C C   . ASN A 1 64  ? -13.425 8.437   -2.972  1.00 23.08 ? 64  ASN A C   1 
ATOM   497  O O   . ASN A 1 64  ? -13.043 9.603   -2.965  1.00 22.82 ? 64  ASN A O   1 
ATOM   498  C CB  . ASN A 1 64  ? -15.850 8.866   -3.171  1.00 22.87 ? 64  ASN A CB  1 
ATOM   499  C CG  . ASN A 1 64  ? -17.043 8.793   -4.072  1.00 22.15 ? 64  ASN A CG  1 
ATOM   500  O OD1 . ASN A 1 64  ? -18.144 8.502   -3.630  1.00 20.00 ? 64  ASN A OD1 1 
ATOM   501  N ND2 . ASN A 1 64  ? -16.832 9.085   -5.345  1.00 22.34 ? 64  ASN A ND2 1 
ATOM   502  N N   . GLY A 1 65  ? -12.750 7.464   -2.372  1.00 23.08 ? 65  GLY A N   1 
ATOM   503  C CA  . GLY A 1 65  ? -11.491 7.736   -1.713  1.00 22.77 ? 65  GLY A CA  1 
ATOM   504  C C   . GLY A 1 65  ? -11.557 7.410   -0.235  1.00 22.90 ? 65  GLY A C   1 
ATOM   505  O O   . GLY A 1 65  ? -12.632 7.110   0.288   1.00 22.03 ? 65  GLY A O   1 
ATOM   506  N N   . GLY A 1 66  ? -10.407 7.452   0.441   1.00 22.32 ? 66  GLY A N   1 
ATOM   507  C CA  . GLY A 1 66  ? -10.370 7.097   1.851   1.00 21.39 ? 66  GLY A CA  1 
ATOM   508  C C   . GLY A 1 66  ? -8.972  7.209   2.413   1.00 21.12 ? 66  GLY A C   1 
ATOM   509  O O   . GLY A 1 66  ? -8.083  7.782   1.771   1.00 21.39 ? 66  GLY A O   1 
ATOM   510  N N   . TYR A 1 67  ? -8.771  6.658   3.606   1.00 20.80 ? 67  TYR A N   1 
ATOM   511  C CA  . TYR A 1 67  ? -7.488  6.789   4.329   1.00 21.48 ? 67  TYR A CA  1 
ATOM   512  C C   . TYR A 1 67  ? -6.860  5.439   4.725   1.00 21.12 ? 67  TYR A C   1 
ATOM   513  O O   . TYR A 1 67  ? -7.433  4.691   5.520   1.00 19.71 ? 67  TYR A O   1 
ATOM   514  C CB  . TYR A 1 67  ? -7.684  7.649   5.595   1.00 21.20 ? 67  TYR A CB  1 
ATOM   515  C CG  . TYR A 1 67  ? -8.492  8.893   5.370   1.00 22.24 ? 67  TYR A CG  1 
ATOM   516  C CD1 . TYR A 1 67  ? -8.005  9.926   4.593   1.00 24.40 ? 67  TYR A CD1 1 
ATOM   517  C CD2 . TYR A 1 67  ? -9.750  9.036   5.921   1.00 23.13 ? 67  TYR A CD2 1 
ATOM   518  C CE1 . TYR A 1 67  ? -8.737  11.063  4.381   1.00 23.67 ? 67  TYR A CE1 1 
ATOM   519  C CE2 . TYR A 1 67  ? -10.500 10.199  5.718   1.00 25.15 ? 67  TYR A CE2 1 
ATOM   520  C CZ  . TYR A 1 67  ? -9.979  11.192  4.940   1.00 24.22 ? 67  TYR A CZ  1 
ATOM   521  O OH  . TYR A 1 67  ? -10.698 12.315  4.700   1.00 25.66 ? 67  TYR A OH  1 
ATOM   522  N N   . PRO A 1 68  ? -5.661  5.149   4.230   1.00 21.41 ? 68  PRO A N   1 
ATOM   523  C CA  . PRO A 1 68  ? -5.046  3.850   4.498   1.00 21.35 ? 68  PRO A CA  1 
ATOM   524  C C   . PRO A 1 68  ? -4.848  3.724   6.010   1.00 21.29 ? 68  PRO A C   1 
ATOM   525  O O   . PRO A 1 68  ? -4.947  2.640   6.575   1.00 20.48 ? 68  PRO A O   1 
ATOM   526  C CB  . PRO A 1 68  ? -3.701  3.937   3.792   1.00 22.29 ? 68  PRO A CB  1 
ATOM   527  C CG  . PRO A 1 68  ? -3.746  5.183   2.939   1.00 21.62 ? 68  PRO A CG  1 
ATOM   528  C CD  . PRO A 1 68  ? -4.760  6.062   3.508   1.00 22.49 ? 68  PRO A CD  1 
ATOM   529  N N   . TRP A 1 69  ? -4.608  4.831   6.694   1.00 19.77 ? 69  TRP A N   1 
ATOM   530  C CA  . TRP A 1 69  ? -4.472  4.671   8.128   1.00 21.08 ? 69  TRP A CA  1 
ATOM   531  C C   . TRP A 1 69  ? -5.795  4.255   8.857   1.00 19.98 ? 69  TRP A C   1 
ATOM   532  O O   . TRP A 1 69  ? -5.753  3.579   9.877   1.00 19.33 ? 69  TRP A O   1 
ATOM   533  C CB  . TRP A 1 69  ? -3.873  5.904   8.748   1.00 21.38 ? 69  TRP A CB  1 
ATOM   534  C CG  . TRP A 1 69  ? -4.655  7.123   8.541   1.00 25.76 ? 69  TRP A CG  1 
ATOM   535  C CD1 . TRP A 1 69  ? -4.420  8.130   7.620   1.00 30.61 ? 69  TRP A CD1 1 
ATOM   536  C CD2 . TRP A 1 69  ? -5.795  7.524   9.286   1.00 29.77 ? 69  TRP A CD2 1 
ATOM   537  N NE1 . TRP A 1 69  ? -5.352  9.133   7.780   1.00 30.84 ? 69  TRP A NE1 1 
ATOM   538  C CE2 . TRP A 1 69  ? -6.211  8.782   8.789   1.00 29.71 ? 69  TRP A CE2 1 
ATOM   539  C CE3 . TRP A 1 69  ? -6.511  6.952   10.341  1.00 31.61 ? 69  TRP A CE3 1 
ATOM   540  C CZ2 . TRP A 1 69  ? -7.302  9.462   9.305   1.00 32.65 ? 69  TRP A CZ2 1 
ATOM   541  C CZ3 . TRP A 1 69  ? -7.595  7.629   10.851  1.00 32.84 ? 69  TRP A CZ3 1 
ATOM   542  C CH2 . TRP A 1 69  ? -7.985  8.869   10.334  1.00 33.13 ? 69  TRP A CH2 1 
ATOM   543  N N   . SER A 1 70  ? -6.951  4.635   8.315   1.00 19.27 ? 70  SER A N   1 
ATOM   544  C CA  . SER A 1 70  ? -8.261  4.251   8.924   1.00 18.46 ? 70  SER A CA  1 
ATOM   545  C C   . SER A 1 70  ? -8.468  2.785   8.736   1.00 18.92 ? 70  SER A C   1 
ATOM   546  O O   . SER A 1 70  ? -9.055  2.103   9.591   1.00 18.59 ? 70  SER A O   1 
ATOM   547  C CB  . SER A 1 70  ? -9.416  4.920   8.206   1.00 17.54 ? 70  SER A CB  1 
ATOM   548  O OG  . SER A 1 70  ? -10.666 4.489   8.742   1.00 17.79 ? 70  SER A OG  1 
ATOM   549  N N   . ALA A 1 71  ? -7.993  2.301   7.596   1.00 18.60 ? 71  ALA A N   1 
ATOM   550  C CA  . ALA A 1 71  ? -8.177  0.918   7.270   1.00 20.41 ? 71  ALA A CA  1 
ATOM   551  C C   . ALA A 1 71  ? -7.340  0.101   8.211   1.00 20.88 ? 71  ALA A C   1 
ATOM   552  O O   . ALA A 1 71  ? -7.798  -0.906  8.790   1.00 21.51 ? 71  ALA A O   1 
ATOM   553  C CB  . ALA A 1 71  ? -7.765  0.648   5.828   1.00 20.02 ? 71  ALA A CB  1 
ATOM   554  N N   . LEU A 1 72  ? -6.099  0.535   8.374   1.00 21.41 ? 72  LEU A N   1 
ATOM   555  C CA  . LEU A 1 72  ? -5.207  -0.246  9.197   1.00 21.70 ? 72  LEU A CA  1 
ATOM   556  C C   . LEU A 1 72  ? -5.768  -0.352  10.622  1.00 22.19 ? 72  LEU A C   1 
ATOM   557  O O   . LEU A 1 72  ? -5.792  -1.432  11.171  1.00 22.42 ? 72  LEU A O   1 
ATOM   558  C CB  . LEU A 1 72  ? -3.794  0.322   9.159   1.00 21.86 ? 72  LEU A CB  1 
ATOM   559  C CG  . LEU A 1 72  ? -3.033  0.153   7.844   1.00 20.65 ? 72  LEU A CG  1 
ATOM   560  C CD1 . LEU A 1 72  ? -1.636  0.764   7.981   1.00 19.21 ? 72  LEU A CD1 1 
ATOM   561  C CD2 . LEU A 1 72  ? -2.967  -1.341  7.394   1.00 22.81 ? 72  LEU A CD2 1 
ATOM   562  N N   . GLN A 1 73  ? -6.226  0.753   11.221  1.00 23.14 ? 73  GLN A N   1 
ATOM   563  C CA  . GLN A 1 73  ? -6.827  0.688   12.555  1.00 23.52 ? 73  GLN A CA  1 
ATOM   564  C C   . GLN A 1 73  ? -8.042  -0.260  12.592  1.00 22.75 ? 73  GLN A C   1 
ATOM   565  O O   . GLN A 1 73  ? -8.338  -0.843  13.630  1.00 22.40 ? 73  GLN A O   1 
ATOM   566  C CB  . GLN A 1 73  ? -7.250  2.069   13.081  1.00 24.22 ? 73  GLN A CB  1 
ATOM   567  C CG  . GLN A 1 73  ? -6.142  2.937   13.642  1.00 28.01 ? 73  GLN A CG  1 
ATOM   568  C CD  . GLN A 1 73  ? -6.605  4.377   13.877  1.00 33.83 ? 73  GLN A CD  1 
ATOM   569  O OE1 . GLN A 1 73  ? -7.546  4.607   14.640  1.00 35.90 ? 73  GLN A OE1 1 
ATOM   570  N NE2 . GLN A 1 73  ? -5.944  5.344   13.227  1.00 36.84 ? 73  GLN A NE2 1 
ATOM   571  N N   . LEU A 1 74  ? -8.789  -0.362  11.499  1.00 22.23 ? 74  LEU A N   1 
ATOM   572  C CA  . LEU A 1 74  ? -9.924  -1.285  11.500  1.00 22.47 ? 74  LEU A CA  1 
ATOM   573  C C   . LEU A 1 74  ? -9.383  -2.698  11.606  1.00 22.01 ? 74  LEU A C   1 
ATOM   574  O O   . LEU A 1 74  ? -9.993  -3.553  12.222  1.00 21.17 ? 74  LEU A O   1 
ATOM   575  C CB  . LEU A 1 74  ? -10.721 -1.199  10.210  1.00 22.74 ? 74  LEU A CB  1 
ATOM   576  C CG  . LEU A 1 74  ? -11.876 -0.219  10.188  1.00 25.59 ? 74  LEU A CG  1 
ATOM   577  C CD1 . LEU A 1 74  ? -12.675 -0.474  8.921   1.00 28.54 ? 74  LEU A CD1 1 
ATOM   578  C CD2 . LEU A 1 74  ? -12.771 -0.398  11.423  1.00 28.04 ? 74  LEU A CD2 1 
ATOM   579  N N   . VAL A 1 75  ? -8.240  -2.949  10.970  1.00 21.86 ? 75  VAL A N   1 
ATOM   580  C CA  . VAL A 1 75  ? -7.676  -4.297  10.997  1.00 21.55 ? 75  VAL A CA  1 
ATOM   581  C C   . VAL A 1 75  ? -7.124  -4.575  12.364  1.00 21.48 ? 75  VAL A C   1 
ATOM   582  O O   . VAL A 1 75  ? -7.147  -5.712  12.828  1.00 21.10 ? 75  VAL A O   1 
ATOM   583  C CB  . VAL A 1 75  ? -6.607  -4.523  9.914   1.00 21.82 ? 75  VAL A CB  1 
ATOM   584  C CG1 . VAL A 1 75  ? -5.857  -5.825  10.155  1.00 21.50 ? 75  VAL A CG1 1 
ATOM   585  C CG2 . VAL A 1 75  ? -7.270  -4.580  8.572   1.00 21.63 ? 75  VAL A CG2 1 
ATOM   586  N N   . ALA A 1 76  ? -6.666  -3.519  13.036  1.00 21.13 ? 76  ALA A N   1 
ATOM   587  C CA  . ALA A 1 76  ? -6.187  -3.681  14.413  1.00 21.13 ? 76  ALA A CA  1 
ATOM   588  C C   . ALA A 1 76  ? -7.343  -3.891  15.399  1.00 21.63 ? 76  ALA A C   1 
ATOM   589  O O   . ALA A 1 76  ? -7.273  -4.763  16.268  1.00 21.86 ? 76  ALA A O   1 
ATOM   590  C CB  . ALA A 1 76  ? -5.312  -2.473  14.851  1.00 20.36 ? 76  ALA A CB  1 
ATOM   591  N N   . GLN A 1 77  ? -8.391  -3.074  15.281  1.00 21.84 ? 77  GLN A N   1 
ATOM   592  C CA  . GLN A 1 77  ? -9.545  -3.169  16.176  1.00 22.25 ? 77  GLN A CA  1 
ATOM   593  C C   . GLN A 1 77  ? -10.339 -4.444  15.981  1.00 21.12 ? 77  GLN A C   1 
ATOM   594  O O   . GLN A 1 77  ? -10.725 -5.093  16.939  1.00 20.37 ? 77  GLN A O   1 
ATOM   595  C CB  . GLN A 1 77  ? -10.487 -1.986  15.975  1.00 22.95 ? 77  GLN A CB  1 
ATOM   596  C CG  . GLN A 1 77  ? -10.497 -0.979  17.114  1.00 26.88 ? 77  GLN A CG  1 
ATOM   597  C CD  . GLN A 1 77  ? -10.530 -1.615  18.502  1.00 28.53 ? 77  GLN A CD  1 
ATOM   598  O OE1 . GLN A 1 77  ? -9.594  -1.448  19.285  1.00 31.73 ? 77  GLN A OE1 1 
ATOM   599  N NE2 . GLN A 1 77  ? -11.603 -2.326  18.814  1.00 32.62 ? 77  GLN A NE2 1 
ATOM   600  N N   . TYR A 1 78  ? -10.572 -4.805  14.729  1.00 20.47 ? 78  TYR A N   1 
ATOM   601  C CA  . TYR A 1 78  ? -11.422 -5.953  14.424  1.00 20.50 ? 78  TYR A CA  1 
ATOM   602  C C   . TYR A 1 78  ? -10.678 -7.144  13.764  1.00 20.43 ? 78  TYR A C   1 
ATOM   603  O O   . TYR A 1 78  ? -10.546 -8.222  14.346  1.00 20.70 ? 78  TYR A O   1 
ATOM   604  C CB  . TYR A 1 78  ? -12.611 -5.471  13.582  1.00 19.94 ? 78  TYR A CB  1 
ATOM   605  C CG  . TYR A 1 78  ? -13.344 -4.337  14.259  1.00 20.44 ? 78  TYR A CG  1 
ATOM   606  C CD1 . TYR A 1 78  ? -14.087 -4.550  15.399  1.00 21.15 ? 78  TYR A CD1 1 
ATOM   607  C CD2 . TYR A 1 78  ? -13.273 -3.050  13.770  1.00 22.05 ? 78  TYR A CD2 1 
ATOM   608  C CE1 . TYR A 1 78  ? -14.750 -3.496  16.039  1.00 23.19 ? 78  TYR A CE1 1 
ATOM   609  C CE2 . TYR A 1 78  ? -13.929 -2.001  14.399  1.00 21.29 ? 78  TYR A CE2 1 
ATOM   610  C CZ  . TYR A 1 78  ? -14.659 -2.222  15.528  1.00 22.43 ? 78  TYR A CZ  1 
ATOM   611  O OH  . TYR A 1 78  ? -15.295 -1.163  16.155  1.00 22.52 ? 78  TYR A OH  1 
ATOM   612  N N   . GLY A 1 79  ? -10.197 -6.970  12.557  1.00 19.50 ? 79  GLY A N   1 
ATOM   613  C CA  . GLY A 1 79  ? -9.559  -8.086  11.897  1.00 19.79 ? 79  GLY A CA  1 
ATOM   614  C C   . GLY A 1 79  ? -9.868  -7.909  10.437  1.00 19.61 ? 79  GLY A C   1 
ATOM   615  O O   . GLY A 1 79  ? -10.343 -6.841  10.059  1.00 20.80 ? 79  GLY A O   1 
ATOM   616  N N   . ILE A 1 80  ? -9.634  -8.937  9.628   1.00 19.00 ? 80  ILE A N   1 
ATOM   617  C CA  . ILE A 1 80  ? -9.953  -8.896  8.212   1.00 17.71 ? 80  ILE A CA  1 
ATOM   618  C C   . ILE A 1 80  ? -10.120 -10.310 7.734   1.00 18.01 ? 80  ILE A C   1 
ATOM   619  O O   . ILE A 1 80  ? -9.524  -11.222 8.286   1.00 20.56 ? 80  ILE A O   1 
ATOM   620  C CB  . ILE A 1 80  ? -8.805  -8.199  7.422   1.00 18.10 ? 80  ILE A CB  1 
ATOM   621  C CG1 . ILE A 1 80  ? -9.145  -8.122  5.942   1.00 16.89 ? 80  ILE A CG1 1 
ATOM   622  C CG2 . ILE A 1 80  ? -7.539  -8.954  7.609   1.00 15.73 ? 80  ILE A CG2 1 
ATOM   623  C CD1 . ILE A 1 80  ? -8.338  -7.106  5.154   1.00 19.16 ? 80  ILE A CD1 1 
ATOM   624  N N   . HIS A 1 81  ? -10.922 -10.518 6.709   1.00 15.88 ? 81  HIS A N   1 
ATOM   625  C CA  . HIS A 1 81  ? -11.123 -11.851 6.164   1.00 15.06 ? 81  HIS A CA  1 
ATOM   626  C C   . HIS A 1 81  ? -10.251 -12.091 4.930   1.00 15.12 ? 81  HIS A C   1 
ATOM   627  O O   . HIS A 1 81  ? -9.688  -11.151 4.351   1.00 15.68 ? 81  HIS A O   1 
ATOM   628  C CB  . HIS A 1 81  ? -12.584 -12.040 5.752   1.00 13.90 ? 81  HIS A CB  1 
ATOM   629  C CG  . HIS A 1 81  ? -13.540 -12.066 6.911   1.00 14.48 ? 81  HIS A CG  1 
ATOM   630  N ND1 . HIS A 1 81  ? -14.034 -10.923 7.497   1.00 14.91 ? 81  HIS A ND1 1 
ATOM   631  C CD2 . HIS A 1 81  ? -14.066 -13.099 7.607   1.00 12.74 ? 81  HIS A CD2 1 
ATOM   632  C CE1 . HIS A 1 81  ? -14.851 -11.246 8.483   1.00 15.55 ? 81  HIS A CE1 1 
ATOM   633  N NE2 . HIS A 1 81  ? -14.895 -12.564 8.572   1.00 14.85 ? 81  HIS A NE2 1 
ATOM   634  N N   . TYR A 1 82  ? -10.122 -13.352 4.555   1.00 14.12 ? 82  TYR A N   1 
ATOM   635  C CA  . TYR A 1 82  ? -9.461  -13.701 3.310   1.00 15.56 ? 82  TYR A CA  1 
ATOM   636  C C   . TYR A 1 82  ? -10.174 -13.139 2.079   1.00 15.58 ? 82  TYR A C   1 
ATOM   637  O O   . TYR A 1 82  ? -11.416 -13.089 2.011   1.00 14.73 ? 82  TYR A O   1 
ATOM   638  C CB  . TYR A 1 82  ? -9.471  -15.211 3.164   1.00 14.89 ? 82  TYR A CB  1 
ATOM   639  C CG  . TYR A 1 82  ? -8.564  -15.896 4.126   1.00 14.06 ? 82  TYR A CG  1 
ATOM   640  C CD1 . TYR A 1 82  ? -7.211  -15.514 4.249   1.00 17.77 ? 82  TYR A CD1 1 
ATOM   641  C CD2 . TYR A 1 82  ? -9.033  -16.977 4.859   1.00 16.98 ? 82  TYR A CD2 1 
ATOM   642  C CE1 . TYR A 1 82  ? -6.347  -16.179 5.146   1.00 17.58 ? 82  TYR A CE1 1 
ATOM   643  C CE2 . TYR A 1 82  ? -8.205  -17.663 5.738   1.00 19.83 ? 82  TYR A CE2 1 
ATOM   644  C CZ  . TYR A 1 82  ? -6.883  -17.261 5.896   1.00 21.14 ? 82  TYR A CZ  1 
ATOM   645  O OH  . TYR A 1 82  ? -6.157  -17.992 6.802   1.00 23.86 ? 82  TYR A OH  1 
ATOM   646  N N   . ARG A 1 83  ? -9.371  -12.814 1.072   1.00 16.72 ? 83  ARG A N   1 
ATOM   647  C CA  . ARG A 1 83  ? -9.878  -12.319 -0.200  1.00 16.69 ? 83  ARG A CA  1 
ATOM   648  C C   . ARG A 1 83  ? -10.847 -13.269 -0.821  1.00 16.84 ? 83  ARG A C   1 
ATOM   649  O O   . ARG A 1 83  ? -11.837 -12.833 -1.405  1.00 16.45 ? 83  ARG A O   1 
ATOM   650  C CB  . ARG A 1 83  ? -8.717  -12.073 -1.172  1.00 18.03 ? 83  ARG A CB  1 
ATOM   651  C CG  . ARG A 1 83  ? -9.012  -11.075 -2.338  1.00 18.65 ? 83  ARG A CG  1 
ATOM   652  C CD  . ARG A 1 83  ? -7.723  -10.567 -3.094  1.00 22.02 ? 83  ARG A CD  1 
ATOM   653  N NE  . ARG A 1 83  ? -8.010  -9.304  -3.755  1.00 24.23 ? 83  ARG A NE  1 
ATOM   654  C CZ  . ARG A 1 83  ? -8.121  -9.126  -5.066  1.00 22.60 ? 83  ARG A CZ  1 
ATOM   655  N NH1 . ARG A 1 83  ? -7.916  -10.115 -5.930  1.00 23.49 ? 83  ARG A NH1 1 
ATOM   656  N NH2 . ARG A 1 83  ? -8.441  -7.927  -5.498  1.00 22.70 ? 83  ARG A NH2 1 
ATOM   657  N N   . ASN A 1 84  ? -10.561 -14.572 -0.727  1.00 17.36 ? 84  ASN A N   1 
ATOM   658  C CA  . ASN A 1 84  ? -11.439 -15.600 -1.284  1.00 18.23 ? 84  ASN A CA  1 
ATOM   659  C C   . ASN A 1 84  ? -12.831 -15.540 -0.679  1.00 18.38 ? 84  ASN A C   1 
ATOM   660  O O   . ASN A 1 84  ? -13.816 -15.740 -1.362  1.00 18.21 ? 84  ASN A O   1 
ATOM   661  C CB  . ASN A 1 84  ? -10.871 -17.030 -1.083  1.00 19.22 ? 84  ASN A CB  1 
ATOM   662  C CG  . ASN A 1 84  ? -9.875  -17.418 -2.170  1.00 21.33 ? 84  ASN A CG  1 
ATOM   663  O OD1 . ASN A 1 84  ? -9.227  -16.552 -2.728  1.00 25.26 ? 84  ASN A OD1 1 
ATOM   664  N ND2 . ASN A 1 84  ? -9.752  -18.724 -2.473  1.00 23.27 ? 84  ASN A ND2 1 
ATOM   665  N N   . THR A 1 85  ? -12.918 -15.259 0.612   1.00 18.56 ? 85  THR A N   1 
ATOM   666  C CA  . THR A 1 85  ? -14.241 -15.290 1.252   1.00 18.36 ? 85  THR A CA  1 
ATOM   667  C C   . THR A 1 85  ? -14.947 -13.962 1.043   1.00 17.81 ? 85  THR A C   1 
ATOM   668  O O   . THR A 1 85  ? -16.164 -13.905 1.111   1.00 18.41 ? 85  THR A O   1 
ATOM   669  C CB  . THR A 1 85  ? -14.124 -15.479 2.766   1.00 18.55 ? 85  THR A CB  1 
ATOM   670  O OG1 . THR A 1 85  ? -13.449 -14.327 3.275   1.00 21.48 ? 85  THR A OG1 1 
ATOM   671  C CG2 . THR A 1 85  ? -13.190 -16.624 3.124   1.00 17.93 ? 85  THR A CG2 1 
ATOM   672  N N   . TYR A 1 86  ? -14.188 -12.902 0.794   1.00 17.23 ? 86  TYR A N   1 
ATOM   673  C CA  . TYR A 1 86  ? -14.786 -11.566 0.657   1.00 16.83 ? 86  TYR A CA  1 
ATOM   674  C C   . TYR A 1 86  ? -14.156 -10.882 -0.575  1.00 15.86 ? 86  TYR A C   1 
ATOM   675  O O   . TYR A 1 86  ? -13.355 -9.999  -0.448  1.00 15.41 ? 86  TYR A O   1 
ATOM   676  C CB  . TYR A 1 86  ? -14.596 -10.818 1.983   1.00 16.46 ? 86  TYR A CB  1 
ATOM   677  C CG  . TYR A 1 86  ? -15.530 -9.656  2.252   1.00 16.88 ? 86  TYR A CG  1 
ATOM   678  C CD1 . TYR A 1 86  ? -16.049 -8.909  1.215   1.00 20.17 ? 86  TYR A CD1 1 
ATOM   679  C CD2 . TYR A 1 86  ? -15.848 -9.272  3.549   1.00 18.14 ? 86  TYR A CD2 1 
ATOM   680  C CE1 . TYR A 1 86  ? -16.875 -7.801  1.448   1.00 21.85 ? 86  TYR A CE1 1 
ATOM   681  C CE2 . TYR A 1 86  ? -16.662 -8.152  3.802   1.00 19.57 ? 86  TYR A CE2 1 
ATOM   682  C CZ  . TYR A 1 86  ? -17.179 -7.426  2.738   1.00 21.35 ? 86  TYR A CZ  1 
ATOM   683  O OH  . TYR A 1 86  ? -18.001 -6.321  2.938   1.00 21.17 ? 86  TYR A OH  1 
ATOM   684  N N   . PRO A 1 87  ? -14.541 -11.317 -1.784  1.00 16.36 ? 87  PRO A N   1 
ATOM   685  C CA  . PRO A 1 87  ? -13.858 -10.917 -3.030  1.00 16.51 ? 87  PRO A CA  1 
ATOM   686  C C   . PRO A 1 87  ? -14.129 -9.500  -3.520  1.00 16.28 ? 87  PRO A C   1 
ATOM   687  O O   . PRO A 1 87  ? -15.140 -8.915  -3.179  1.00 16.26 ? 87  PRO A O   1 
ATOM   688  C CB  . PRO A 1 87  ? -14.391 -11.927 -4.058  1.00 16.05 ? 87  PRO A CB  1 
ATOM   689  C CG  . PRO A 1 87  ? -15.310 -12.779 -3.348  1.00 16.70 ? 87  PRO A CG  1 
ATOM   690  C CD  . PRO A 1 87  ? -15.733 -12.137 -2.072  1.00 16.75 ? 87  PRO A CD  1 
ATOM   691  N N   . TYR A 1 88  ? -13.226 -8.962  -4.335  1.00 17.08 ? 88  TYR A N   1 
ATOM   692  C CA  . TYR A 1 88  ? -13.314 -7.579  -4.751  1.00 17.50 ? 88  TYR A CA  1 
ATOM   693  C C   . TYR A 1 88  ? -14.419 -7.391  -5.796  1.00 18.54 ? 88  TYR A C   1 
ATOM   694  O O   . TYR A 1 88  ? -14.504 -8.146  -6.781  1.00 17.84 ? 88  TYR A O   1 
ATOM   695  C CB  . TYR A 1 88  ? -11.940 -7.093  -5.258  1.00 17.87 ? 88  TYR A CB  1 
ATOM   696  C CG  . TYR A 1 88  ? -11.908 -5.619  -5.621  1.00 18.96 ? 88  TYR A CG  1 
ATOM   697  C CD1 . TYR A 1 88  ? -12.131 -4.626  -4.647  1.00 19.86 ? 88  TYR A CD1 1 
ATOM   698  C CD2 . TYR A 1 88  ? -11.666 -5.217  -6.928  1.00 15.19 ? 88  TYR A CD2 1 
ATOM   699  C CE1 . TYR A 1 88  ? -12.135 -3.282  -4.978  1.00 21.33 ? 88  TYR A CE1 1 
ATOM   700  C CE2 . TYR A 1 88  ? -11.672 -3.908  -7.263  1.00 17.31 ? 88  TYR A CE2 1 
ATOM   701  C CZ  . TYR A 1 88  ? -11.905 -2.924  -6.291  1.00 21.02 ? 88  TYR A CZ  1 
ATOM   702  O OH  . TYR A 1 88  ? -11.840 -1.592  -6.630  1.00 18.92 ? 88  TYR A OH  1 
ATOM   703  N N   . GLU A 1 89  ? -15.306 -6.426  -5.540  1.00 19.81 ? 89  GLU A N   1 
ATOM   704  C CA  . GLU A 1 89  ? -16.424 -6.127  -6.442  1.00 20.41 ? 89  GLU A CA  1 
ATOM   705  C C   . GLU A 1 89  ? -16.280 -4.834  -7.271  1.00 21.41 ? 89  GLU A C   1 
ATOM   706  O O   . GLU A 1 89  ? -16.990 -4.673  -8.266  1.00 22.28 ? 89  GLU A O   1 
ATOM   707  C CB  . GLU A 1 89  ? -17.769 -6.117  -5.692  1.00 20.18 ? 89  GLU A CB  1 
ATOM   708  C CG  . GLU A 1 89  ? -18.084 -7.422  -4.963  1.00 19.41 ? 89  GLU A CG  1 
ATOM   709  C CD  . GLU A 1 89  ? -19.513 -7.513  -4.474  1.00 17.13 ? 89  GLU A CD  1 
ATOM   710  O OE1 . GLU A 1 89  ? -20.393 -6.945  -5.123  1.00 18.84 ? 89  GLU A OE1 1 
ATOM   711  O OE2 . GLU A 1 89  ? -19.780 -8.161  -3.454  1.00 17.78 ? 89  GLU A OE2 1 
ATOM   712  N N   . GLY A 1 90  ? -15.420 -3.912  -6.855  1.00 21.48 ? 90  GLY A N   1 
ATOM   713  C CA  . GLY A 1 90  ? -15.241 -2.699  -7.633  1.00 22.14 ? 90  GLY A CA  1 
ATOM   714  C C   . GLY A 1 90  ? -16.317 -1.656  -7.432  1.00 22.52 ? 90  GLY A C   1 
ATOM   715  O O   . GLY A 1 90  ? -16.473 -0.751  -8.242  1.00 22.04 ? 90  GLY A O   1 
ATOM   716  N N   . VAL A 1 91  ? -17.089 -1.802  -6.362  1.00 22.51 ? 91  VAL A N   1 
ATOM   717  C CA  . VAL A 1 91  ? -18.072 -0.796  -6.003  1.00 22.85 ? 91  VAL A CA  1 
ATOM   718  C C   . VAL A 1 91  ? -18.312 -0.961  -4.527  1.00 22.90 ? 91  VAL A C   1 
ATOM   719  O O   . VAL A 1 91  ? -18.150 -2.064  -3.999  1.00 22.79 ? 91  VAL A O   1 
ATOM   720  C CB  . VAL A 1 91  ? -19.469 -0.995  -6.691  1.00 22.92 ? 91  VAL A CB  1 
ATOM   721  C CG1 . VAL A 1 91  ? -19.350 -0.956  -8.208  1.00 23.35 ? 91  VAL A CG1 1 
ATOM   722  C CG2 . VAL A 1 91  ? -20.113 -2.279  -6.208  1.00 22.20 ? 91  VAL A CG2 1 
ATOM   723  N N   . GLN A 1 92  ? -18.720 0.124   -3.869  1.00 23.26 ? 92  GLN A N   1 
ATOM   724  C CA  . GLN A 1 92  ? -19.032 0.054   -2.457  1.00 23.58 ? 92  GLN A CA  1 
ATOM   725  C C   . GLN A 1 92  ? -20.403 -0.618  -2.258  1.00 23.88 ? 92  GLN A C   1 
ATOM   726  O O   . GLN A 1 92  ? -21.338 -0.363  -3.000  1.00 23.79 ? 92  GLN A O   1 
ATOM   727  C CB  . GLN A 1 92  ? -19.012 1.452   -1.839  1.00 23.59 ? 92  GLN A CB  1 
ATOM   728  C CG  . GLN A 1 92  ? -19.089 1.418   -0.324  1.00 24.37 ? 92  GLN A CG  1 
ATOM   729  C CD  . GLN A 1 92  ? -18.986 2.792   0.310   1.00 25.49 ? 92  GLN A CD  1 
ATOM   730  O OE1 . GLN A 1 92  ? -19.416 3.788   -0.272  1.00 25.57 ? 92  GLN A OE1 1 
ATOM   731  N NE2 . GLN A 1 92  ? -18.434 2.844   1.513   1.00 24.52 ? 92  GLN A NE2 1 
ATOM   732  N N   . ARG A 1 93  ? -20.508 -1.531  -1.306  1.00 24.23 ? 93  ARG A N   1 
ATOM   733  C CA  . ARG A 1 93  ? -21.806 -2.116  -0.994  1.00 24.97 ? 93  ARG A CA  1 
ATOM   734  C C   . ARG A 1 93  ? -21.964 -1.886  0.489   1.00 24.85 ? 93  ARG A C   1 
ATOM   735  O O   . ARG A 1 93  ? -21.567 -0.835  1.013   1.00 24.96 ? 93  ARG A O   1 
ATOM   736  C CB  . ARG A 1 93  ? -21.816 -3.618  -1.271  1.00 25.34 ? 93  ARG A CB  1 
ATOM   737  C CG  . ARG A 1 93  ? -21.059 -4.021  -2.518  1.00 26.59 ? 93  ARG A CG  1 
ATOM   738  C CD  . ARG A 1 93  ? -21.953 -4.342  -3.702  1.00 28.10 ? 93  ARG A CD  1 
ATOM   739  N NE  . ARG A 1 93  ? -23.169 -5.008  -3.269  1.00 29.35 ? 93  ARG A NE  1 
ATOM   740  C CZ  . ARG A 1 93  ? -23.458 -6.285  -3.486  1.00 30.25 ? 93  ARG A CZ  1 
ATOM   741  N NH1 . ARG A 1 93  ? -22.609 -7.075  -4.128  1.00 29.50 ? 93  ARG A NH1 1 
ATOM   742  N NH2 . ARG A 1 93  ? -24.606 -6.774  -3.042  1.00 30.25 ? 93  ARG A NH2 1 
ATOM   743  N N   . TYR A 1 94  ? -22.508 -2.873  1.180   1.00 24.75 ? 94  TYR A N   1 
ATOM   744  C CA  . TYR A 1 94  ? -22.607 -2.756  2.624   1.00 24.99 ? 94  TYR A CA  1 
ATOM   745  C C   . TYR A 1 94  ? -21.645 -3.735  3.266   1.00 24.12 ? 94  TYR A C   1 
ATOM   746  O O   . TYR A 1 94  ? -21.216 -4.694  2.624   1.00 23.87 ? 94  TYR A O   1 
ATOM   747  C CB  . TYR A 1 94  ? -24.033 -2.975  3.097   1.00 25.31 ? 94  TYR A CB  1 
ATOM   748  C CG  . TYR A 1 94  ? -24.472 -4.412  3.120   1.00 27.72 ? 94  TYR A CG  1 
ATOM   749  C CD1 . TYR A 1 94  ? -24.890 -5.056  1.954   1.00 29.94 ? 94  TYR A CD1 1 
ATOM   750  C CD2 . TYR A 1 94  ? -24.498 -5.126  4.312   1.00 29.92 ? 94  TYR A CD2 1 
ATOM   751  C CE1 . TYR A 1 94  ? -25.315 -6.385  1.975   1.00 31.26 ? 94  TYR A CE1 1 
ATOM   752  C CE2 . TYR A 1 94  ? -24.913 -6.449  4.349   1.00 31.50 ? 94  TYR A CE2 1 
ATOM   753  C CZ  . TYR A 1 94  ? -25.326 -7.079  3.179   1.00 32.47 ? 94  TYR A CZ  1 
ATOM   754  O OH  . TYR A 1 94  ? -25.741 -8.403  3.223   1.00 32.91 ? 94  TYR A OH  1 
ATOM   755  N N   . CYS A 1 95  ? -21.307 -3.483  4.525   1.00 23.68 ? 95  CYS A N   1 
ATOM   756  C CA  . CYS A 1 95  ? -20.363 -4.323  5.253   1.00 23.00 ? 95  CYS A CA  1 
ATOM   757  C C   . CYS A 1 95  ? -20.970 -5.684  5.530   1.00 23.82 ? 95  CYS A C   1 
ATOM   758  O O   . CYS A 1 95  ? -22.009 -5.782  6.188   1.00 22.89 ? 95  CYS A O   1 
ATOM   759  C CB  . CYS A 1 95  ? -20.004 -3.650  6.561   1.00 23.08 ? 95  CYS A CB  1 
ATOM   760  S SG  . CYS A 1 95  ? -18.671 -4.448  7.458   1.00 20.34 ? 95  CYS A SG  1 
ATOM   761  N N   . ARG A 1 96  ? -20.308 -6.736  5.037   1.00 24.01 ? 96  ARG A N   1 
ATOM   762  C CA  . ARG A 1 96  ? -20.815 -8.108  5.165   1.00 23.97 ? 96  ARG A CA  1 
ATOM   763  C C   . ARG A 1 96  ? -19.892 -8.974  6.019   1.00 24.16 ? 96  ARG A C   1 
ATOM   764  O O   . ARG A 1 96  ? -19.985 -10.204 5.992   1.00 24.23 ? 96  ARG A O   1 
ATOM   765  C CB  . ARG A 1 96  ? -20.979 -8.727  3.771   1.00 23.53 ? 96  ARG A CB  1 
ATOM   766  C CG  . ARG A 1 96  ? -22.027 -8.027  2.918   1.00 24.00 ? 96  ARG A CG  1 
ATOM   767  C CD  . ARG A 1 96  ? -21.958 -8.300  1.409   1.00 24.15 ? 96  ARG A CD  1 
ATOM   768  N NE  . ARG A 1 96  ? -21.016 -7.395  0.759   1.00 24.46 ? 96  ARG A NE  1 
ATOM   769  C CZ  . ARG A 1 96  ? -20.560 -7.522  -0.482  1.00 22.37 ? 96  ARG A CZ  1 
ATOM   770  N NH1 . ARG A 1 96  ? -20.942 -8.547  -1.242  1.00 15.73 ? 96  ARG A NH1 1 
ATOM   771  N NH2 . ARG A 1 96  ? -19.690 -6.613  -0.951  1.00 22.58 ? 96  ARG A NH2 1 
ATOM   772  N N   . SER A 1 97  ? -19.016 -8.336  6.792   1.00 24.26 ? 97  SER A N   1 
ATOM   773  C CA  . SER A 1 97  ? -18.071 -9.073  7.634   1.00 25.04 ? 97  SER A CA  1 
ATOM   774  C C   . SER A 1 97  ? -18.829 -10.071 8.490   1.00 26.38 ? 97  SER A C   1 
ATOM   775  O O   . SER A 1 97  ? -18.438 -11.249 8.601   1.00 26.10 ? 97  SER A O   1 
ATOM   776  C CB  . SER A 1 97  ? -17.257 -8.121  8.540   1.00 25.43 ? 97  SER A CB  1 
ATOM   777  O OG  . SER A 1 97  ? -16.693 -7.013  7.819   1.00 22.97 ? 97  SER A OG  1 
ATOM   778  N N   . ARG A 1 98  ? -19.934 -9.580  9.060   1.00 26.87 ? 98  ARG A N   1 
ATOM   779  C CA  . ARG A 1 98  ? -20.746 -10.325 9.990   1.00 27.98 ? 98  ARG A CA  1 
ATOM   780  C C   . ARG A 1 98  ? -21.122 -11.666 9.434   1.00 27.88 ? 98  ARG A C   1 
ATOM   781  O O   . ARG A 1 98  ? -21.059 -12.656 10.142  1.00 28.28 ? 98  ARG A O   1 
ATOM   782  C CB  . ARG A 1 98  ? -21.998 -9.530  10.363  1.00 28.32 ? 98  ARG A CB  1 
ATOM   783  C CG  . ARG A 1 98  ? -22.818 -10.135 11.490  1.00 31.23 ? 98  ARG A CG  1 
ATOM   784  C CD  . ARG A 1 98  ? -24.116 -10.811 11.045  1.00 36.49 ? 98  ARG A CD  1 
ATOM   785  N NE  . ARG A 1 98  ? -24.156 -12.219 11.462  1.00 39.54 ? 98  ARG A NE  1 
ATOM   786  C CZ  . ARG A 1 98  ? -24.962 -12.728 12.392  1.00 39.66 ? 98  ARG A CZ  1 
ATOM   787  N NH1 . ARG A 1 98  ? -25.834 -11.955 13.021  1.00 41.14 ? 98  ARG A NH1 1 
ATOM   788  N NH2 . ARG A 1 98  ? -24.895 -14.023 12.689  1.00 39.72 ? 98  ARG A NH2 1 
ATOM   789  N N   . GLU A 1 99  ? -21.488 -11.710 8.158   1.00 28.07 ? 99  GLU A N   1 
ATOM   790  C CA  . GLU A 1 99  ? -21.958 -12.967 7.565   1.00 27.82 ? 99  GLU A CA  1 
ATOM   791  C C   . GLU A 1 99  ? -20.865 -13.793 6.915   1.00 27.20 ? 99  GLU A C   1 
ATOM   792  O O   . GLU A 1 99  ? -21.142 -14.687 6.127   1.00 26.99 ? 99  GLU A O   1 
ATOM   793  C CB  . GLU A 1 99  ? -23.101 -12.722 6.573   1.00 27.86 ? 99  GLU A CB  1 
ATOM   794  C CG  . GLU A 1 99  ? -23.078 -11.348 5.930   1.00 29.18 ? 99  GLU A CG  1 
ATOM   795  C CD  . GLU A 1 99  ? -23.932 -11.271 4.679   1.00 30.35 ? 99  GLU A CD  1 
ATOM   796  O OE1 . GLU A 1 99  ? -23.513 -11.846 3.642   1.00 29.77 ? 99  GLU A OE1 1 
ATOM   797  O OE2 . GLU A 1 99  ? -25.005 -10.616 4.727   1.00 30.59 ? 99  GLU A OE2 1 
ATOM   798  N N   . LYS A 1 100 ? -19.623 -13.509 7.259   1.00 26.80 ? 100 LYS A N   1 
ATOM   799  C CA  . LYS A 1 100 ? -18.519 -14.232 6.666   1.00 27.00 ? 100 LYS A CA  1 
ATOM   800  C C   . LYS A 1 100 ? -17.895 -15.164 7.687   1.00 26.52 ? 100 LYS A C   1 
ATOM   801  O O   . LYS A 1 100 ? -17.097 -16.029 7.345   1.00 27.94 ? 100 LYS A O   1 
ATOM   802  C CB  . LYS A 1 100 ? -17.451 -13.255 6.158   1.00 26.95 ? 100 LYS A CB  1 
ATOM   803  C CG  . LYS A 1 100 ? -17.861 -12.422 4.930   1.00 28.34 ? 100 LYS A CG  1 
ATOM   804  C CD  . LYS A 1 100 ? -18.659 -13.261 3.894   1.00 30.49 ? 100 LYS A CD  1 
ATOM   805  C CE  . LYS A 1 100 ? -18.620 -12.580 2.504   1.00 29.77 ? 100 LYS A CE  1 
ATOM   806  N NZ  . LYS A 1 100 ? -18.919 -13.556 1.388   1.00 29.16 ? 100 LYS A NZ  1 
ATOM   807  N N   . GLY A 1 101 ? -18.234 -14.971 8.952   1.00 25.56 ? 101 GLY A N   1 
ATOM   808  C CA  . GLY A 1 101 ? -17.647 -15.772 10.004  1.00 23.69 ? 101 GLY A CA  1 
ATOM   809  C C   . GLY A 1 101 ? -16.429 -15.097 10.615  1.00 22.81 ? 101 GLY A C   1 
ATOM   810  O O   . GLY A 1 101 ? -16.200 -13.909 10.447  1.00 22.28 ? 101 GLY A O   1 
ATOM   811  N N   . PRO A 1 102 ? -15.666 -15.876 11.354  1.00 22.22 ? 102 PRO A N   1 
ATOM   812  C CA  . PRO A 1 102 ? -14.475 -15.399 12.044  1.00 22.19 ? 102 PRO A CA  1 
ATOM   813  C C   . PRO A 1 102 ? -13.470 -14.725 11.135  1.00 21.94 ? 102 PRO A C   1 
ATOM   814  O O   . PRO A 1 102 ? -13.281 -15.193 10.016  1.00 21.75 ? 102 PRO A O   1 
ATOM   815  C CB  . PRO A 1 102 ? -13.870 -16.690 12.604  1.00 22.66 ? 102 PRO A CB  1 
ATOM   816  C CG  . PRO A 1 102 ? -15.071 -17.622 12.780  1.00 22.19 ? 102 PRO A CG  1 
ATOM   817  C CD  . PRO A 1 102 ? -15.949 -17.299 11.626  1.00 22.35 ? 102 PRO A CD  1 
ATOM   818  N N   . TYR A 1 103 ? -12.846 -13.654 11.627  1.00 21.50 ? 103 TYR A N   1 
ATOM   819  C CA  . TYR A 1 103 ? -11.796 -12.931 10.891  1.00 22.31 ? 103 TYR A CA  1 
ATOM   820  C C   . TYR A 1 103 ? -10.606 -13.886 10.634  1.00 21.76 ? 103 TYR A C   1 
ATOM   821  O O   . TYR A 1 103 ? -10.338 -14.784 11.439  1.00 21.02 ? 103 TYR A O   1 
ATOM   822  C CB  . TYR A 1 103 ? -11.335 -11.694 11.684  1.00 21.83 ? 103 TYR A CB  1 
ATOM   823  C CG  . TYR A 1 103 ? -12.306 -10.509 11.686  1.00 23.50 ? 103 TYR A CG  1 
ATOM   824  C CD1 . TYR A 1 103 ? -12.684 -9.879  10.505  1.00 22.33 ? 103 TYR A CD1 1 
ATOM   825  C CD2 . TYR A 1 103 ? -12.822 -10.008 12.884  1.00 25.94 ? 103 TYR A CD2 1 
ATOM   826  C CE1 . TYR A 1 103 ? -13.548 -8.802  10.520  1.00 23.36 ? 103 TYR A CE1 1 
ATOM   827  C CE2 . TYR A 1 103 ? -13.694 -8.932  12.899  1.00 25.52 ? 103 TYR A CE2 1 
ATOM   828  C CZ  . TYR A 1 103 ? -14.040 -8.337  11.717  1.00 23.56 ? 103 TYR A CZ  1 
ATOM   829  O OH  . TYR A 1 103 ? -14.904 -7.283  11.739  1.00 24.04 ? 103 TYR A OH  1 
ATOM   830  N N   . ALA A 1 104 ? -9.893  -13.698 9.529   1.00 22.08 ? 104 ALA A N   1 
ATOM   831  C CA  . ALA A 1 104 ? -8.770  -14.595 9.251   1.00 21.23 ? 104 ALA A CA  1 
ATOM   832  C C   . ALA A 1 104 ? -7.512  -14.111 9.952   1.00 21.61 ? 104 ALA A C   1 
ATOM   833  O O   . ALA A 1 104 ? -6.651  -14.915 10.321  1.00 21.43 ? 104 ALA A O   1 
ATOM   834  C CB  . ALA A 1 104 ? -8.535  -14.737 7.767   1.00 20.70 ? 104 ALA A CB  1 
ATOM   835  N N   . ALA A 1 105 ? -7.434  -12.802 10.177  1.00 20.88 ? 105 ALA A N   1 
ATOM   836  C CA  . ALA A 1 105 ? -6.250  -12.216 10.768  1.00 20.48 ? 105 ALA A CA  1 
ATOM   837  C C   . ALA A 1 105 ? -6.593  -10.911 11.479  1.00 20.86 ? 105 ALA A C   1 
ATOM   838  O O   . ALA A 1 105 ? -7.613  -10.268 11.204  1.00 20.82 ? 105 ALA A O   1 
ATOM   839  C CB  . ALA A 1 105 ? -5.215  -11.963 9.689   1.00 20.29 ? 105 ALA A CB  1 
ATOM   840  N N   . LYS A 1 106 ? -5.727  -10.541 12.410  1.00 20.74 ? 106 LYS A N   1 
ATOM   841  C CA  . LYS A 1 106 ? -5.889  -9.333  13.189  1.00 21.16 ? 106 LYS A CA  1 
ATOM   842  C C   . LYS A 1 106 ? -4.486  -8.756  13.471  1.00 20.82 ? 106 LYS A C   1 
ATOM   843  O O   . LYS A 1 106 ? -3.532  -9.505  13.666  1.00 20.65 ? 106 LYS A O   1 
ATOM   844  C CB  . LYS A 1 106 ? -6.608  -9.669  14.494  1.00 20.86 ? 106 LYS A CB  1 
ATOM   845  C CG  . LYS A 1 106 ? -6.591  -8.516  15.527  1.00 23.10 ? 106 LYS A CG  1 
ATOM   846  C CD  . LYS A 1 106 ? -7.454  -8.815  16.767  1.00 22.56 ? 106 LYS A CD  1 
ATOM   847  C CE  . LYS A 1 106 ? -7.452  -7.640  17.716  1.00 21.33 ? 106 LYS A CE  1 
ATOM   848  N NZ  . LYS A 1 106 ? -6.049  -7.142  17.817  1.00 23.14 ? 106 LYS A NZ  1 
ATOM   849  N N   . THR A 1 107 ? -4.329  -7.441  13.414  1.00 20.01 ? 107 THR A N   1 
ATOM   850  C CA  . THR A 1 107 ? -3.056  -6.884  13.801  1.00 19.54 ? 107 THR A CA  1 
ATOM   851  C C   . THR A 1 107 ? -3.199  -6.287  15.191  1.00 18.75 ? 107 THR A C   1 
ATOM   852  O O   . THR A 1 107 ? -4.278  -6.277  15.757  1.00 18.31 ? 107 THR A O   1 
ATOM   853  C CB  . THR A 1 107 ? -2.589  -5.828  12.828  1.00 19.48 ? 107 THR A CB  1 
ATOM   854  O OG1 . THR A 1 107 ? -3.680  -4.943  12.581  1.00 21.43 ? 107 THR A OG1 1 
ATOM   855  C CG2 . THR A 1 107 ? -2.228  -6.456  11.443  1.00 20.07 ? 107 THR A CG2 1 
ATOM   856  N N   . ASP A 1 108 ? -2.103  -5.775  15.719  1.00 18.16 ? 108 ASP A N   1 
ATOM   857  C CA  . ASP A 1 108 ? -2.098  -5.259  17.078  1.00 18.78 ? 108 ASP A CA  1 
ATOM   858  C C   . ASP A 1 108 ? -2.142  -3.762  17.143  1.00 18.86 ? 108 ASP A C   1 
ATOM   859  O O   . ASP A 1 108 ? -2.556  -3.214  18.156  1.00 19.22 ? 108 ASP A O   1 
ATOM   860  C CB  . ASP A 1 108 ? -0.926  -5.850  17.883  1.00 18.59 ? 108 ASP A CB  1 
ATOM   861  C CG  . ASP A 1 108 ? -1.024  -7.377  17.977  1.00 19.58 ? 108 ASP A CG  1 
ATOM   862  O OD1 . ASP A 1 108 ? -2.042  -7.882  18.513  1.00 20.87 ? 108 ASP A OD1 1 
ATOM   863  O OD2 . ASP A 1 108 ? -0.186  -8.157  17.493  1.00 20.84 ? 108 ASP A OD2 1 
ATOM   864  N N   . GLY A 1 109 ? -1.731  -3.092  16.067  1.00 19.20 ? 109 GLY A N   1 
ATOM   865  C CA  . GLY A 1 109 ? -1.747  -1.638  16.057  1.00 19.64 ? 109 GLY A CA  1 
ATOM   866  C C   . GLY A 1 109 ? -1.268  -1.030  14.766  1.00 20.02 ? 109 GLY A C   1 
ATOM   867  O O   . GLY A 1 109 ? -1.113  -1.729  13.742  1.00 20.52 ? 109 GLY A O   1 
ATOM   868  N N   . VAL A 1 110 ? -1.053  0.283   14.796  1.00 19.99 ? 110 VAL A N   1 
ATOM   869  C CA  . VAL A 1 110 ? -0.552  0.995   13.645  1.00 20.09 ? 110 VAL A CA  1 
ATOM   870  C C   . VAL A 1 110 ? 0.504   1.985   14.130  1.00 20.78 ? 110 VAL A C   1 
ATOM   871  O O   . VAL A 1 110 ? 0.427   2.507   15.223  1.00 20.83 ? 110 VAL A O   1 
ATOM   872  C CB  . VAL A 1 110 ? -1.639  1.847   12.974  1.00 20.67 ? 110 VAL A CB  1 
ATOM   873  C CG1 . VAL A 1 110 ? -1.097  2.439   11.674  1.00 19.52 ? 110 VAL A CG1 1 
ATOM   874  C CG2 . VAL A 1 110 ? -2.925  1.058   12.746  1.00 19.42 ? 110 VAL A CG2 1 
ATOM   875  N N   . ARG A 1 111 ? 1.452   2.289   13.280  1.00 21.20 ? 111 ARG A N   1 
ATOM   876  C CA  . ARG A 1 111 ? 2.475   3.227   13.652  1.00 22.76 ? 111 ARG A CA  1 
ATOM   877  C C   . ARG A 1 111 ? 2.729   4.079   12.409  1.00 22.42 ? 111 ARG A C   1 
ATOM   878  O O   . ARG A 1 111 ? 2.542   3.605   11.277  1.00 22.65 ? 111 ARG A O   1 
ATOM   879  C CB  . ARG A 1 111 ? 3.698   2.453   14.148  1.00 23.04 ? 111 ARG A CB  1 
ATOM   880  C CG  . ARG A 1 111 ? 4.519   3.199   15.158  1.00 28.03 ? 111 ARG A CG  1 
ATOM   881  C CD  . ARG A 1 111 ? 4.802   2.468   16.447  1.00 31.28 ? 111 ARG A CD  1 
ATOM   882  N NE  . ARG A 1 111 ? 4.875   3.426   17.557  1.00 35.19 ? 111 ARG A NE  1 
ATOM   883  C CZ  . ARG A 1 111 ? 4.412   4.688   17.501  1.00 35.15 ? 111 ARG A CZ  1 
ATOM   884  N NH1 . ARG A 1 111 ? 3.842   5.152   16.384  1.00 36.04 ? 111 ARG A NH1 1 
ATOM   885  N NH2 . ARG A 1 111 ? 4.509   5.484   18.560  1.00 32.59 ? 111 ARG A NH2 1 
ATOM   886  N N   . GLN A 1 112 ? 3.055   5.350   12.597  1.00 23.23 ? 112 GLN A N   1 
ATOM   887  C CA  . GLN A 1 112 ? 3.344   6.215   11.461  1.00 24.07 ? 112 GLN A CA  1 
ATOM   888  C C   . GLN A 1 112 ? 4.854   6.422   11.373  1.00 24.07 ? 112 GLN A C   1 
ATOM   889  O O   . GLN A 1 112 ? 5.513   6.542   12.411  1.00 24.07 ? 112 GLN A O   1 
ATOM   890  C CB  . GLN A 1 112 ? 2.683   7.584   11.680  1.00 25.06 ? 112 GLN A CB  1 
ATOM   891  C CG  . GLN A 1 112 ? 2.850   8.535   10.518  1.00 26.36 ? 112 GLN A CG  1 
ATOM   892  C CD  . GLN A 1 112 ? 2.167   9.885   10.718  1.00 31.11 ? 112 GLN A CD  1 
ATOM   893  O OE1 . GLN A 1 112 ? 1.885   10.570  9.736   1.00 32.40 ? 112 GLN A OE1 1 
ATOM   894  N NE2 . GLN A 1 112 ? 1.920   10.274  11.976  1.00 30.17 ? 112 GLN A NE2 1 
ATOM   895  N N   . VAL A 1 113 ? 5.388   6.489   10.154  1.00 23.82 ? 113 VAL A N   1 
ATOM   896  C CA  . VAL A 1 113 ? 6.800   6.784   9.943   1.00 23.41 ? 113 VAL A CA  1 
ATOM   897  C C   . VAL A 1 113 ? 6.949   8.308   10.049  1.00 23.87 ? 113 VAL A C   1 
ATOM   898  O O   . VAL A 1 113 ? 6.040   9.048   9.674   1.00 23.57 ? 113 VAL A O   1 
ATOM   899  C CB  . VAL A 1 113 ? 7.266   6.335   8.540   1.00 23.51 ? 113 VAL A CB  1 
ATOM   900  C CG1 . VAL A 1 113 ? 8.806   6.484   8.382   1.00 26.03 ? 113 VAL A CG1 1 
ATOM   901  C CG2 . VAL A 1 113 ? 6.893   4.896   8.291   1.00 22.43 ? 113 VAL A CG2 1 
ATOM   902  N N   . GLN A 1 114 ? 8.073   8.768   10.584  1.00 23.03 ? 114 GLN A N   1 
ATOM   903  C CA  . GLN A 1 114 ? 8.392   10.196  10.648  1.00 23.03 ? 114 GLN A CA  1 
ATOM   904  C C   . GLN A 1 114 ? 8.458   10.739  9.203   1.00 21.36 ? 114 GLN A C   1 
ATOM   905  O O   . GLN A 1 114 ? 9.199   10.224  8.354   1.00 20.18 ? 114 GLN A O   1 
ATOM   906  C CB  . GLN A 1 114 ? 9.729   10.358  11.371  1.00 24.03 ? 114 GLN A CB  1 
ATOM   907  C CG  . GLN A 1 114 ? 10.043  11.737  11.849  1.00 28.24 ? 114 GLN A CG  1 
ATOM   908  C CD  . GLN A 1 114 ? 11.471  11.821  12.344  1.00 33.23 ? 114 GLN A CD  1 
ATOM   909  O OE1 . GLN A 1 114 ? 12.371  11.242  11.731  1.00 36.72 ? 114 GLN A OE1 1 
ATOM   910  N NE2 . GLN A 1 114 ? 11.682  12.507  13.456  1.00 33.93 ? 114 GLN A NE2 1 
ATOM   911  N N   . PRO A 1 115 ? 7.684   11.777  8.914   1.00 20.78 ? 115 PRO A N   1 
ATOM   912  C CA  . PRO A 1 115 ? 7.509   12.208  7.528   1.00 19.71 ? 115 PRO A CA  1 
ATOM   913  C C   . PRO A 1 115 ? 8.706   13.047  7.021   1.00 19.25 ? 115 PRO A C   1 
ATOM   914  O O   . PRO A 1 115 ? 9.499   13.585  7.813   1.00 17.50 ? 115 PRO A O   1 
ATOM   915  C CB  . PRO A 1 115 ? 6.262   13.079  7.597   1.00 20.18 ? 115 PRO A CB  1 
ATOM   916  C CG  . PRO A 1 115 ? 5.799   13.021  9.031   1.00 22.22 ? 115 PRO A CG  1 
ATOM   917  C CD  . PRO A 1 115 ? 6.984   12.662  9.869   1.00 20.17 ? 115 PRO A CD  1 
ATOM   918  N N   . TYR A 1 116 ? 8.815   13.157  5.711   1.00 18.48 ? 116 TYR A N   1 
ATOM   919  C CA  . TYR A 1 116 ? 9.857   13.990  5.125   1.00 18.63 ? 116 TYR A CA  1 
ATOM   920  C C   . TYR A 1 116 ? 11.250  13.588  5.572   1.00 18.27 ? 116 TYR A C   1 
ATOM   921  O O   . TYR A 1 116 ? 12.091  14.444  5.778   1.00 17.28 ? 116 TYR A O   1 
ATOM   922  C CB  . TYR A 1 116 ? 9.638   15.437  5.546   1.00 17.85 ? 116 TYR A CB  1 
ATOM   923  C CG  . TYR A 1 116 ? 8.269   15.892  5.184   1.00 20.16 ? 116 TYR A CG  1 
ATOM   924  C CD1 . TYR A 1 116 ? 7.729   15.595  3.940   1.00 20.22 ? 116 TYR A CD1 1 
ATOM   925  C CD2 . TYR A 1 116 ? 7.505   16.617  6.082   1.00 22.23 ? 116 TYR A CD2 1 
ATOM   926  C CE1 . TYR A 1 116 ? 6.434   16.021  3.605   1.00 22.42 ? 116 TYR A CE1 1 
ATOM   927  C CE2 . TYR A 1 116 ? 6.245   17.041  5.759   1.00 22.81 ? 116 TYR A CE2 1 
ATOM   928  C CZ  . TYR A 1 116 ? 5.709   16.755  4.528   1.00 24.52 ? 116 TYR A CZ  1 
ATOM   929  O OH  . TYR A 1 116 ? 4.417   17.196  4.249   1.00 26.74 ? 116 TYR A OH  1 
ATOM   930  N N   . ASN A 1 117 ? 11.497  12.284  5.667   1.00 19.00 ? 117 ASN A N   1 
ATOM   931  C CA  . ASN A 1 117 ? 12.773  11.786  6.108   1.00 18.98 ? 117 ASN A CA  1 
ATOM   932  C C   . ASN A 1 117 ? 13.034  10.479  5.360   1.00 18.79 ? 117 ASN A C   1 
ATOM   933  O O   . ASN A 1 117 ? 12.357  9.428   5.601   1.00 19.00 ? 117 ASN A O   1 
ATOM   934  C CB  . ASN A 1 117 ? 12.736  11.582  7.613   1.00 19.30 ? 117 ASN A CB  1 
ATOM   935  C CG  . ASN A 1 117 ? 14.062  11.097  8.172   1.00 21.12 ? 117 ASN A CG  1 
ATOM   936  O OD1 . ASN A 1 117 ? 14.695  10.207  7.617   1.00 23.76 ? 117 ASN A OD1 1 
ATOM   937  N ND2 . ASN A 1 117 ? 14.451  11.648  9.308   1.00 24.11 ? 117 ASN A ND2 1 
ATOM   938  N N   . GLU A 1 118 ? 13.963  10.546  4.411   1.00 18.38 ? 118 GLU A N   1 
ATOM   939  C CA  . GLU A 1 118 ? 14.237  9.387   3.551   1.00 19.50 ? 118 GLU A CA  1 
ATOM   940  C C   . GLU A 1 118 ? 14.701  8.180   4.380   1.00 18.55 ? 118 GLU A C   1 
ATOM   941  O O   . GLU A 1 118 ? 14.214  7.055   4.191   1.00 19.98 ? 118 GLU A O   1 
ATOM   942  C CB  . GLU A 1 118 ? 15.253  9.709   2.455   1.00 18.32 ? 118 GLU A CB  1 
ATOM   943  C CG  . GLU A 1 118 ? 15.535  8.490   1.557   1.00 21.46 ? 118 GLU A CG  1 
ATOM   944  C CD  . GLU A 1 118 ? 16.297  8.894   0.287   1.00 21.78 ? 118 GLU A CD  1 
ATOM   945  O OE1 . GLU A 1 118 ? 15.804  9.755   -0.454  1.00 23.31 ? 118 GLU A OE1 1 
ATOM   946  O OE2 . GLU A 1 118 ? 17.380  8.373   0.041   1.00 17.10 ? 118 GLU A OE2 1 
ATOM   947  N N   . GLY A 1 119 ? 15.628  8.439   5.295   1.00 18.77 ? 119 GLY A N   1 
ATOM   948  C CA  . GLY A 1 119 ? 16.247  7.427   6.124   1.00 19.24 ? 119 GLY A CA  1 
ATOM   949  C C   . GLY A 1 119 ? 15.239  6.641   6.966   1.00 20.25 ? 119 GLY A C   1 
ATOM   950  O O   . GLY A 1 119 ? 15.268  5.395   7.020   1.00 20.58 ? 119 GLY A O   1 
ATOM   951  N N   . ALA A 1 120 ? 14.354  7.368   7.623   1.00 20.10 ? 120 ALA A N   1 
ATOM   952  C CA  . ALA A 1 120 ? 13.321  6.769   8.464   1.00 19.67 ? 120 ALA A CA  1 
ATOM   953  C C   . ALA A 1 120 ? 12.425  5.797   7.685   1.00 19.58 ? 120 ALA A C   1 
ATOM   954  O O   . ALA A 1 120 ? 12.100  4.693   8.168   1.00 18.59 ? 120 ALA A O   1 
ATOM   955  C CB  . ALA A 1 120 ? 12.489  7.871   9.155   1.00 20.41 ? 120 ALA A CB  1 
ATOM   956  N N   . LEU A 1 121 ? 12.076  6.189   6.465   1.00 18.04 ? 121 LEU A N   1 
ATOM   957  C CA  . LEU A 1 121 ? 11.264  5.380   5.608   1.00 18.93 ? 121 LEU A CA  1 
ATOM   958  C C   . LEU A 1 121 ? 12.012  4.107   5.096   1.00 18.86 ? 121 LEU A C   1 
ATOM   959  O O   . LEU A 1 121 ? 11.418  3.021   5.065   1.00 18.66 ? 121 LEU A O   1 
ATOM   960  C CB  . LEU A 1 121 ? 10.756  6.197   4.412   1.00 18.50 ? 121 LEU A CB  1 
ATOM   961  C CG  . LEU A 1 121 ? 9.957   5.321   3.429   1.00 21.51 ? 121 LEU A CG  1 
ATOM   962  C CD1 . LEU A 1 121 ? 8.707   4.784   4.112   1.00 22.48 ? 121 LEU A CD1 1 
ATOM   963  C CD2 . LEU A 1 121 ? 9.608   6.070   2.140   1.00 17.75 ? 121 LEU A CD2 1 
ATOM   964  N N   . LEU A 1 122 ? 13.290  4.252   4.725   1.00 17.88 ? 122 LEU A N   1 
ATOM   965  C CA  . LEU A 1 122 ? 14.103  3.113   4.282   1.00 16.97 ? 122 LEU A CA  1 
ATOM   966  C C   . LEU A 1 122 ? 14.247  2.173   5.456   1.00 17.41 ? 122 LEU A C   1 
ATOM   967  O O   . LEU A 1 122 ? 14.203  0.971   5.323   1.00 16.30 ? 122 LEU A O   1 
ATOM   968  C CB  . LEU A 1 122 ? 15.520  3.547   3.884   1.00 15.74 ? 122 LEU A CB  1 
ATOM   969  C CG  . LEU A 1 122 ? 15.563  4.388   2.604   1.00 17.24 ? 122 LEU A CG  1 
ATOM   970  C CD1 . LEU A 1 122 ? 17.003  4.791   2.231   1.00 14.73 ? 122 LEU A CD1 1 
ATOM   971  C CD2 . LEU A 1 122 ? 14.850  3.648   1.465   1.00 15.95 ? 122 LEU A CD2 1 
ATOM   972  N N   . TYR A 1 123 ? 14.499  2.719   6.629   1.00 18.22 ? 123 TYR A N   1 
ATOM   973  C CA  . TYR A 1 123 ? 14.563  1.835   7.782   1.00 17.51 ? 123 TYR A CA  1 
ATOM   974  C C   . TYR A 1 123 ? 13.281  0.990   7.968   1.00 18.17 ? 123 TYR A C   1 
ATOM   975  O O   . TYR A 1 123 ? 13.367  -0.188  8.322   1.00 16.55 ? 123 TYR A O   1 
ATOM   976  C CB  . TYR A 1 123 ? 14.789  2.622   9.021   1.00 18.70 ? 123 TYR A CB  1 
ATOM   977  C CG  . TYR A 1 123 ? 14.904  1.779   10.256  1.00 20.73 ? 123 TYR A CG  1 
ATOM   978  C CD1 . TYR A 1 123 ? 16.046  1.049   10.514  1.00 23.96 ? 123 TYR A CD1 1 
ATOM   979  C CD2 . TYR A 1 123 ? 13.860  1.712   11.157  1.00 27.02 ? 123 TYR A CD2 1 
ATOM   980  C CE1 . TYR A 1 123 ? 16.159  0.293   11.657  1.00 28.64 ? 123 TYR A CE1 1 
ATOM   981  C CE2 . TYR A 1 123 ? 13.966  0.972   12.316  1.00 29.94 ? 123 TYR A CE2 1 
ATOM   982  C CZ  . TYR A 1 123 ? 15.118  0.268   12.558  1.00 30.29 ? 123 TYR A CZ  1 
ATOM   983  O OH  . TYR A 1 123 ? 15.224  -0.467  13.713  1.00 32.43 ? 123 TYR A OH  1 
ATOM   984  N N   . SER A 1 124 ? 12.111  1.588   7.752   1.00 18.44 ? 124 SER A N   1 
ATOM   985  C CA  . SER A 1 124 ? 10.837  0.859   7.937   1.00 19.60 ? 124 SER A CA  1 
ATOM   986  C C   . SER A 1 124 ? 10.696  -0.190  6.873   1.00 19.22 ? 124 SER A C   1 
ATOM   987  O O   . SER A 1 124 ? 10.408  -1.350  7.150   1.00 20.71 ? 124 SER A O   1 
ATOM   988  C CB  . SER A 1 124 ? 9.655   1.812   7.879   1.00 20.25 ? 124 SER A CB  1 
ATOM   989  O OG  . SER A 1 124 ? 9.916   2.949   8.730   1.00 23.92 ? 124 SER A OG  1 
ATOM   990  N N   . ILE A 1 125 ? 10.896  0.204   5.633   1.00 19.54 ? 125 ILE A N   1 
ATOM   991  C CA  . ILE A 1 125 ? 10.811  -0.771  4.535   1.00 19.91 ? 125 ILE A CA  1 
ATOM   992  C C   . ILE A 1 125 ? 11.714  -1.987  4.786   1.00 19.18 ? 125 ILE A C   1 
ATOM   993  O O   . ILE A 1 125 ? 11.405  -3.096  4.406   1.00 21.01 ? 125 ILE A O   1 
ATOM   994  C CB  . ILE A 1 125 ? 11.181  -0.080  3.181   1.00 19.31 ? 125 ILE A CB  1 
ATOM   995  C CG1 . ILE A 1 125 ? 10.105  0.926   2.763   1.00 19.25 ? 125 ILE A CG1 1 
ATOM   996  C CG2 . ILE A 1 125 ? 11.331  -1.097  2.101   1.00 20.35 ? 125 ILE A CG2 1 
ATOM   997  C CD1 . ILE A 1 125 ? 10.646  1.989   1.731   1.00 19.02 ? 125 ILE A CD1 1 
ATOM   998  N N   . ALA A 1 126 ? 12.881  -1.764  5.351   1.00 19.06 ? 126 ALA A N   1 
ATOM   999  C CA  . ALA A 1 126 ? 13.801  -2.862  5.643   1.00 19.14 ? 126 ALA A CA  1 
ATOM   1000 C C   . ALA A 1 126 ? 13.199  -3.851  6.634   1.00 19.71 ? 126 ALA A C   1 
ATOM   1001 O O   . ALA A 1 126 ? 13.639  -4.999  6.712   1.00 21.44 ? 126 ALA A O   1 
ATOM   1002 C CB  . ALA A 1 126 ? 15.164  -2.308  6.223   1.00 18.74 ? 126 ALA A CB  1 
ATOM   1003 N N   . ASN A 1 127 ? 12.249  -3.389  7.435   1.00 19.91 ? 127 ASN A N   1 
ATOM   1004 C CA  . ASN A 1 127 ? 11.537  -4.251  8.378   1.00 19.66 ? 127 ASN A CA  1 
ATOM   1005 C C   . ASN A 1 127 ? 10.266  -4.881  7.790   1.00 18.55 ? 127 ASN A C   1 
ATOM   1006 O O   . ASN A 1 127 ? 9.880   -5.988  8.158   1.00 17.04 ? 127 ASN A O   1 
ATOM   1007 C CB  . ASN A 1 127 ? 11.157  -3.477  9.621   1.00 19.65 ? 127 ASN A CB  1 
ATOM   1008 C CG  . ASN A 1 127 ? 12.355  -3.200  10.491  1.00 24.23 ? 127 ASN A CG  1 
ATOM   1009 O OD1 . ASN A 1 127 ? 13.186  -4.080  10.722  1.00 26.55 ? 127 ASN A OD1 1 
ATOM   1010 N ND2 . ASN A 1 127 ? 12.491  -1.959  10.924  1.00 30.03 ? 127 ASN A ND2 1 
ATOM   1011 N N   . GLN A 1 128 ? 9.631   -4.176  6.860   1.00 18.84 ? 128 GLN A N   1 
ATOM   1012 C CA  . GLN A 1 128 ? 8.366   -4.667  6.332   1.00 18.92 ? 128 GLN A CA  1 
ATOM   1013 C C   . GLN A 1 128 ? 7.740   -3.721  5.314   1.00 18.89 ? 128 GLN A C   1 
ATOM   1014 O O   . GLN A 1 128 ? 8.070   -2.563  5.232   1.00 19.49 ? 128 GLN A O   1 
ATOM   1015 C CB  . GLN A 1 128 ? 7.402   -4.813  7.523   1.00 18.90 ? 128 GLN A CB  1 
ATOM   1016 C CG  . GLN A 1 128 ? 6.843   -3.485  7.918   1.00 21.52 ? 128 GLN A CG  1 
ATOM   1017 C CD  . GLN A 1 128 ? 6.143   -3.469  9.257   1.00 23.02 ? 128 GLN A CD  1 
ATOM   1018 O OE1 . GLN A 1 128 ? 6.775   -3.223  10.312  1.00 22.16 ? 128 GLN A OE1 1 
ATOM   1019 N NE2 . GLN A 1 128 ? 4.829   -3.666  9.227   1.00 20.52 ? 128 GLN A NE2 1 
ATOM   1020 N N   . PRO A 1 129 ? 6.816   -4.215  4.508   1.00 19.81 ? 129 PRO A N   1 
ATOM   1021 C CA  . PRO A 1 129 ? 6.144   -3.360  3.523   1.00 18.72 ? 129 PRO A CA  1 
ATOM   1022 C C   . PRO A 1 129 ? 5.381   -2.230  4.181   1.00 19.32 ? 129 PRO A C   1 
ATOM   1023 O O   . PRO A 1 129 ? 4.790   -2.432  5.259   1.00 18.97 ? 129 PRO A O   1 
ATOM   1024 C CB  . PRO A 1 129 ? 5.222   -4.303  2.849   1.00 20.14 ? 129 PRO A CB  1 
ATOM   1025 C CG  . PRO A 1 129 ? 5.944   -5.611  2.948   1.00 20.39 ? 129 PRO A CG  1 
ATOM   1026 C CD  . PRO A 1 129 ? 6.472   -5.632  4.358   1.00 20.16 ? 129 PRO A CD  1 
ATOM   1027 N N   . VAL A 1 130 ? 5.415   -1.044  3.558   1.00 18.81 ? 130 VAL A N   1 
ATOM   1028 C CA  . VAL A 1 130 ? 4.857   0.142   4.191   1.00 19.23 ? 130 VAL A CA  1 
ATOM   1029 C C   . VAL A 1 130 ? 3.889   0.809   3.239   1.00 20.58 ? 130 VAL A C   1 
ATOM   1030 O O   . VAL A 1 130 ? 4.068   0.785   2.012   1.00 20.57 ? 130 VAL A O   1 
ATOM   1031 C CB  . VAL A 1 130 ? 6.022   1.154   4.556   1.00 20.17 ? 130 VAL A CB  1 
ATOM   1032 C CG1 . VAL A 1 130 ? 5.501   2.498   5.187   1.00 16.99 ? 130 VAL A CG1 1 
ATOM   1033 C CG2 . VAL A 1 130 ? 7.000   0.491   5.511   1.00 21.18 ? 130 VAL A CG2 1 
ATOM   1034 N N   . SER A 1 131 ? 2.853   1.392   3.795   1.00 21.17 ? 131 SER A N   1 
ATOM   1035 C CA  . SER A 1 131 ? 1.913   2.116   2.950   1.00 22.84 ? 131 SER A CA  1 
ATOM   1036 C C   . SER A 1 131 ? 2.370   3.616   2.802   1.00 21.79 ? 131 SER A C   1 
ATOM   1037 O O   . SER A 1 131 ? 2.708   4.244   3.773   1.00 21.31 ? 131 SER A O   1 
ATOM   1038 C CB  . SER A 1 131 ? 0.522   2.017   3.561   1.00 22.73 ? 131 SER A CB  1 
ATOM   1039 O OG  . SER A 1 131 ? -0.269  3.130   3.150   1.00 24.49 ? 131 SER A OG  1 
ATOM   1040 N N   . VAL A 1 132 ? 2.379   4.126   1.574   1.00 22.30 ? 132 VAL A N   1 
ATOM   1041 C CA  . VAL A 1 132 ? 2.875   5.446   1.235   1.00 21.25 ? 132 VAL A CA  1 
ATOM   1042 C C   . VAL A 1 132 ? 1.952   6.111   0.224   1.00 21.69 ? 132 VAL A C   1 
ATOM   1043 O O   . VAL A 1 132 ? 1.203   5.423   -0.528  1.00 21.95 ? 132 VAL A O   1 
ATOM   1044 C CB  . VAL A 1 132 ? 4.332   5.302   0.589   1.00 24.28 ? 132 VAL A CB  1 
ATOM   1045 C CG1 . VAL A 1 132 ? 5.296   4.663   1.539   1.00 20.73 ? 132 VAL A CG1 1 
ATOM   1046 C CG2 . VAL A 1 132 ? 4.281   4.431   -0.730  1.00 21.31 ? 132 VAL A CG2 1 
ATOM   1047 N N   . VAL A 1 133 ? 2.015   7.443   0.165   1.00 20.90 ? 133 VAL A N   1 
ATOM   1048 C CA  . VAL A 1 133 ? 1.242   8.208   -0.781  1.00 20.01 ? 133 VAL A CA  1 
ATOM   1049 C C   . VAL A 1 133 ? 2.167   8.951   -1.737  1.00 20.42 ? 133 VAL A C   1 
ATOM   1050 O O   . VAL A 1 133 ? 3.348   9.147   -1.466  1.00 21.51 ? 133 VAL A O   1 
ATOM   1051 C CB  . VAL A 1 133 ? 0.250   9.136   -0.051  1.00 20.05 ? 133 VAL A CB  1 
ATOM   1052 C CG1 . VAL A 1 133 ? -0.780  8.305   0.715   1.00 21.36 ? 133 VAL A CG1 1 
ATOM   1053 C CG2 . VAL A 1 133 ? 0.972   10.067  0.896   1.00 22.15 ? 133 VAL A CG2 1 
ATOM   1054 N N   . LEU A 1 134 ? 1.644   9.367   -2.875  1.00 20.97 ? 134 LEU A N   1 
ATOM   1055 C CA  . LEU A 1 134 ? 2.437   10.143  -3.825  1.00 19.98 ? 134 LEU A CA  1 
ATOM   1056 C C   . LEU A 1 134 ? 1.455   10.818  -4.771  1.00 19.44 ? 134 LEU A C   1 
ATOM   1057 O O   . LEU A 1 134 ? 0.262   10.521  -4.719  1.00 18.32 ? 134 LEU A O   1 
ATOM   1058 C CB  . LEU A 1 134 ? 3.397   9.219   -4.581  1.00 19.42 ? 134 LEU A CB  1 
ATOM   1059 C CG  . LEU A 1 134 ? 2.801   8.006   -5.292  1.00 22.49 ? 134 LEU A CG  1 
ATOM   1060 C CD1 . LEU A 1 134 ? 2.184   8.508   -6.560  1.00 22.67 ? 134 LEU A CD1 1 
ATOM   1061 C CD2 . LEU A 1 134 ? 3.870   6.962   -5.578  1.00 20.01 ? 134 LEU A CD2 1 
ATOM   1062 N N   . GLU A 1 135 ? 1.965   11.759  -5.574  1.00 19.13 ? 135 GLU A N   1 
ATOM   1063 C CA  . GLU A 1 135 ? 1.189   12.505  -6.540  1.00 19.99 ? 135 GLU A CA  1 
ATOM   1064 C C   . GLU A 1 135 ? 1.151   11.643  -7.818  1.00 20.84 ? 135 GLU A C   1 
ATOM   1065 O O   . GLU A 1 135 ? 2.206   11.408  -8.389  1.00 22.19 ? 135 GLU A O   1 
ATOM   1066 C CB  . GLU A 1 135 ? 1.875   13.833  -6.838  1.00 18.77 ? 135 GLU A CB  1 
ATOM   1067 C CG  . GLU A 1 135 ? 1.040   14.673  -7.795  1.00 21.02 ? 135 GLU A CG  1 
ATOM   1068 C CD  . GLU A 1 135 ? 1.821   15.809  -8.390  1.00 19.19 ? 135 GLU A CD  1 
ATOM   1069 O OE1 . GLU A 1 135 ? 2.431   15.591  -9.457  1.00 19.45 ? 135 GLU A OE1 1 
ATOM   1070 O OE2 . GLU A 1 135 ? 1.808   16.909  -7.788  1.00 18.73 ? 135 GLU A OE2 1 
ATOM   1071 N N   . ALA A 1 136 ? -0.013  11.110  -8.220  1.00 20.18 ? 136 ALA A N   1 
ATOM   1072 C CA  . ALA A 1 136 ? -0.104  10.304  -9.436  1.00 20.74 ? 136 ALA A CA  1 
ATOM   1073 C C   . ALA A 1 136 ? -0.847  10.980  -10.567 1.00 20.75 ? 136 ALA A C   1 
ATOM   1074 O O   . ALA A 1 136 ? -0.989  10.411  -11.641 1.00 21.63 ? 136 ALA A O   1 
ATOM   1075 C CB  . ALA A 1 136 ? -0.765  8.929   -9.150  1.00 20.39 ? 136 ALA A CB  1 
ATOM   1076 N N   . ALA A 1 137 ? -1.321  12.188  -10.340 1.00 20.42 ? 137 ALA A N   1 
ATOM   1077 C CA  . ALA A 1 137 ? -2.122  12.890  -11.338 1.00 20.15 ? 137 ALA A CA  1 
ATOM   1078 C C   . ALA A 1 137 ? -1.400  13.248  -12.631 1.00 19.36 ? 137 ALA A C   1 
ATOM   1079 O O   . ALA A 1 137 ? -2.034  13.404  -13.675 1.00 18.70 ? 137 ALA A O   1 
ATOM   1080 C CB  . ALA A 1 137 ? -2.722  14.219  -10.704 1.00 20.04 ? 137 ALA A CB  1 
ATOM   1081 N N   . GLY A 1 138 ? -0.089  13.432  -12.569 1.00 19.37 ? 138 GLY A N   1 
ATOM   1082 C CA  . GLY A 1 138 ? 0.635   13.934  -13.740 1.00 18.85 ? 138 GLY A CA  1 
ATOM   1083 C C   . GLY A 1 138 ? 0.747   12.862  -14.800 1.00 17.83 ? 138 GLY A C   1 
ATOM   1084 O O   . GLY A 1 138 ? 0.860   11.711  -14.446 1.00 17.73 ? 138 GLY A O   1 
ATOM   1085 N N   . LYS A 1 139 ? 0.714   13.253  -16.071 1.00 17.79 ? 139 LYS A N   1 
ATOM   1086 C CA  . LYS A 1 139 ? 0.799   12.326  -17.202 1.00 18.62 ? 139 LYS A CA  1 
ATOM   1087 C C   . LYS A 1 139 ? 2.028   11.424  -17.223 1.00 17.65 ? 139 LYS A C   1 
ATOM   1088 O O   . LYS A 1 139 ? 1.957   10.295  -17.705 1.00 17.67 ? 139 LYS A O   1 
ATOM   1089 C CB  . LYS A 1 139 ? 0.762   13.076  -18.545 1.00 18.34 ? 139 LYS A CB  1 
ATOM   1090 C CG  . LYS A 1 139 ? -0.511  13.787  -18.789 1.00 25.21 ? 139 LYS A CG  1 
ATOM   1091 C CD  . LYS A 1 139 ? -0.762  14.799  -17.663 1.00 34.47 ? 139 LYS A CD  1 
ATOM   1092 C CE  . LYS A 1 139 ? 0.268   15.943  -17.663 1.00 37.61 ? 139 LYS A CE  1 
ATOM   1093 N NZ  . LYS A 1 139 ? -0.075  16.937  -18.734 1.00 39.40 ? 139 LYS A NZ  1 
ATOM   1094 N N   . ASP A 1 140 ? 3.141   11.941  -16.735 1.00 17.12 ? 140 ASP A N   1 
ATOM   1095 C CA  . ASP A 1 140 ? 4.381   11.215  -16.719 1.00 17.29 ? 140 ASP A CA  1 
ATOM   1096 C C   . ASP A 1 140 ? 4.222   9.992   -15.814 1.00 18.52 ? 140 ASP A C   1 
ATOM   1097 O O   . ASP A 1 140 ? 4.603   8.882   -16.200 1.00 19.10 ? 140 ASP A O   1 
ATOM   1098 C CB  . ASP A 1 140 ? 5.507   12.119  -16.225 1.00 17.75 ? 140 ASP A CB  1 
ATOM   1099 C CG  . ASP A 1 140 ? 5.780   13.261  -17.176 1.00 16.56 ? 140 ASP A CG  1 
ATOM   1100 O OD1 . ASP A 1 140 ? 6.412   13.017  -18.221 1.00 17.34 ? 140 ASP A OD1 1 
ATOM   1101 O OD2 . ASP A 1 140 ? 5.368   14.413  -16.976 1.00 19.19 ? 140 ASP A OD2 1 
ATOM   1102 N N   . PHE A 1 141 ? 3.635   10.189  -14.634 1.00 17.32 ? 141 PHE A N   1 
ATOM   1103 C CA  . PHE A 1 141 ? 3.384   9.047   -13.762 1.00 17.84 ? 141 PHE A CA  1 
ATOM   1104 C C   . PHE A 1 141 ? 2.375   8.125   -14.429 1.00 18.51 ? 141 PHE A C   1 
ATOM   1105 O O   . PHE A 1 141 ? 2.518   6.905   -14.417 1.00 18.83 ? 141 PHE A O   1 
ATOM   1106 C CB  . PHE A 1 141 ? 2.850   9.496   -12.387 1.00 17.91 ? 141 PHE A CB  1 
ATOM   1107 C CG  . PHE A 1 141 ? 2.708   8.359   -11.387 1.00 18.13 ? 141 PHE A CG  1 
ATOM   1108 C CD1 . PHE A 1 141 ? 3.782   7.974   -10.573 1.00 17.66 ? 141 PHE A CD1 1 
ATOM   1109 C CD2 . PHE A 1 141 ? 1.500   7.693   -11.264 1.00 16.00 ? 141 PHE A CD2 1 
ATOM   1110 C CE1 . PHE A 1 141 ? 3.642   6.937   -9.676  1.00 20.45 ? 141 PHE A CE1 1 
ATOM   1111 C CE2 . PHE A 1 141 ? 1.372   6.640   -10.389 1.00 18.93 ? 141 PHE A CE2 1 
ATOM   1112 C CZ  . PHE A 1 141 ? 2.433   6.261   -9.587  1.00 18.27 ? 141 PHE A CZ  1 
ATOM   1113 N N   . GLN A 1 142 ? 1.342   8.683   -15.015 1.00 18.93 ? 142 GLN A N   1 
ATOM   1114 C CA  . GLN A 1 142 ? 0.289   7.800   -15.503 1.00 20.65 ? 142 GLN A CA  1 
ATOM   1115 C C   . GLN A 1 142 ? 0.755   6.996   -16.699 1.00 20.34 ? 142 GLN A C   1 
ATOM   1116 O O   . GLN A 1 142 ? 0.324   5.907   -16.907 1.00 18.78 ? 142 GLN A O   1 
ATOM   1117 C CB  . GLN A 1 142 ? -0.959  8.584   -15.860 1.00 20.83 ? 142 GLN A CB  1 
ATOM   1118 C CG  . GLN A 1 142 ? -1.769  9.020   -14.652 1.00 25.01 ? 142 GLN A CG  1 
ATOM   1119 C CD  . GLN A 1 142 ? -2.859  9.988   -15.033 1.00 29.80 ? 142 GLN A CD  1 
ATOM   1120 O OE1 . GLN A 1 142 ? -2.809  11.139  -14.627 1.00 35.42 ? 142 GLN A OE1 1 
ATOM   1121 N NE2 . GLN A 1 142 ? -3.828  9.543   -15.844 1.00 30.53 ? 142 GLN A NE2 1 
ATOM   1122 N N   . LEU A 1 143 ? 1.666   7.551   -17.480 1.00 20.75 ? 143 LEU A N   1 
ATOM   1123 C CA  . LEU A 1 143 ? 2.118   6.857   -18.649 1.00 21.36 ? 143 LEU A CA  1 
ATOM   1124 C C   . LEU A 1 143 ? 3.370   6.073   -18.343 1.00 21.25 ? 143 LEU A C   1 
ATOM   1125 O O   . LEU A 1 143 ? 3.899   5.430   -19.229 1.00 21.15 ? 143 LEU A O   1 
ATOM   1126 C CB  . LEU A 1 143 ? 2.395   7.853   -19.770 1.00 21.68 ? 143 LEU A CB  1 
ATOM   1127 C CG  . LEU A 1 143 ? 1.187   8.531   -20.426 1.00 22.49 ? 143 LEU A CG  1 
ATOM   1128 C CD1 . LEU A 1 143 ? 1.603   9.861   -21.011 1.00 22.08 ? 143 LEU A CD1 1 
ATOM   1129 C CD2 . LEU A 1 143 ? 0.549   7.650   -21.456 1.00 24.43 ? 143 LEU A CD2 1 
ATOM   1130 N N   . TYR A 1 144 ? 3.862   6.136   -17.106 1.00 21.17 ? 144 TYR A N   1 
ATOM   1131 C CA  . TYR A 1 144 ? 5.117   5.431   -16.756 1.00 20.67 ? 144 TYR A CA  1 
ATOM   1132 C C   . TYR A 1 144 ? 5.150   4.003   -17.322 1.00 20.98 ? 144 TYR A C   1 
ATOM   1133 O O   . TYR A 1 144 ? 4.178   3.246   -17.209 1.00 20.95 ? 144 TYR A O   1 
ATOM   1134 C CB  . TYR A 1 144 ? 5.285   5.368   -15.240 1.00 19.97 ? 144 TYR A CB  1 
ATOM   1135 C CG  . TYR A 1 144 ? 6.432   4.507   -14.764 1.00 19.75 ? 144 TYR A CG  1 
ATOM   1136 C CD1 . TYR A 1 144 ? 7.759   4.910   -14.936 1.00 18.58 ? 144 TYR A CD1 1 
ATOM   1137 C CD2 . TYR A 1 144 ? 6.182   3.291   -14.112 1.00 20.22 ? 144 TYR A CD2 1 
ATOM   1138 C CE1 . TYR A 1 144 ? 8.828   4.111   -14.498 1.00 18.66 ? 144 TYR A CE1 1 
ATOM   1139 C CE2 . TYR A 1 144 ? 7.221   2.488   -13.661 1.00 21.63 ? 144 TYR A CE2 1 
ATOM   1140 C CZ  . TYR A 1 144 ? 8.546   2.921   -13.837 1.00 20.68 ? 144 TYR A CZ  1 
ATOM   1141 O OH  . TYR A 1 144 ? 9.546   2.113   -13.360 1.00 20.23 ? 144 TYR A OH  1 
ATOM   1142 N N   . ARG A 1 145 ? 6.276   3.611   -17.871 1.00 21.39 ? 145 ARG A N   1 
ATOM   1143 C CA  . ARG A 1 145 ? 6.337   2.324   -18.512 1.00 23.87 ? 145 ARG A CA  1 
ATOM   1144 C C   . ARG A 1 145 ? 7.630   1.613   -18.185 1.00 23.72 ? 145 ARG A C   1 
ATOM   1145 O O   . ARG A 1 145 ? 7.943   0.607   -18.809 1.00 24.94 ? 145 ARG A O   1 
ATOM   1146 C CB  . ARG A 1 145 ? 6.223   2.487   -20.025 1.00 24.63 ? 145 ARG A CB  1 
ATOM   1147 C CG  . ARG A 1 145 ? 4.966   1.894   -20.654 1.00 30.88 ? 145 ARG A CG  1 
ATOM   1148 C CD  . ARG A 1 145 ? 3.601   2.490   -20.243 1.00 39.07 ? 145 ARG A CD  1 
ATOM   1149 N NE  . ARG A 1 145 ? 2.627   2.270   -21.330 1.00 44.32 ? 145 ARG A NE  1 
ATOM   1150 C CZ  . ARG A 1 145 ? 1.305   2.489   -21.261 1.00 47.02 ? 145 ARG A CZ  1 
ATOM   1151 N NH1 . ARG A 1 145 ? 0.741   2.953   -20.138 1.00 46.35 ? 145 ARG A NH1 1 
ATOM   1152 N NH2 . ARG A 1 145 ? 0.546   2.238   -22.335 1.00 47.26 ? 145 ARG A NH2 1 
ATOM   1153 N N   . GLY A 1 146 ? 8.397   2.140   -17.230 1.00 23.79 ? 146 GLY A N   1 
ATOM   1154 C CA  . GLY A 1 146 ? 9.646   1.501   -16.862 1.00 23.14 ? 146 GLY A CA  1 
ATOM   1155 C C   . GLY A 1 146 ? 10.844  2.411   -16.707 1.00 22.39 ? 146 GLY A C   1 
ATOM   1156 O O   . GLY A 1 146 ? 10.867  3.507   -17.222 1.00 23.55 ? 146 GLY A O   1 
ATOM   1157 N N   . GLY A 1 147 ? 11.855  1.939   -16.009 1.00 22.29 ? 147 GLY A N   1 
ATOM   1158 C CA  . GLY A 1 147 ? 13.048  2.731   -15.720 1.00 21.66 ? 147 GLY A CA  1 
ATOM   1159 C C   . GLY A 1 147 ? 12.925  3.322   -14.337 1.00 21.26 ? 147 GLY A C   1 
ATOM   1160 O O   . GLY A 1 147 ? 11.894  3.134   -13.670 1.00 21.70 ? 147 GLY A O   1 
ATOM   1161 N N   . ILE A 1 148 ? 13.964  4.002   -13.873 1.00 20.70 ? 148 ILE A N   1 
ATOM   1162 C CA  . ILE A 1 148 ? 13.884  4.696   -12.618 1.00 21.05 ? 148 ILE A CA  1 
ATOM   1163 C C   . ILE A 1 148 ? 13.166  6.035   -12.862 1.00 20.07 ? 148 ILE A C   1 
ATOM   1164 O O   . ILE A 1 148 ? 13.612  6.850   -13.638 1.00 20.05 ? 148 ILE A O   1 
ATOM   1165 C CB  . ILE A 1 148 ? 15.301  4.929   -11.989 1.00 21.88 ? 148 ILE A CB  1 
ATOM   1166 C CG1 . ILE A 1 148 ? 15.935  3.587   -11.574 1.00 25.91 ? 148 ILE A CG1 1 
ATOM   1167 C CG2 . ILE A 1 148 ? 15.154  5.785   -10.695 1.00 22.22 ? 148 ILE A CG2 1 
ATOM   1168 C CD1 . ILE A 1 148 ? 17.312  3.704   -10.881 1.00 26.96 ? 148 ILE A CD1 1 
ATOM   1169 N N   . PHE A 1 149 ? 12.056  6.252   -12.178 1.00 19.95 ? 149 PHE A N   1 
ATOM   1170 C CA  . PHE A 1 149 ? 11.206  7.404   -12.439 1.00 18.26 ? 149 PHE A CA  1 
ATOM   1171 C C   . PHE A 1 149 ? 11.713  8.566   -11.600 1.00 17.23 ? 149 PHE A C   1 
ATOM   1172 O O   . PHE A 1 149 ? 11.876  8.425   -10.410 1.00 16.94 ? 149 PHE A O   1 
ATOM   1173 C CB  . PHE A 1 149 ? 9.729   7.047   -12.134 1.00 17.98 ? 149 PHE A CB  1 
ATOM   1174 C CG  . PHE A 1 149 ? 8.727   8.160   -12.439 1.00 19.05 ? 149 PHE A CG  1 
ATOM   1175 C CD1 . PHE A 1 149 ? 8.241   8.354   -13.732 1.00 20.39 ? 149 PHE A CD1 1 
ATOM   1176 C CD2 . PHE A 1 149 ? 8.231   8.956   -11.426 1.00 17.13 ? 149 PHE A CD2 1 
ATOM   1177 C CE1 . PHE A 1 149 ? 7.330   9.374   -14.007 1.00 20.53 ? 149 PHE A CE1 1 
ATOM   1178 C CE2 . PHE A 1 149 ? 7.296   9.940   -11.678 1.00 18.05 ? 149 PHE A CE2 1 
ATOM   1179 C CZ  . PHE A 1 149 ? 6.838   10.162  -12.964 1.00 18.46 ? 149 PHE A CZ  1 
ATOM   1180 N N   . VAL A 1 150 ? 12.003  9.695   -12.260 1.00 16.45 ? 150 VAL A N   1 
ATOM   1181 C CA  . VAL A 1 150 ? 12.462  10.901  -11.594 1.00 17.22 ? 150 VAL A CA  1 
ATOM   1182 C C   . VAL A 1 150 ? 11.431  12.022  -11.646 1.00 16.72 ? 150 VAL A C   1 
ATOM   1183 O O   . VAL A 1 150 ? 11.677  13.109  -11.156 1.00 17.90 ? 150 VAL A O   1 
ATOM   1184 C CB  . VAL A 1 150 ? 13.754  11.430  -12.218 1.00 16.42 ? 150 VAL A CB  1 
ATOM   1185 C CG1 . VAL A 1 150 ? 14.790  10.313  -12.274 1.00 19.18 ? 150 VAL A CG1 1 
ATOM   1186 C CG2 . VAL A 1 150 ? 13.492  11.962  -13.637 1.00 17.40 ? 150 VAL A CG2 1 
ATOM   1187 N N   . GLY A 1 151 ? 10.282  11.766  -12.234 1.00 16.93 ? 151 GLY A N   1 
ATOM   1188 C CA  . GLY A 1 151 ? 9.282   12.798  -12.418 1.00 17.13 ? 151 GLY A CA  1 
ATOM   1189 C C   . GLY A 1 151 ? 9.280   13.069  -13.929 1.00 17.15 ? 151 GLY A C   1 
ATOM   1190 O O   . GLY A 1 151 ? 9.678   12.192  -14.674 1.00 16.66 ? 151 GLY A O   1 
ATOM   1191 N N   . PRO A 1 152 ? 8.883   14.256  -14.386 1.00 16.20 ? 152 PRO A N   1 
ATOM   1192 C CA  . PRO A 1 152 ? 8.453   15.359  -13.522 1.00 16.81 ? 152 PRO A CA  1 
ATOM   1193 C C   . PRO A 1 152 ? 7.164   15.016  -12.751 1.00 17.83 ? 152 PRO A C   1 
ATOM   1194 O O   . PRO A 1 152 ? 6.347   14.174  -13.184 1.00 15.93 ? 152 PRO A O   1 
ATOM   1195 C CB  . PRO A 1 152 ? 8.177   16.502  -14.519 1.00 16.56 ? 152 PRO A CB  1 
ATOM   1196 C CG  . PRO A 1 152 ? 8.932   16.123  -15.740 1.00 16.17 ? 152 PRO A CG  1 
ATOM   1197 C CD  . PRO A 1 152 ? 8.793   14.605  -15.800 1.00 16.03 ? 152 PRO A CD  1 
ATOM   1198 N N   . CYS A 1 153 ? 7.022   15.695  -11.608 1.00 17.84 ? 153 CYS A N   1 
ATOM   1199 C CA  . CYS A 1 153 ? 5.851   15.578  -10.730 1.00 17.58 ? 153 CYS A CA  1 
ATOM   1200 C C   . CYS A 1 153 ? 6.029   16.609  -9.579  1.00 17.62 ? 153 CYS A C   1 
ATOM   1201 O O   . CYS A 1 153 ? 7.152   17.060  -9.312  1.00 17.23 ? 153 CYS A O   1 
ATOM   1202 C CB  . CYS A 1 153 ? 5.682   14.171  -10.205 1.00 16.88 ? 153 CYS A CB  1 
ATOM   1203 S SG  . CYS A 1 153 ? 7.116   13.510  -9.333  1.00 16.28 ? 153 CYS A SG  1 
ATOM   1204 N N   . GLY A 1 154 ? 4.919   17.042  -8.976  1.00 17.07 ? 154 GLY A N   1 
ATOM   1205 C CA  . GLY A 1 154 ? 4.966   17.955  -7.854  1.00 15.70 ? 154 GLY A CA  1 
ATOM   1206 C C   . GLY A 1 154 ? 4.719   17.141  -6.598  1.00 15.71 ? 154 GLY A C   1 
ATOM   1207 O O   . GLY A 1 154 ? 4.907   15.919  -6.587  1.00 14.94 ? 154 GLY A O   1 
ATOM   1208 N N   . ASN A 1 155 ? 4.279   17.789  -5.532  1.00 15.72 ? 155 ASN A N   1 
ATOM   1209 C CA  . ASN A 1 155 ? 4.052   17.054  -4.299  1.00 17.54 ? 155 ASN A CA  1 
ATOM   1210 C C   . ASN A 1 155 ? 2.573   16.979  -3.890  1.00 16.81 ? 155 ASN A C   1 
ATOM   1211 O O   . ASN A 1 155 ? 2.291   16.845  -2.720  1.00 16.92 ? 155 ASN A O   1 
ATOM   1212 C CB  . ASN A 1 155 ? 4.836   17.720  -3.178  1.00 18.06 ? 155 ASN A CB  1 
ATOM   1213 C CG  . ASN A 1 155 ? 4.453   19.152  -3.038  1.00 21.02 ? 155 ASN A CG  1 
ATOM   1214 O OD1 . ASN A 1 155 ? 5.065   19.913  -2.281  1.00 25.69 ? 155 ASN A OD1 1 
ATOM   1215 N ND2 . ASN A 1 155 ? 3.410   19.548  -3.782  1.00 23.21 ? 155 ASN A ND2 1 
ATOM   1216 N N   . LYS A 1 156 ? 1.635   17.062  -4.827  1.00 16.60 ? 156 LYS A N   1 
ATOM   1217 C CA  . LYS A 1 156 ? 0.223   17.063  -4.427  1.00 18.20 ? 156 LYS A CA  1 
ATOM   1218 C C   . LYS A 1 156 ? -0.312  15.655  -4.391  1.00 18.92 ? 156 LYS A C   1 
ATOM   1219 O O   . LYS A 1 156 ? -1.026  15.205  -5.282  1.00 19.94 ? 156 LYS A O   1 
ATOM   1220 C CB  . LYS A 1 156 ? -0.626  17.974  -5.321  1.00 19.09 ? 156 LYS A CB  1 
ATOM   1221 C CG  . LYS A 1 156 ? -0.010  19.376  -5.509  1.00 21.18 ? 156 LYS A CG  1 
ATOM   1222 C CD  . LYS A 1 156 ? -0.669  20.141  -6.677  1.00 28.93 ? 156 LYS A CD  1 
ATOM   1223 C CE  . LYS A 1 156 ? 0.349   20.751  -7.655  1.00 30.67 ? 156 LYS A CE  1 
ATOM   1224 N NZ  . LYS A 1 156 ? 0.983   19.618  -8.434  1.00 32.45 ? 156 LYS A NZ  1 
ATOM   1225 N N   . VAL A 1 157 ? 0.059   14.941  -3.346  1.00 18.30 ? 157 VAL A N   1 
ATOM   1226 C CA  . VAL A 1 157 ? -0.277  13.538  -3.260  1.00 17.88 ? 157 VAL A CA  1 
ATOM   1227 C C   . VAL A 1 157 ? -1.769  13.305  -3.371  1.00 17.76 ? 157 VAL A C   1 
ATOM   1228 O O   . VAL A 1 157 ? -2.569  14.105  -2.921  1.00 17.20 ? 157 VAL A O   1 
ATOM   1229 C CB  . VAL A 1 157 ? 0.284   12.960  -2.012  1.00 16.99 ? 157 VAL A CB  1 
ATOM   1230 C CG1 . VAL A 1 157 ? 1.779   13.238  -2.019  1.00 17.72 ? 157 VAL A CG1 1 
ATOM   1231 C CG2 . VAL A 1 157 ? -0.385  13.617  -0.794  1.00 18.30 ? 157 VAL A CG2 1 
ATOM   1232 N N   . ASP A 1 158 ? -2.119  12.204  -4.025  1.00 17.78 ? 158 ASP A N   1 
ATOM   1233 C CA  . ASP A 1 158 ? -3.505  11.870  -4.272  1.00 17.99 ? 158 ASP A CA  1 
ATOM   1234 C C   . ASP A 1 158 ? -3.620  10.384  -4.512  1.00 19.16 ? 158 ASP A C   1 
ATOM   1235 O O   . ASP A 1 158 ? -4.622  9.934   -5.040  1.00 19.59 ? 158 ASP A O   1 
ATOM   1236 C CB  . ASP A 1 158 ? -3.911  12.520  -5.583  1.00 18.41 ? 158 ASP A CB  1 
ATOM   1237 C CG  . ASP A 1 158 ? -2.960  12.132  -6.748  1.00 17.45 ? 158 ASP A CG  1 
ATOM   1238 O OD1 . ASP A 1 158 ? -2.282  11.075  -6.730  1.00 14.61 ? 158 ASP A OD1 1 
ATOM   1239 O OD2 . ASP A 1 158 ? -2.845  12.844  -7.737  1.00 18.63 ? 158 ASP A OD2 1 
ATOM   1240 N N   . HIS A 1 159 ? -2.601  9.604   -4.159  1.00 19.31 ? 159 HIS A N   1 
ATOM   1241 C CA  . HIS A 1 159 ? -2.682  8.186   -4.493  1.00 20.89 ? 159 HIS A CA  1 
ATOM   1242 C C   . HIS A 1 159 ? -1.905  7.368   -3.483  1.00 20.82 ? 159 HIS A C   1 
ATOM   1243 O O   . HIS A 1 159 ? -0.776  7.695   -3.188  1.00 23.33 ? 159 HIS A O   1 
ATOM   1244 C CB  . HIS A 1 159 ? -2.137  7.991   -5.909  1.00 19.47 ? 159 HIS A CB  1 
ATOM   1245 C CG  . HIS A 1 159 ? -2.197  6.583   -6.414  1.00 22.79 ? 159 HIS A CG  1 
ATOM   1246 N ND1 . HIS A 1 159 ? -3.360  5.834   -6.431  1.00 22.43 ? 159 HIS A ND1 1 
ATOM   1247 C CD2 . HIS A 1 159 ? -1.251  5.819   -7.012  1.00 22.91 ? 159 HIS A CD2 1 
ATOM   1248 C CE1 . HIS A 1 159 ? -3.104  4.642   -6.945  1.00 23.88 ? 159 HIS A CE1 1 
ATOM   1249 N NE2 . HIS A 1 159 ? -1.845  4.619   -7.342  1.00 22.90 ? 159 HIS A NE2 1 
ATOM   1250 N N   . ALA A 1 160 ? -2.511  6.339   -2.929  1.00 20.47 ? 160 ALA A N   1 
ATOM   1251 C CA  . ALA A 1 160 ? -1.845  5.491   -1.939  1.00 20.40 ? 160 ALA A CA  1 
ATOM   1252 C C   . ALA A 1 160 ? -1.390  4.152   -2.560  1.00 21.57 ? 160 ALA A C   1 
ATOM   1253 O O   . ALA A 1 160 ? -2.167  3.507   -3.267  1.00 20.93 ? 160 ALA A O   1 
ATOM   1254 C CB  . ALA A 1 160 ? -2.820  5.216   -0.803  1.00 21.75 ? 160 ALA A CB  1 
ATOM   1255 N N   . VAL A 1 161 ? -0.141  3.742   -2.297  1.00 21.11 ? 161 VAL A N   1 
ATOM   1256 C CA  . VAL A 1 161 ? 0.434   2.527   -2.879  1.00 21.23 ? 161 VAL A CA  1 
ATOM   1257 C C   . VAL A 1 161 ? 1.280   1.921   -1.802  1.00 20.66 ? 161 VAL A C   1 
ATOM   1258 O O   . VAL A 1 161 ? 1.245   2.365   -0.675  1.00 20.29 ? 161 VAL A O   1 
ATOM   1259 C CB  . VAL A 1 161 ? 1.282   2.880   -4.123  1.00 20.77 ? 161 VAL A CB  1 
ATOM   1260 C CG1 . VAL A 1 161 ? 0.403   3.570   -5.163  1.00 22.23 ? 161 VAL A CG1 1 
ATOM   1261 C CG2 . VAL A 1 161 ? 2.426   3.823   -3.750  1.00 21.71 ? 161 VAL A CG2 1 
ATOM   1262 N N   . ALA A 1 162 ? 2.093   0.930   -2.095  1.00 20.83 ? 162 ALA A N   1 
ATOM   1263 C CA  . ALA A 1 162 ? 2.816   0.339   -0.970  1.00 19.71 ? 162 ALA A CA  1 
ATOM   1264 C C   . ALA A 1 162 ? 4.262   0.202   -1.325  1.00 19.17 ? 162 ALA A C   1 
ATOM   1265 O O   . ALA A 1 162 ? 4.570   -0.151  -2.466  1.00 20.01 ? 162 ALA A O   1 
ATOM   1266 C CB  . ALA A 1 162 ? 2.247   -0.965  -0.677  1.00 19.63 ? 162 ALA A CB  1 
ATOM   1267 N N   . ALA A 1 163 ? 5.159   0.490   -0.389  1.00 19.06 ? 163 ALA A N   1 
ATOM   1268 C CA  . ALA A 1 163 ? 6.592   0.376   -0.695  1.00 18.48 ? 163 ALA A CA  1 
ATOM   1269 C C   . ALA A 1 163 ? 7.102   -0.995  -0.264  1.00 18.05 ? 163 ALA A C   1 
ATOM   1270 O O   . ALA A 1 163 ? 7.025   -1.329  0.905   1.00 18.60 ? 163 ALA A O   1 
ATOM   1271 C CB  . ALA A 1 163 ? 7.386   1.498   -0.015  1.00 17.30 ? 163 ALA A CB  1 
ATOM   1272 N N   . VAL A 1 164 ? 7.662   -1.763  -1.184  1.00 17.68 ? 164 VAL A N   1 
ATOM   1273 C CA  . VAL A 1 164 ? 8.024   -3.175  -0.861  1.00 17.88 ? 164 VAL A CA  1 
ATOM   1274 C C   . VAL A 1 164 ? 9.512   -3.477  -1.001  1.00 18.11 ? 164 VAL A C   1 
ATOM   1275 O O   . VAL A 1 164 ? 9.968   -4.639  -0.905  1.00 18.61 ? 164 VAL A O   1 
ATOM   1276 C CB  . VAL A 1 164 ? 7.229   -4.182  -1.690  1.00 18.75 ? 164 VAL A CB  1 
ATOM   1277 C CG1 . VAL A 1 164 ? 5.694   -4.046  -1.466  1.00 16.87 ? 164 VAL A CG1 1 
ATOM   1278 C CG2 . VAL A 1 164 ? 7.571   -4.034  -3.216  1.00 18.74 ? 164 VAL A CG2 1 
ATOM   1279 N N   . GLY A 1 165 ? 10.297  -2.435  -1.188  1.00 17.32 ? 165 GLY A N   1 
ATOM   1280 C CA  . GLY A 1 165 ? 11.747  -2.569  -1.132  1.00 18.38 ? 165 GLY A CA  1 
ATOM   1281 C C   . GLY A 1 165 ? 12.467  -1.347  -1.622  1.00 17.89 ? 165 GLY A C   1 
ATOM   1282 O O   . GLY A 1 165 ? 11.822  -0.304  -1.867  1.00 18.90 ? 165 GLY A O   1 
ATOM   1283 N N   . TYR A 1 166 ? 13.786  -1.448  -1.750  1.00 18.25 ? 166 TYR A N   1 
ATOM   1284 C CA  . TYR A 1 166 ? 14.570  -0.330  -2.286  1.00 19.01 ? 166 TYR A CA  1 
ATOM   1285 C C   . TYR A 1 166 ? 15.954  -0.773  -2.741  1.00 18.57 ? 166 TYR A C   1 
ATOM   1286 O O   . TYR A 1 166 ? 16.369  -1.903  -2.493  1.00 21.62 ? 166 TYR A O   1 
ATOM   1287 C CB  . TYR A 1 166 ? 14.731  0.815   -1.240  1.00 17.05 ? 166 TYR A CB  1 
ATOM   1288 C CG  . TYR A 1 166 ? 15.557  0.332   -0.072  1.00 19.08 ? 166 TYR A CG  1 
ATOM   1289 C CD1 . TYR A 1 166 ? 16.955  0.349   -0.127  1.00 18.35 ? 166 TYR A CD1 1 
ATOM   1290 C CD2 . TYR A 1 166 ? 14.943  -0.222  1.031   1.00 16.85 ? 166 TYR A CD2 1 
ATOM   1291 C CE1 . TYR A 1 166 ? 17.717  -0.097  0.907   1.00 15.14 ? 166 TYR A CE1 1 
ATOM   1292 C CE2 . TYR A 1 166 ? 15.715  -0.709  2.123   1.00 19.50 ? 166 TYR A CE2 1 
ATOM   1293 C CZ  . TYR A 1 166 ? 17.108  -0.633  2.029   1.00 19.13 ? 166 TYR A CZ  1 
ATOM   1294 O OH  . TYR A 1 166 ? 17.884  -1.090  3.061   1.00 16.98 ? 166 TYR A OH  1 
ATOM   1295 N N   . GLY A 1 167 ? 16.683  0.109   -3.411  1.00 18.17 ? 167 GLY A N   1 
ATOM   1296 C CA  . GLY A 1 167 ? 18.058  -0.179  -3.798  1.00 16.66 ? 167 GLY A CA  1 
ATOM   1297 C C   . GLY A 1 167 ? 18.813  1.122   -3.724  1.00 17.27 ? 167 GLY A C   1 
ATOM   1298 O O   . GLY A 1 167 ? 18.291  2.099   -3.224  1.00 18.05 ? 167 GLY A O   1 
ATOM   1299 N N   . PRO A 1 168 ? 20.043  1.167   -4.228  1.00 17.89 ? 168 PRO A N   1 
ATOM   1300 C CA  . PRO A 1 168 ? 20.884  2.361   -4.103  1.00 17.56 ? 168 PRO A CA  1 
ATOM   1301 C C   . PRO A 1 168 ? 20.288  3.661   -4.631  1.00 18.78 ? 168 PRO A C   1 
ATOM   1302 O O   . PRO A 1 168 ? 20.590  4.731   -4.113  1.00 19.28 ? 168 PRO A O   1 
ATOM   1303 C CB  . PRO A 1 168 ? 22.126  1.992   -4.922  1.00 18.41 ? 168 PRO A CB  1 
ATOM   1304 C CG  . PRO A 1 168 ? 22.196  0.499   -4.807  1.00 18.86 ? 168 PRO A CG  1 
ATOM   1305 C CD  . PRO A 1 168 ? 20.738  0.060   -4.897  1.00 17.04 ? 168 PRO A CD  1 
ATOM   1306 N N   . ASN A 1 169 ? 19.484  3.581   -5.678  1.00 19.46 ? 169 ASN A N   1 
ATOM   1307 C CA  . ASN A 1 169 ? 18.964  4.775   -6.300  1.00 19.78 ? 169 ASN A CA  1 
ATOM   1308 C C   . ASN A 1 169 ? 17.452  4.865   -6.403  1.00 19.05 ? 169 ASN A C   1 
ATOM   1309 O O   . ASN A 1 169 ? 16.920  5.838   -6.952  1.00 20.10 ? 169 ASN A O   1 
ATOM   1310 C CB  . ASN A 1 169 ? 19.578  4.894   -7.695  1.00 20.98 ? 169 ASN A CB  1 
ATOM   1311 C CG  . ASN A 1 169 ? 20.872  5.612   -7.678  1.00 25.72 ? 169 ASN A CG  1 
ATOM   1312 O OD1 . ASN A 1 169 ? 20.921  6.831   -7.457  1.00 31.97 ? 169 ASN A OD1 1 
ATOM   1313 N ND2 . ASN A 1 169 ? 21.958  4.876   -7.915  1.00 30.84 ? 169 ASN A ND2 1 
ATOM   1314 N N   . TYR A 1 170 ? 16.731  3.925   -5.817  1.00 18.20 ? 170 TYR A N   1 
ATOM   1315 C CA  . TYR A 1 170 ? 15.296  3.945   -5.961  1.00 18.53 ? 170 TYR A CA  1 
ATOM   1316 C C   . TYR A 1 170 ? 14.604  3.323   -4.759  1.00 18.50 ? 170 TYR A C   1 
ATOM   1317 O O   . TYR A 1 170 ? 15.212  2.652   -3.898  1.00 18.20 ? 170 TYR A O   1 
ATOM   1318 C CB  . TYR A 1 170 ? 14.872  3.155   -7.229  1.00 19.17 ? 170 TYR A CB  1 
ATOM   1319 C CG  . TYR A 1 170 ? 15.274  1.717   -7.115  1.00 19.51 ? 170 TYR A CG  1 
ATOM   1320 C CD1 . TYR A 1 170 ? 16.540  1.287   -7.524  1.00 20.47 ? 170 TYR A CD1 1 
ATOM   1321 C CD2 . TYR A 1 170 ? 14.412  0.795   -6.541  1.00 20.88 ? 170 TYR A CD2 1 
ATOM   1322 C CE1 . TYR A 1 170 ? 16.925  -0.055  -7.372  1.00 23.11 ? 170 TYR A CE1 1 
ATOM   1323 C CE2 . TYR A 1 170 ? 14.779  -0.535  -6.390  1.00 24.60 ? 170 TYR A CE2 1 
ATOM   1324 C CZ  . TYR A 1 170 ? 16.026  -0.959  -6.792  1.00 25.96 ? 170 TYR A CZ  1 
ATOM   1325 O OH  . TYR A 1 170 ? 16.349  -2.305  -6.618  1.00 27.36 ? 170 TYR A OH  1 
ATOM   1326 N N   . ILE A 1 171 ? 13.299  3.523   -4.749  1.00 18.94 ? 171 ILE A N   1 
ATOM   1327 C CA  . ILE A 1 171 ? 12.446  2.881   -3.797  1.00 18.51 ? 171 ILE A CA  1 
ATOM   1328 C C   . ILE A 1 171 ? 11.458  2.089   -4.662  1.00 19.36 ? 171 ILE A C   1 
ATOM   1329 O O   . ILE A 1 171 ? 10.956  2.626   -5.684  1.00 19.21 ? 171 ILE A O   1 
ATOM   1330 C CB  . ILE A 1 171 ? 11.743  3.897   -2.882  1.00 19.80 ? 171 ILE A CB  1 
ATOM   1331 C CG1 . ILE A 1 171 ? 12.732  4.534   -1.889  1.00 18.43 ? 171 ILE A CG1 1 
ATOM   1332 C CG2 . ILE A 1 171 ? 10.533  3.203   -2.175  1.00 19.70 ? 171 ILE A CG2 1 
ATOM   1333 C CD1 . ILE A 1 171 ? 12.036  5.359   -0.841  1.00 22.29 ? 171 ILE A CD1 1 
ATOM   1334 N N   . LEU A 1 172 ? 11.166  0.849   -4.231  1.00 18.00 ? 172 LEU A N   1 
ATOM   1335 C CA  . LEU A 1 172 ? 10.303  -0.104  -4.971  1.00 18.71 ? 172 LEU A CA  1 
ATOM   1336 C C   . LEU A 1 172 ? 8.856   -0.097  -4.500  1.00 18.32 ? 172 LEU A C   1 
ATOM   1337 O O   . LEU A 1 172 ? 8.564   -0.416  -3.356  1.00 18.37 ? 172 LEU A O   1 
ATOM   1338 C CB  . LEU A 1 172 ? 10.885  -1.518  -4.908  1.00 17.82 ? 172 LEU A CB  1 
ATOM   1339 C CG  . LEU A 1 172 ? 10.151  -2.604  -5.686  1.00 22.20 ? 172 LEU A CG  1 
ATOM   1340 C CD1 . LEU A 1 172 ? 10.121  -2.314  -7.210  1.00 22.21 ? 172 LEU A CD1 1 
ATOM   1341 C CD2 . LEU A 1 172 ? 10.713  -3.996  -5.360  1.00 19.29 ? 172 LEU A CD2 1 
ATOM   1342 N N   . ILE A 1 173 ? 7.953   0.236   -5.414  1.00 19.16 ? 173 ILE A N   1 
ATOM   1343 C CA  . ILE A 1 173 ? 6.554   0.492   -5.076  1.00 19.91 ? 173 ILE A CA  1 
ATOM   1344 C C   . ILE A 1 173 ? 5.580   -0.420  -5.836  1.00 20.95 ? 173 ILE A C   1 
ATOM   1345 O O   . ILE A 1 173 ? 5.684   -0.562  -7.059  1.00 19.58 ? 173 ILE A O   1 
ATOM   1346 C CB  . ILE A 1 173 ? 6.209   1.991   -5.347  1.00 20.02 ? 173 ILE A CB  1 
ATOM   1347 C CG1 . ILE A 1 173 ? 6.290   2.788   -4.068  1.00 22.75 ? 173 ILE A CG1 1 
ATOM   1348 C CG2 . ILE A 1 173 ? 4.817   2.214   -5.929  1.00 20.08 ? 173 ILE A CG2 1 
ATOM   1349 C CD1 . ILE A 1 173 ? 7.632   3.364   -3.758  1.00 21.29 ? 173 ILE A CD1 1 
ATOM   1350 N N   . LYS A 1 174 ? 4.625   -1.001  -5.101  1.00 20.69 ? 174 LYS A N   1 
ATOM   1351 C CA  . LYS A 1 174 ? 3.644   -1.851  -5.733  1.00 21.68 ? 174 LYS A CA  1 
ATOM   1352 C C   . LYS A 1 174 ? 2.417   -0.998  -5.925  1.00 21.62 ? 174 LYS A C   1 
ATOM   1353 O O   . LYS A 1 174 ? 1.870   -0.453  -4.958  1.00 22.41 ? 174 LYS A O   1 
ATOM   1354 C CB  . LYS A 1 174 ? 3.323   -3.065  -4.856  1.00 22.00 ? 174 LYS A CB  1 
ATOM   1355 C CG  . LYS A 1 174 ? 2.227   -4.031  -5.408  1.00 21.06 ? 174 LYS A CG  1 
ATOM   1356 C CD  . LYS A 1 174 ? 1.957   -5.165  -4.392  1.00 19.86 ? 174 LYS A CD  1 
ATOM   1357 C CE  . LYS A 1 174 ? 1.060   -6.316  -4.967  1.00 20.26 ? 174 LYS A CE  1 
ATOM   1358 N NZ  . LYS A 1 174 ? 0.615   -7.282  -3.904  1.00 16.46 ? 174 LYS A NZ  1 
ATOM   1359 N N   . ASN A 1 175 ? 1.994   -0.853  -7.174  1.00 21.34 ? 175 ASN A N   1 
ATOM   1360 C CA  . ASN A 1 175 ? 0.787   -0.099  -7.497  1.00 21.03 ? 175 ASN A CA  1 
ATOM   1361 C C   . ASN A 1 175 ? -0.401  -1.058  -7.623  1.00 19.82 ? 175 ASN A C   1 
ATOM   1362 O O   . ASN A 1 175 ? -0.223  -2.283  -7.609  1.00 21.41 ? 175 ASN A O   1 
ATOM   1363 C CB  . ASN A 1 175 ? 1.030   0.706   -8.800  1.00 20.23 ? 175 ASN A CB  1 
ATOM   1364 C CG  . ASN A 1 175 ? 0.078   1.889   -8.963  1.00 20.28 ? 175 ASN A CG  1 
ATOM   1365 O OD1 . ASN A 1 175 ? -0.727  2.157   -8.099  1.00 20.30 ? 175 ASN A OD1 1 
ATOM   1366 N ND2 . ASN A 1 175 ? 0.169   2.590   -10.098 1.00 20.43 ? 175 ASN A ND2 1 
ATOM   1367 N N   . SER A 1 176 ? -1.605  -0.527  -7.786  1.00 19.59 ? 176 SER A N   1 
ATOM   1368 C CA  . SER A 1 176 ? -2.830  -1.350  -7.900  1.00 19.59 ? 176 SER A CA  1 
ATOM   1369 C C   . SER A 1 176 ? -3.586  -1.057  -9.220  1.00 19.26 ? 176 SER A C   1 
ATOM   1370 O O   . SER A 1 176 ? -4.834  -1.088  -9.319  1.00 18.02 ? 176 SER A O   1 
ATOM   1371 C CB  . SER A 1 176 ? -3.731  -1.169  -6.668  1.00 17.92 ? 176 SER A CB  1 
ATOM   1372 O OG  . SER A 1 176 ? -3.928  0.231   -6.446  1.00 20.36 ? 176 SER A OG  1 
ATOM   1373 N N   . TRP A 1 177 ? -2.805  -0.737  -10.252 1.00 20.14 ? 177 TRP A N   1 
ATOM   1374 C CA  . TRP A 1 177 ? -3.382  -0.464  -11.571 1.00 19.16 ? 177 TRP A CA  1 
ATOM   1375 C C   . TRP A 1 177 ? -3.164  -1.627  -12.500 1.00 17.81 ? 177 TRP A C   1 
ATOM   1376 O O   . TRP A 1 177 ? -3.201  -1.444  -13.692 1.00 16.79 ? 177 TRP A O   1 
ATOM   1377 C CB  . TRP A 1 177 ? -2.802  0.832   -12.200 1.00 18.25 ? 177 TRP A CB  1 
ATOM   1378 C CG  . TRP A 1 177 ? -3.219  2.094   -11.506 1.00 22.20 ? 177 TRP A CG  1 
ATOM   1379 C CD1 . TRP A 1 177 ? -4.215  2.233   -10.542 1.00 24.28 ? 177 TRP A CD1 1 
ATOM   1380 C CD2 . TRP A 1 177 ? -2.676  3.410   -11.709 1.00 20.62 ? 177 TRP A CD2 1 
ATOM   1381 N NE1 . TRP A 1 177 ? -4.300  3.553   -10.145 1.00 25.04 ? 177 TRP A NE1 1 
ATOM   1382 C CE2 . TRP A 1 177 ? -3.378  4.298   -10.844 1.00 24.03 ? 177 TRP A CE2 1 
ATOM   1383 C CE3 . TRP A 1 177 ? -1.680  3.939   -12.550 1.00 23.03 ? 177 TRP A CE3 1 
ATOM   1384 C CZ2 . TRP A 1 177 ? -3.094  5.674   -10.782 1.00 21.31 ? 177 TRP A CZ2 1 
ATOM   1385 C CZ3 . TRP A 1 177 ? -1.390  5.321   -12.481 1.00 21.61 ? 177 TRP A CZ3 1 
ATOM   1386 C CH2 . TRP A 1 177 ? -2.108  6.162   -11.607 1.00 23.35 ? 177 TRP A CH2 1 
ATOM   1387 N N   . GLY A 1 178 ? -2.931  -2.830  -11.961 1.00 19.08 ? 178 GLY A N   1 
ATOM   1388 C CA  . GLY A 1 178 ? -2.756  -4.018  -12.799 1.00 16.57 ? 178 GLY A CA  1 
ATOM   1389 C C   . GLY A 1 178 ? -1.355  -4.166  -13.395 1.00 18.36 ? 178 GLY A C   1 
ATOM   1390 O O   . GLY A 1 178 ? -0.503  -3.275  -13.214 1.00 19.20 ? 178 GLY A O   1 
ATOM   1391 N N   . THR A 1 179 ? -1.094  -5.251  -14.134 1.00 18.28 ? 179 THR A N   1 
ATOM   1392 C CA  . THR A 1 179 ? 0.273   -5.486  -14.634 1.00 20.17 ? 179 THR A CA  1 
ATOM   1393 C C   . THR A 1 179 ? 0.668   -4.753  -15.933 1.00 20.47 ? 179 THR A C   1 
ATOM   1394 O O   . THR A 1 179 ? 1.860   -4.686  -16.263 1.00 21.84 ? 179 THR A O   1 
ATOM   1395 C CB  . THR A 1 179 ? 0.535   -6.988  -14.811 1.00 19.56 ? 179 THR A CB  1 
ATOM   1396 O OG1 . THR A 1 179 ? -0.488  -7.532  -15.637 1.00 21.49 ? 179 THR A OG1 1 
ATOM   1397 C CG2 . THR A 1 179 ? 0.355   -7.749  -13.530 1.00 21.07 ? 179 THR A CG2 1 
ATOM   1398 N N   . GLY A 1 180 ? -0.303  -4.192  -16.661 1.00 19.29 ? 180 GLY A N   1 
ATOM   1399 C CA  . GLY A 1 180 ? -0.026  -3.453  -17.883 1.00 18.87 ? 180 GLY A CA  1 
ATOM   1400 C C   . GLY A 1 180 ? 0.501   -2.036  -17.649 1.00 18.65 ? 180 GLY A C   1 
ATOM   1401 O O   . GLY A 1 180 ? 0.815   -1.292  -18.596 1.00 18.51 ? 180 GLY A O   1 
ATOM   1402 N N   . TRP A 1 181 ? 0.601   -1.663  -16.380 1.00 18.19 ? 181 TRP A N   1 
ATOM   1403 C CA  . TRP A 1 181 ? 1.194   -0.420  -16.031 1.00 17.76 ? 181 TRP A CA  1 
ATOM   1404 C C   . TRP A 1 181 ? 2.597   -0.637  -15.472 1.00 18.28 ? 181 TRP A C   1 
ATOM   1405 O O   . TRP A 1 181 ? 2.870   -1.607  -14.737 1.00 18.33 ? 181 TRP A O   1 
ATOM   1406 C CB  . TRP A 1 181 ? 0.313   0.331   -15.045 1.00 18.43 ? 181 TRP A CB  1 
ATOM   1407 C CG  . TRP A 1 181 ? 0.868   1.699   -14.607 1.00 15.06 ? 181 TRP A CG  1 
ATOM   1408 C CD1 . TRP A 1 181 ? 0.627   2.929   -15.188 1.00 17.17 ? 181 TRP A CD1 1 
ATOM   1409 C CD2 . TRP A 1 181 ? 1.687   1.948   -13.487 1.00 15.27 ? 181 TRP A CD2 1 
ATOM   1410 N NE1 . TRP A 1 181 ? 1.263   3.930   -14.481 1.00 17.34 ? 181 TRP A NE1 1 
ATOM   1411 C CE2 . TRP A 1 181 ? 1.924   3.350   -13.425 1.00 17.74 ? 181 TRP A CE2 1 
ATOM   1412 C CE3 . TRP A 1 181 ? 2.270   1.136   -12.522 1.00 18.39 ? 181 TRP A CE3 1 
ATOM   1413 C CZ2 . TRP A 1 181 ? 2.719   3.929   -12.453 1.00 16.89 ? 181 TRP A CZ2 1 
ATOM   1414 C CZ3 . TRP A 1 181 ? 3.059   1.726   -11.536 1.00 19.57 ? 181 TRP A CZ3 1 
ATOM   1415 C CH2 . TRP A 1 181 ? 3.270   3.114   -11.516 1.00 18.15 ? 181 TRP A CH2 1 
ATOM   1416 N N   . GLY A 1 182 ? 3.479   0.302   -15.808 1.00 18.50 ? 182 GLY A N   1 
ATOM   1417 C CA  . GLY A 1 182 ? 4.841   0.305   -15.289 1.00 18.72 ? 182 GLY A CA  1 
ATOM   1418 C C   . GLY A 1 182 ? 5.564   -1.012  -15.483 1.00 18.93 ? 182 GLY A C   1 
ATOM   1419 O O   . GLY A 1 182 ? 5.364   -1.717  -16.488 1.00 18.67 ? 182 GLY A O   1 
ATOM   1420 N N   . GLU A 1 183 ? 6.385   -1.368  -14.495 1.00 19.08 ? 183 GLU A N   1 
ATOM   1421 C CA  . GLU A 1 183 ? 7.175   -2.610  -14.559 1.00 18.42 ? 183 GLU A CA  1 
ATOM   1422 C C   . GLU A 1 183 ? 6.370   -3.792  -13.990 1.00 18.16 ? 183 GLU A C   1 
ATOM   1423 O O   . GLU A 1 183 ? 6.490   -4.130  -12.794 1.00 17.45 ? 183 GLU A O   1 
ATOM   1424 C CB  . GLU A 1 183 ? 8.507   -2.369  -13.811 1.00 17.95 ? 183 GLU A CB  1 
ATOM   1425 C CG  . GLU A 1 183 ? 9.315   -1.315  -14.522 1.00 18.42 ? 183 GLU A CG  1 
ATOM   1426 C CD  . GLU A 1 183 ? 10.765  -1.116  -14.001 1.00 21.22 ? 183 GLU A CD  1 
ATOM   1427 O OE1 . GLU A 1 183 ? 11.004  -1.342  -12.795 1.00 19.82 ? 183 GLU A OE1 1 
ATOM   1428 O OE2 . GLU A 1 183 ? 11.648  -0.705  -14.801 1.00 19.13 ? 183 GLU A OE2 1 
ATOM   1429 N N   . ASN A 1 184 ? 5.538   -4.389  -14.854 1.00 17.55 ? 184 ASN A N   1 
ATOM   1430 C CA  . ASN A 1 184 ? 4.587   -5.417  -14.474 1.00 18.34 ? 184 ASN A CA  1 
ATOM   1431 C C   . ASN A 1 184 ? 3.797   -5.006  -13.241 1.00 18.68 ? 184 ASN A C   1 
ATOM   1432 O O   . ASN A 1 184 ? 3.582   -5.815  -12.347 1.00 19.07 ? 184 ASN A O   1 
ATOM   1433 C CB  . ASN A 1 184 ? 5.233   -6.821  -14.337 1.00 16.81 ? 184 ASN A CB  1 
ATOM   1434 C CG  . ASN A 1 184 ? 5.772   -7.307  -15.653 1.00 20.26 ? 184 ASN A CG  1 
ATOM   1435 O OD1 . ASN A 1 184 ? 5.243   -6.950  -16.685 1.00 20.57 ? 184 ASN A OD1 1 
ATOM   1436 N ND2 . ASN A 1 184 ? 6.846   -8.102  -15.640 1.00 23.08 ? 184 ASN A ND2 1 
ATOM   1437 N N   . GLY A 1 185 ? 3.425   -3.724  -13.170 1.00 18.26 ? 185 GLY A N   1 
ATOM   1438 C CA  . GLY A 1 185 ? 2.614   -3.269  -12.094 1.00 18.97 ? 185 GLY A CA  1 
ATOM   1439 C C   . GLY A 1 185 ? 3.364   -2.539  -10.984 1.00 19.30 ? 185 GLY A C   1 
ATOM   1440 O O   . GLY A 1 185 ? 2.726   -1.933  -10.130 1.00 19.25 ? 185 GLY A O   1 
ATOM   1441 N N   . TYR A 1 186 ? 4.691   -2.578  -11.028 1.00 19.89 ? 186 TYR A N   1 
ATOM   1442 C CA  . TYR A 1 186 ? 5.568   -1.910  -10.041 1.00 19.65 ? 186 TYR A CA  1 
ATOM   1443 C C   . TYR A 1 186 ? 6.216   -0.703  -10.604 1.00 20.49 ? 186 TYR A C   1 
ATOM   1444 O O   . TYR A 1 186 ? 6.280   -0.565  -11.834 1.00 21.45 ? 186 TYR A O   1 
ATOM   1445 C CB  . TYR A 1 186 ? 6.717   -2.865  -9.693  1.00 19.62 ? 186 TYR A CB  1 
ATOM   1446 C CG  . TYR A 1 186 ? 6.236   -3.950  -8.839  1.00 19.47 ? 186 TYR A CG  1 
ATOM   1447 C CD1 . TYR A 1 186 ? 5.650   -5.111  -9.392  1.00 19.69 ? 186 TYR A CD1 1 
ATOM   1448 C CD2 . TYR A 1 186 ? 6.283   -3.818  -7.467  1.00 19.14 ? 186 TYR A CD2 1 
ATOM   1449 C CE1 . TYR A 1 186 ? 5.165   -6.085  -8.586  1.00 18.17 ? 186 TYR A CE1 1 
ATOM   1450 C CE2 . TYR A 1 186 ? 5.851   -4.818  -6.652  1.00 23.47 ? 186 TYR A CE2 1 
ATOM   1451 C CZ  . TYR A 1 186 ? 5.265   -5.943  -7.227  1.00 20.30 ? 186 TYR A CZ  1 
ATOM   1452 O OH  . TYR A 1 186 ? 4.793   -6.913  -6.395  1.00 25.13 ? 186 TYR A OH  1 
ATOM   1453 N N   . ILE A 1 187 ? 6.719   0.174   -9.711  1.00 21.31 ? 187 ILE A N   1 
ATOM   1454 C CA  . ILE A 1 187 ? 7.542   1.290   -10.131 1.00 20.32 ? 187 ILE A CA  1 
ATOM   1455 C C   . ILE A 1 187 ? 8.756   1.534   -9.244  1.00 20.44 ? 187 ILE A C   1 
ATOM   1456 O O   . ILE A 1 187 ? 8.672   1.414   -8.024  1.00 21.06 ? 187 ILE A O   1 
ATOM   1457 C CB  . ILE A 1 187 ? 6.716   2.562   -10.323 1.00 20.72 ? 187 ILE A CB  1 
ATOM   1458 C CG1 . ILE A 1 187 ? 7.608   3.722   -10.677 1.00 20.67 ? 187 ILE A CG1 1 
ATOM   1459 C CG2 . ILE A 1 187 ? 5.853   2.892   -9.107  1.00 18.85 ? 187 ILE A CG2 1 
ATOM   1460 C CD1 . ILE A 1 187 ? 6.762   5.018   -10.946 1.00 23.59 ? 187 ILE A CD1 1 
ATOM   1461 N N   . ARG A 1 188 ? 9.884   1.845   -9.878  1.00 18.83 ? 188 ARG A N   1 
ATOM   1462 C CA  . ARG A 1 188 ? 11.075  2.262   -9.171  1.00 19.77 ? 188 ARG A CA  1 
ATOM   1463 C C   . ARG A 1 188 ? 11.195  3.783   -9.225  1.00 19.64 ? 188 ARG A C   1 
ATOM   1464 O O   . ARG A 1 188 ? 11.419  4.363   -10.309 1.00 20.98 ? 188 ARG A O   1 
ATOM   1465 C CB  . ARG A 1 188 ? 12.317  1.603   -9.765  1.00 19.22 ? 188 ARG A CB  1 
ATOM   1466 C CG  . ARG A 1 188 ? 12.336  0.063   -9.589  1.00 19.26 ? 188 ARG A CG  1 
ATOM   1467 C CD  . ARG A 1 188 ? 13.469  -0.630  -10.340 1.00 24.39 ? 188 ARG A CD  1 
ATOM   1468 N NE  . ARG A 1 188 ? 13.333  -0.502  -11.798 1.00 24.22 ? 188 ARG A NE  1 
ATOM   1469 C CZ  . ARG A 1 188 ? 14.332  -0.299  -12.616 1.00 24.21 ? 188 ARG A CZ  1 
ATOM   1470 N NH1 . ARG A 1 188 ? 15.557  -0.202  -12.128 1.00 24.12 ? 188 ARG A NH1 1 
ATOM   1471 N NH2 . ARG A 1 188 ? 14.121  -0.170  -13.919 1.00 22.72 ? 188 ARG A NH2 1 
ATOM   1472 N N   . ILE A 1 189 ? 11.012  4.415   -8.061  1.00 18.77 ? 189 ILE A N   1 
ATOM   1473 C CA  . ILE A 1 189 ? 11.094  5.868   -7.910  1.00 17.99 ? 189 ILE A CA  1 
ATOM   1474 C C   . ILE A 1 189 ? 12.442  6.278   -7.361  1.00 17.33 ? 189 ILE A C   1 
ATOM   1475 O O   . ILE A 1 189 ? 12.993  5.678   -6.380  1.00 17.47 ? 189 ILE A O   1 
ATOM   1476 C CB  . ILE A 1 189 ? 10.023  6.387   -6.933  1.00 18.82 ? 189 ILE A CB  1 
ATOM   1477 C CG1 . ILE A 1 189 ? 8.629   6.018   -7.397  1.00 22.60 ? 189 ILE A CG1 1 
ATOM   1478 C CG2 . ILE A 1 189 ? 10.055  7.953   -6.810  1.00 17.17 ? 189 ILE A CG2 1 
ATOM   1479 C CD1 . ILE A 1 189 ? 7.758   7.266   -7.434  1.00 28.30 ? 189 ILE A CD1 1 
ATOM   1480 N N   . LYS A 1 190 ? 12.969  7.311   -7.970  1.00 17.09 ? 190 LYS A N   1 
ATOM   1481 C CA  . LYS A 1 190 ? 14.266  7.853   -7.544  1.00 17.32 ? 190 LYS A CA  1 
ATOM   1482 C C   . LYS A 1 190 ? 14.302  8.365   -6.094  1.00 16.60 ? 190 LYS A C   1 
ATOM   1483 O O   . LYS A 1 190 ? 13.367  8.990   -5.645  1.00 15.81 ? 190 LYS A O   1 
ATOM   1484 C CB  . LYS A 1 190 ? 14.685  9.005   -8.476  1.00 17.13 ? 190 LYS A CB  1 
ATOM   1485 C CG  . LYS A 1 190 ? 15.935  9.774   -8.039  1.00 18.49 ? 190 LYS A CG  1 
ATOM   1486 C CD  . LYS A 1 190 ? 17.199  9.229   -8.743  1.00 22.61 ? 190 LYS A CD  1 
ATOM   1487 C CE  . LYS A 1 190 ? 18.445  10.059  -8.372  1.00 24.06 ? 190 LYS A CE  1 
ATOM   1488 N NZ  . LYS A 1 190 ? 19.705  9.524   -8.941  1.00 26.63 ? 190 LYS A NZ  1 
ATOM   1489 N N   . ARG A 1 191 ? 15.406  8.091   -5.398  1.00 16.89 ? 191 ARG A N   1 
ATOM   1490 C CA  . ARG A 1 191 ? 15.647  8.526   -4.011  1.00 18.65 ? 191 ARG A CA  1 
ATOM   1491 C C   . ARG A 1 191 ? 17.016  9.178   -3.942  1.00 19.13 ? 191 ARG A C   1 
ATOM   1492 O O   . ARG A 1 191 ? 17.779  9.132   -4.915  1.00 18.05 ? 191 ARG A O   1 
ATOM   1493 C CB  . ARG A 1 191 ? 15.612  7.332   -3.031  1.00 17.93 ? 191 ARG A CB  1 
ATOM   1494 C CG  . ARG A 1 191 ? 16.814  6.369   -3.087  1.00 18.81 ? 191 ARG A CG  1 
ATOM   1495 C CD  . ARG A 1 191 ? 16.758  5.302   -1.931  1.00 19.64 ? 191 ARG A CD  1 
ATOM   1496 N NE  . ARG A 1 191 ? 17.986  4.542   -1.670  1.00 17.51 ? 191 ARG A NE  1 
ATOM   1497 C CZ  . ARG A 1 191 ? 19.012  4.930   -0.905  1.00 18.44 ? 191 ARG A CZ  1 
ATOM   1498 N NH1 . ARG A 1 191 ? 19.043  6.146   -0.315  1.00 12.87 ? 191 ARG A NH1 1 
ATOM   1499 N NH2 . ARG A 1 191 ? 20.037  4.088   -0.728  1.00 16.10 ? 191 ARG A NH2 1 
ATOM   1500 N N   . GLY A 1 192 ? 17.321  9.808   -2.813  1.00 20.41 ? 192 GLY A N   1 
ATOM   1501 C CA  . GLY A 1 192 ? 18.637  10.409  -2.629  1.00 22.97 ? 192 GLY A CA  1 
ATOM   1502 C C   . GLY A 1 192 ? 18.847  11.748  -3.314  1.00 24.54 ? 192 GLY A C   1 
ATOM   1503 O O   . GLY A 1 192 ? 19.972  12.217  -3.451  1.00 25.34 ? 192 GLY A O   1 
ATOM   1504 N N   . THR A 1 193 ? 17.774  12.376  -3.770  1.00 25.85 ? 193 THR A N   1 
ATOM   1505 C CA  . THR A 1 193 ? 17.930  13.663  -4.421  1.00 26.41 ? 193 THR A CA  1 
ATOM   1506 C C   . THR A 1 193 ? 18.091  14.764  -3.391  1.00 26.74 ? 193 THR A C   1 
ATOM   1507 O O   . THR A 1 193 ? 18.394  15.895  -3.746  1.00 26.90 ? 193 THR A O   1 
ATOM   1508 C CB  . THR A 1 193 ? 16.697  13.984  -5.258  1.00 27.11 ? 193 THR A CB  1 
ATOM   1509 O OG1 . THR A 1 193 ? 15.542  14.054  -4.400  1.00 28.06 ? 193 THR A OG1 1 
ATOM   1510 C CG2 . THR A 1 193 ? 16.373  12.816  -6.206  1.00 27.44 ? 193 THR A CG2 1 
ATOM   1511 N N   . GLY A 1 194 ? 17.860  14.482  -2.118  1.00 26.72 ? 194 GLY A N   1 
ATOM   1512 C CA  . GLY A 1 194 ? 17.963  15.568  -1.149  1.00 27.58 ? 194 GLY A CA  1 
ATOM   1513 C C   . GLY A 1 194 ? 16.734  16.467  -0.962  1.00 27.55 ? 194 GLY A C   1 
ATOM   1514 O O   . GLY A 1 194 ? 16.775  17.400  -0.156  1.00 27.95 ? 194 GLY A O   1 
ATOM   1515 N N   . ASN A 1 195 ? 15.636  16.199  -1.676  1.00 27.28 ? 195 ASN A N   1 
ATOM   1516 C CA  . ASN A 1 195 ? 14.379  16.944  -1.453  1.00 26.82 ? 195 ASN A CA  1 
ATOM   1517 C C   . ASN A 1 195 ? 13.563  16.301  -0.314  1.00 25.55 ? 195 ASN A C   1 
ATOM   1518 O O   . ASN A 1 195 ? 13.190  15.159  -0.418  1.00 25.12 ? 195 ASN A O   1 
ATOM   1519 C CB  . ASN A 1 195 ? 13.576  16.979  -2.761  1.00 27.36 ? 195 ASN A CB  1 
ATOM   1520 C CG  . ASN A 1 195 ? 12.083  17.119  -2.554  1.00 28.88 ? 195 ASN A CG  1 
ATOM   1521 O OD1 . ASN A 1 195 ? 11.612  17.659  -1.560  1.00 28.87 ? 195 ASN A OD1 1 
ATOM   1522 N ND2 . ASN A 1 195 ? 11.317  16.593  -3.516  1.00 33.54 ? 195 ASN A ND2 1 
ATOM   1523 N N   . SER A 1 196 ? 13.293  17.030  0.771   1.00 24.69 ? 196 SER A N   1 
ATOM   1524 C CA  . SER A 1 196 ? 12.598  16.424  1.908   1.00 23.58 ? 196 SER A CA  1 
ATOM   1525 C C   . SER A 1 196 ? 11.183  15.964  1.573   1.00 22.46 ? 196 SER A C   1 
ATOM   1526 O O   . SER A 1 196 ? 10.663  15.068  2.225   1.00 22.32 ? 196 SER A O   1 
ATOM   1527 C CB  . SER A 1 196 ? 12.599  17.310  3.154   1.00 24.61 ? 196 SER A CB  1 
ATOM   1528 O OG  . SER A 1 196 ? 12.314  18.653  2.832   1.00 25.91 ? 196 SER A OG  1 
ATOM   1529 N N   . TYR A 1 197 ? 10.557  16.541  0.555   1.00 20.50 ? 197 TYR A N   1 
ATOM   1530 C CA  . TYR A 1 197 ? 9.246   16.022  0.173   1.00 19.11 ? 197 TYR A CA  1 
ATOM   1531 C C   . TYR A 1 197 ? 9.371   14.591  -0.396  1.00 18.41 ? 197 TYR A C   1 
ATOM   1532 O O   . TYR A 1 197 ? 8.409   13.802  -0.355  1.00 17.33 ? 197 TYR A O   1 
ATOM   1533 C CB  . TYR A 1 197 ? 8.583   16.946  -0.874  1.00 18.79 ? 197 TYR A CB  1 
ATOM   1534 C CG  . TYR A 1 197 ? 8.051   18.236  -0.272  1.00 19.50 ? 197 TYR A CG  1 
ATOM   1535 C CD1 . TYR A 1 197 ? 6.935   18.237  0.561   1.00 18.87 ? 197 TYR A CD1 1 
ATOM   1536 C CD2 . TYR A 1 197 ? 8.685   19.432  -0.495  1.00 19.36 ? 197 TYR A CD2 1 
ATOM   1537 C CE1 . TYR A 1 197 ? 6.452   19.404  1.128   1.00 19.75 ? 197 TYR A CE1 1 
ATOM   1538 C CE2 . TYR A 1 197 ? 8.212   20.611  0.067   1.00 21.90 ? 197 TYR A CE2 1 
ATOM   1539 C CZ  . TYR A 1 197 ? 7.088   20.580  0.871   1.00 19.51 ? 197 TYR A CZ  1 
ATOM   1540 O OH  . TYR A 1 197 ? 6.635   21.724  1.409   1.00 19.77 ? 197 TYR A OH  1 
ATOM   1541 N N   . GLY A 1 198 ? 10.537  14.236  -0.934  1.00 18.29 ? 198 GLY A N   1 
ATOM   1542 C CA  . GLY A 1 198 ? 10.619  12.992  -1.704  1.00 19.82 ? 198 GLY A CA  1 
ATOM   1543 C C   . GLY A 1 198 ? 10.102  13.276  -3.129  1.00 19.53 ? 198 GLY A C   1 
ATOM   1544 O O   . GLY A 1 198 ? 9.354   14.221  -3.341  1.00 18.89 ? 198 GLY A O   1 
ATOM   1545 N N   . VAL A 1 199 ? 10.530  12.477  -4.109  1.00 19.28 ? 199 VAL A N   1 
ATOM   1546 C CA  . VAL A 1 199 ? 10.089  12.625  -5.470  1.00 18.49 ? 199 VAL A CA  1 
ATOM   1547 C C   . VAL A 1 199 ? 8.585   12.357  -5.486  1.00 17.74 ? 199 VAL A C   1 
ATOM   1548 O O   . VAL A 1 199 ? 8.131   11.361  -4.930  1.00 17.95 ? 199 VAL A O   1 
ATOM   1549 C CB  . VAL A 1 199 ? 10.789  11.582  -6.343  1.00 19.14 ? 199 VAL A CB  1 
ATOM   1550 C CG1 . VAL A 1 199 ? 10.256  11.641  -7.791  1.00 18.70 ? 199 VAL A CG1 1 
ATOM   1551 C CG2 . VAL A 1 199 ? 12.300  11.823  -6.311  1.00 20.64 ? 199 VAL A CG2 1 
ATOM   1552 N N   . CYS A 1 200 ? 7.818   13.235  -6.112  1.00 17.31 ? 200 CYS A N   1 
ATOM   1553 C CA  . CYS A 1 200 ? 6.331   13.089  -6.163  1.00 18.15 ? 200 CYS A CA  1 
ATOM   1554 C C   . CYS A 1 200 ? 5.660   13.093  -4.781  1.00 17.54 ? 200 CYS A C   1 
ATOM   1555 O O   . CYS A 1 200 ? 4.517   12.598  -4.618  1.00 17.54 ? 200 CYS A O   1 
ATOM   1556 C CB  . CYS A 1 200 ? 5.900   11.846  -6.936  1.00 17.87 ? 200 CYS A CB  1 
ATOM   1557 S SG  . CYS A 1 200 ? 6.601   11.704  -8.594  1.00 19.25 ? 200 CYS A SG  1 
ATOM   1558 N N   . GLY A 1 201 ? 6.378   13.635  -3.797  1.00 17.04 ? 201 GLY A N   1 
ATOM   1559 C CA  . GLY A 1 201 ? 5.850   13.753  -2.452  1.00 17.61 ? 201 GLY A CA  1 
ATOM   1560 C C   . GLY A 1 201 ? 5.789   12.444  -1.713  1.00 18.75 ? 201 GLY A C   1 
ATOM   1561 O O   . GLY A 1 201 ? 5.042   12.291  -0.748  1.00 19.47 ? 201 GLY A O   1 
ATOM   1562 N N   . LEU A 1 202 ? 6.632   11.516  -2.145  1.00 19.46 ? 202 LEU A N   1 
ATOM   1563 C CA  . LEU A 1 202 ? 6.657   10.184  -1.603  1.00 19.86 ? 202 LEU A CA  1 
ATOM   1564 C C   . LEU A 1 202 ? 6.862   10.096  -0.097  1.00 19.28 ? 202 LEU A C   1 
ATOM   1565 O O   . LEU A 1 202 ? 6.544   9.077   0.495   1.00 19.38 ? 202 LEU A O   1 
ATOM   1566 C CB  . LEU A 1 202 ? 7.748   9.356   -2.296  1.00 19.72 ? 202 LEU A CB  1 
ATOM   1567 C CG  . LEU A 1 202 ? 7.846   7.872   -1.892  1.00 22.28 ? 202 LEU A CG  1 
ATOM   1568 C CD1 . LEU A 1 202 ? 6.492   7.103   -2.063  1.00 19.57 ? 202 LEU A CD1 1 
ATOM   1569 C CD2 . LEU A 1 202 ? 8.971   7.121   -2.648  1.00 23.52 ? 202 LEU A CD2 1 
ATOM   1570 N N   . TYR A 1 203 ? 7.445   11.089  0.534   1.00 19.18 ? 203 TYR A N   1 
ATOM   1571 C CA  . TYR A 1 203 ? 7.746   10.897  1.955   1.00 19.20 ? 203 TYR A CA  1 
ATOM   1572 C C   . TYR A 1 203 ? 6.746   11.577  2.849   1.00 19.57 ? 203 TYR A C   1 
ATOM   1573 O O   . TYR A 1 203 ? 7.031   11.824  4.013   1.00 20.48 ? 203 TYR A O   1 
ATOM   1574 C CB  . TYR A 1 203 ? 9.143   11.406  2.317   1.00 18.22 ? 203 TYR A CB  1 
ATOM   1575 C CG  . TYR A 1 203 ? 10.296  10.854  1.473   1.00 16.32 ? 203 TYR A CG  1 
ATOM   1576 C CD1 . TYR A 1 203 ? 10.213  9.600   0.893   1.00 19.30 ? 203 TYR A CD1 1 
ATOM   1577 C CD2 . TYR A 1 203 ? 11.451  11.597  1.288   1.00 15.98 ? 203 TYR A CD2 1 
ATOM   1578 C CE1 . TYR A 1 203 ? 11.259  9.091   0.140   1.00 19.38 ? 203 TYR A CE1 1 
ATOM   1579 C CE2 . TYR A 1 203 ? 12.497  11.123  0.532   1.00 17.07 ? 203 TYR A CE2 1 
ATOM   1580 C CZ  . TYR A 1 203 ? 12.402  9.864   -0.025  1.00 20.15 ? 203 TYR A CZ  1 
ATOM   1581 O OH  . TYR A 1 203 ? 13.450  9.367   -0.756  1.00 22.60 ? 203 TYR A OH  1 
ATOM   1582 N N   . THR A 1 204 ? 5.565   11.865  2.304   1.00 20.75 ? 204 THR A N   1 
ATOM   1583 C CA  . THR A 1 204 ? 4.573   12.700  2.992   1.00 20.03 ? 204 THR A CA  1 
ATOM   1584 C C   . THR A 1 204 ? 3.798   11.994  4.130   1.00 18.93 ? 204 THR A C   1 
ATOM   1585 O O   . THR A 1 204 ? 3.656   12.524  5.205   1.00 18.02 ? 204 THR A O   1 
ATOM   1586 C CB  . THR A 1 204 ? 3.601   13.286  1.929   1.00 20.63 ? 204 THR A CB  1 
ATOM   1587 O OG1 . THR A 1 204 ? 4.300   14.286  1.165   1.00 20.66 ? 204 THR A OG1 1 
ATOM   1588 C CG2 . THR A 1 204 ? 2.411   14.056  2.560   1.00 23.69 ? 204 THR A CG2 1 
ATOM   1589 N N   . SER A 1 205 ? 3.302   10.816  3.867   1.00 18.52 ? 205 SER A N   1 
ATOM   1590 C CA  . SER A 1 205 ? 2.401   10.112  4.816   1.00 18.04 ? 205 SER A CA  1 
ATOM   1591 C C   . SER A 1 205 ? 2.528   8.601   4.698   1.00 17.99 ? 205 SER A C   1 
ATOM   1592 O O   . SER A 1 205 ? 1.972   7.973   3.746   1.00 18.93 ? 205 SER A O   1 
ATOM   1593 C CB  . SER A 1 205 ? 0.957   10.533  4.512   1.00 18.67 ? 205 SER A CB  1 
ATOM   1594 O OG  . SER A 1 205 ? 0.108   10.151  5.541   1.00 14.21 ? 205 SER A OG  1 
ATOM   1595 N N   . SER A 1 206 ? 3.317   8.008   5.593   1.00 17.19 ? 206 SER A N   1 
ATOM   1596 C CA  . SER A 1 206 ? 3.567   6.563   5.528   1.00 17.60 ? 206 SER A CA  1 
ATOM   1597 C C   . SER A 1 206 ? 3.137   5.863   6.825   1.00 17.31 ? 206 SER A C   1 
ATOM   1598 O O   . SER A 1 206 ? 3.430   6.323   7.914   1.00 17.88 ? 206 SER A O   1 
ATOM   1599 C CB  . SER A 1 206 ? 5.044   6.311   5.254   1.00 17.42 ? 206 SER A CB  1 
ATOM   1600 O OG  . SER A 1 206 ? 5.465   7.029   4.081   1.00 19.46 ? 206 SER A OG  1 
ATOM   1601 N N   . PHE A 1 207 ? 2.442   4.745   6.714   1.00 18.90 ? 207 PHE A N   1 
ATOM   1602 C CA  . PHE A 1 207 ? 1.958   4.061   7.898   1.00 17.86 ? 207 PHE A CA  1 
ATOM   1603 C C   . PHE A 1 207 ? 2.243   2.573   7.736   1.00 17.99 ? 207 PHE A C   1 
ATOM   1604 O O   . PHE A 1 207 ? 2.338   2.093   6.617   1.00 19.11 ? 207 PHE A O   1 
ATOM   1605 C CB  . PHE A 1 207 ? 0.471   4.309   8.038   1.00 17.60 ? 207 PHE A CB  1 
ATOM   1606 C CG  . PHE A 1 207 ? 0.109   5.722   8.516   1.00 17.98 ? 207 PHE A CG  1 
ATOM   1607 C CD1 . PHE A 1 207 ? -0.047  6.764   7.617   1.00 16.65 ? 207 PHE A CD1 1 
ATOM   1608 C CD2 . PHE A 1 207 ? -0.117  5.968   9.844   1.00 15.75 ? 207 PHE A CD2 1 
ATOM   1609 C CE1 . PHE A 1 207 ? -0.417  8.026   8.047   1.00 20.19 ? 207 PHE A CE1 1 
ATOM   1610 C CE2 . PHE A 1 207 ? -0.479  7.256   10.290  1.00 21.13 ? 207 PHE A CE2 1 
ATOM   1611 C CZ  . PHE A 1 207 ? -0.628  8.276   9.376   1.00 16.46 ? 207 PHE A CZ  1 
ATOM   1612 N N   . TYR A 1 208 ? 2.419   1.840   8.835   1.00 17.10 ? 208 TYR A N   1 
ATOM   1613 C CA  . TYR A 1 208 ? 2.651   0.410   8.727   1.00 18.23 ? 208 TYR A CA  1 
ATOM   1614 C C   . TYR A 1 208 ? 1.952   -0.280  9.912   1.00 19.45 ? 208 TYR A C   1 
ATOM   1615 O O   . TYR A 1 208 ? 1.823   0.299   10.990  1.00 19.57 ? 208 TYR A O   1 
ATOM   1616 C CB  . TYR A 1 208 ? 4.153   0.043   8.650   1.00 17.43 ? 208 TYR A CB  1 
ATOM   1617 C CG  . TYR A 1 208 ? 4.942   0.477   9.846   1.00 18.81 ? 208 TYR A CG  1 
ATOM   1618 C CD1 . TYR A 1 208 ? 5.521   1.708   9.857   1.00 21.92 ? 208 TYR A CD1 1 
ATOM   1619 C CD2 . TYR A 1 208 ? 5.095   -0.327  10.979  1.00 23.06 ? 208 TYR A CD2 1 
ATOM   1620 C CE1 . TYR A 1 208 ? 6.255   2.185   10.921  1.00 19.31 ? 208 TYR A CE1 1 
ATOM   1621 C CE2 . TYR A 1 208 ? 5.845   0.157   12.103  1.00 23.56 ? 208 TYR A CE2 1 
ATOM   1622 C CZ  . TYR A 1 208 ? 6.424   1.425   12.033  1.00 22.57 ? 208 TYR A CZ  1 
ATOM   1623 O OH  . TYR A 1 208 ? 7.164   2.024   13.045  1.00 24.40 ? 208 TYR A OH  1 
ATOM   1624 N N   . PRO A 1 209 ? 1.476   -1.500  9.714   1.00 20.80 ? 209 PRO A N   1 
ATOM   1625 C CA  . PRO A 1 209 ? 0.791   -2.235  10.798  1.00 21.42 ? 209 PRO A CA  1 
ATOM   1626 C C   . PRO A 1 209 ? 1.772   -2.956  11.732  1.00 21.28 ? 209 PRO A C   1 
ATOM   1627 O O   . PRO A 1 209 ? 2.841   -3.362  11.278  1.00 19.82 ? 209 PRO A O   1 
ATOM   1628 C CB  . PRO A 1 209 ? -0.026  -3.268  10.035  1.00 21.85 ? 209 PRO A CB  1 
ATOM   1629 C CG  . PRO A 1 209 ? 0.850   -3.572  8.813   1.00 22.63 ? 209 PRO A CG  1 
ATOM   1630 C CD  . PRO A 1 209 ? 1.537   -2.274  8.462   1.00 21.43 ? 209 PRO A CD  1 
ATOM   1631 N N   . VAL A 1 210 ? 1.383   -3.129  13.000  1.00 21.65 ? 210 VAL A N   1 
ATOM   1632 C CA  . VAL A 1 210 ? 2.195   -3.800  13.981  1.00 21.24 ? 210 VAL A CA  1 
ATOM   1633 C C   . VAL A 1 210 ? 1.494   -5.079  14.405  1.00 23.11 ? 210 VAL A C   1 
ATOM   1634 O O   . VAL A 1 210 ? 0.281   -5.092  14.707  1.00 21.73 ? 210 VAL A O   1 
ATOM   1635 C CB  . VAL A 1 210 ? 2.346   -2.972  15.273  1.00 22.21 ? 210 VAL A CB  1 
ATOM   1636 C CG1 . VAL A 1 210 ? 3.172   -3.751  16.313  1.00 20.54 ? 210 VAL A CG1 1 
ATOM   1637 C CG2 . VAL A 1 210 ? 2.927   -1.579  15.008  1.00 19.19 ? 210 VAL A CG2 1 
ATOM   1638 N N   . LYS A 1 211 ? 2.244   -6.169  14.397  1.00 24.57 ? 211 LYS A N   1 
ATOM   1639 C CA  . LYS A 1 211 ? 1.722   -7.399  14.939  1.00 27.29 ? 211 LYS A CA  1 
ATOM   1640 C C   . LYS A 1 211 ? 2.825   -8.093  15.695  1.00 28.44 ? 211 LYS A C   1 
ATOM   1641 O O   . LYS A 1 211 ? 3.936   -8.276  15.194  1.00 27.74 ? 211 LYS A O   1 
ATOM   1642 C CB  . LYS A 1 211 ? 1.116   -8.341  13.911  1.00 27.89 ? 211 LYS A CB  1 
ATOM   1643 C CG  . LYS A 1 211 ? 0.428   -9.539  14.641  1.00 29.73 ? 211 LYS A CG  1 
ATOM   1644 C CD  . LYS A 1 211 ? -0.002  -10.643 13.701  1.00 34.18 ? 211 LYS A CD  1 
ATOM   1645 C CE  . LYS A 1 211 ? -0.775  -11.719 14.450  1.00 34.65 ? 211 LYS A CE  1 
ATOM   1646 N NZ  . LYS A 1 211 ? -2.170  -11.285 14.686  1.00 38.09 ? 211 LYS A NZ  1 
ATOM   1647 N N   . ASN A 1 212 ? 2.498   -8.462  16.926  1.00 30.58 ? 212 ASN A N   1 
ATOM   1648 C CA  . ASN A 1 212 ? 3.455   -9.079  17.809  1.00 32.43 ? 212 ASN A CA  1 
ATOM   1649 C C   . ASN A 1 212 ? 3.476   -10.602 17.596  1.00 33.34 ? 212 ASN A C   1 
ATOM   1650 O O   . ASN A 1 212 ? 4.228   -11.320 18.255  1.00 34.51 ? 212 ASN A O   1 
ATOM   1651 C CB  . ASN A 1 212 ? 3.148   -8.673  19.264  1.00 32.88 ? 212 ASN A CB  1 
ATOM   1652 C CG  . ASN A 1 212 ? 3.340   -7.157  19.516  1.00 33.96 ? 212 ASN A CG  1 
ATOM   1653 O OD1 . ASN A 1 212 ? 2.611   -6.546  20.308  1.00 35.73 ? 212 ASN A OD1 1 
ATOM   1654 N ND2 . ASN A 1 212 ? 4.326   -6.561  18.850  1.00 34.03 ? 212 ASN A ND2 1 
ATOM   1655 O OXT . ASN A 1 212 ? 2.756   -11.180 16.758  1.00 33.70 ? 212 ASN A OXT 1 
ATOM   1656 N N   . LEU B 2 2   ? -10.954 12.276  -0.661  1.00 48.68 ? 251 LEU I N   1 
ATOM   1657 C CA  . LEU B 2 2   ? -9.539  12.036  -0.402  1.00 47.64 ? 251 LEU I CA  1 
ATOM   1658 C C   . LEU B 2 2   ? -8.915  10.963  -1.287  1.00 47.90 ? 251 LEU I C   1 
ATOM   1659 O O   . LEU B 2 2   ? -9.233  10.939  -2.488  1.00 49.19 ? 251 LEU I O   1 
ATOM   1660 C CB  . LEU B 2 2   ? -9.279  11.735  1.051   1.00 47.75 ? 251 LEU I CB  1 
ATOM   1661 C CG  . LEU B 2 2   ? -8.035  12.330  1.673   1.00 48.40 ? 251 LEU I CG  1 
ATOM   1662 C CD1 . LEU B 2 2   ? -6.924  12.381  0.618   1.00 47.53 ? 251 LEU I CD1 1 
ATOM   1663 C CD2 . LEU B 2 2   ? -8.347  13.727  2.228   1.00 48.66 ? 251 LEU I CD2 1 
ATOM   1664 N N   . PHE B 2 3   ? -8.018  10.095  -0.750  1.00 45.24 ? 252 PHE I N   1 
ATOM   1665 C CA  . PHE B 2 3   ? -7.093  9.342   -1.607  1.00 41.74 ? 252 PHE I CA  1 
ATOM   1666 C C   . PHE B 2 3   ? -7.826  8.319   -2.453  1.00 40.29 ? 252 PHE I C   1 
ATOM   1667 O O   . PHE B 2 3   ? -8.385  7.402   -1.850  1.00 39.07 ? 252 PHE I O   1 
ATOM   1668 C CB  . PHE B 2 3   ? -6.050  8.549   -0.810  1.00 41.27 ? 252 PHE I CB  1 
ATOM   1669 C CG  . PHE B 2 3   ? -5.116  9.438   -0.030  1.00 37.60 ? 252 PHE I CG  1 
ATOM   1670 C CD1 . PHE B 2 3   ? -4.087  10.105  -0.672  1.00 36.66 ? 252 PHE I CD1 1 
ATOM   1671 C CD2 . PHE B 2 3   ? -5.302  9.577   1.335   1.00 37.56 ? 252 PHE I CD2 1 
ATOM   1672 C CE1 . PHE B 2 3   ? -3.259  10.920  0.083   1.00 37.74 ? 252 PHE I CE1 1 
ATOM   1673 C CE2 . PHE B 2 3   ? -4.472  10.398  2.091   1.00 37.14 ? 252 PHE I CE2 1 
ATOM   1674 C CZ  . PHE B 2 3   ? -3.436  11.074  1.459   1.00 37.00 ? 252 PHE I CZ  1 
ATOM   1675 N N   . GLY B 2 4   ? -7.818  8.454   -3.802  1.00 42.19 ? 253 GLY I N   1 
ATOM   1676 C CA  . GLY B 2 4   ? -8.467  7.537   -4.776  1.00 38.41 ? 253 GLY I CA  1 
ATOM   1677 C C   . GLY B 2 4   ? -7.542  6.408   -5.213  1.00 34.36 ? 253 GLY I C   1 
ATOM   1678 O O   . GLY B 2 4   ? -7.865  5.334   -5.708  1.00 32.50 ? 253 GLY I O   1 
HETATM 1679 C C1  . 0HQ B 2 5   ? -6.053  6.566   -4.980  1.00 31.47 ? 254 0HQ I C1  1 
HETATM 1680 O O   . HOH C 3 .   ? 3.005   -7.500  0.906   1.00 24.99 ? 301 HOH A O   1 
HETATM 1681 O O   . HOH C 3 .   ? 1.260   -8.029  -1.186  1.00 20.99 ? 302 HOH A O   1 
HETATM 1682 O O   . HOH C 3 .   ? -1.482  -4.419  -6.623  1.00 22.14 ? 303 HOH A O   1 
HETATM 1683 O O   . HOH C 3 .   ? 4.174   8.766   2.107   1.00 21.13 ? 304 HOH A O   1 
HETATM 1684 O O   . HOH C 3 .   ? 6.326   -12.314 -2.804  1.00 28.90 ? 305 HOH A O   1 
HETATM 1685 O O   . HOH C 3 .   ? 20.912  1.276   -0.977  1.00 27.78 ? 306 HOH A O   1 
HETATM 1686 O O   . HOH C 3 .   ? 13.421  20.505  0.401   1.00 50.39 ? 307 HOH A O   1 
HETATM 1687 O O   . HOH C 3 .   ? -0.012  -13.204 4.716   1.00 33.60 ? 308 HOH A O   1 
HETATM 1688 O O   . HOH C 3 .   ? -4.703  -8.843  -2.318  1.00 24.69 ? 309 HOH A O   1 
HETATM 1689 O O   . HOH C 3 .   ? 6.437   8.744   -18.176 1.00 45.56 ? 310 HOH A O   1 
HETATM 1690 O O   . HOH C 3 .   ? 9.744   9.615   5.785   1.00 23.85 ? 311 HOH A O   1 
HETATM 1691 O O   . HOH C 3 .   ? 9.920   6.939   12.090  1.00 44.18 ? 312 HOH A O   1 
HETATM 1692 O O   . HOH C 3 .   ? 2.443   13.058  -10.546 1.00 31.00 ? 313 HOH A O   1 
HETATM 1693 O O   . HOH C 3 .   ? 3.860   20.354  -6.281  1.00 49.64 ? 314 HOH A O   1 
HETATM 1694 O O   . HOH C 3 .   ? 3.601   15.193  -15.107 1.00 36.67 ? 315 HOH A O   1 
HETATM 1695 O O   . HOH C 3 .   ? 6.927   9.249   5.185   1.00 27.38 ? 316 HOH A O   1 
HETATM 1696 O O   . HOH C 3 .   ? -6.307  5.517   -8.883  1.00 43.82 ? 317 HOH A O   1 
HETATM 1697 O O   . HOH C 3 .   ? 11.516  9.716   -15.140 1.00 42.23 ? 318 HOH A O   1 
HETATM 1698 O O   . HOH C 3 .   ? -3.820  -4.900  -2.263  1.00 31.73 ? 319 HOH A O   1 
HETATM 1699 O O   . HOH C 3 .   ? -2.662  15.104  -7.590  1.00 43.96 ? 320 HOH A O   1 
HETATM 1700 O O   . HOH C 3 .   ? -11.323 -8.026  -1.781  1.00 27.46 ? 321 HOH A O   1 
HETATM 1701 O O   . HOH C 3 .   ? -2.955  -2.654  11.660  1.00 35.48 ? 322 HOH A O   1 
HETATM 1702 O O   . HOH C 3 .   ? -0.046  -1.510  -11.061 1.00 25.39 ? 323 HOH A O   1 
HETATM 1703 O O   . HOH C 3 .   ? 14.988  12.069  -2.680  1.00 47.72 ? 324 HOH A O   1 
HETATM 1704 O O   . HOH C 3 .   ? -1.945  -7.027  -2.725  1.00 27.49 ? 325 HOH A O   1 
HETATM 1705 O O   . HOH C 3 .   ? 1.953   -9.885  -10.133 1.00 25.25 ? 326 HOH A O   1 
HETATM 1706 O O   . HOH C 3 .   ? -11.696 -15.363 6.109   1.00 33.51 ? 327 HOH A O   1 
HETATM 1707 O O   . HOH C 3 .   ? 4.070   -18.551 2.301   1.00 49.93 ? 328 HOH A O   1 
HETATM 1708 O O   . HOH C 3 .   ? 15.935  4.025   -15.563 1.00 47.67 ? 329 HOH A O   1 
HETATM 1709 O O   . HOH C 3 .   ? -2.159  -3.662  -4.274  1.00 24.58 ? 330 HOH A O   1 
HETATM 1710 O O   . HOH C 3 .   ? 12.373  10.412  -3.462  1.00 28.01 ? 331 HOH A O   1 
HETATM 1711 O O   . HOH C 3 .   ? 8.804   -18.020 2.928   1.00 43.96 ? 332 HOH A O   1 
HETATM 1712 O O   . HOH C 3 .   ? -0.204  5.921   3.665   1.00 27.07 ? 333 HOH A O   1 
HETATM 1713 O O   . HOH C 3 .   ? 20.373  -1.581  10.620  1.00 52.83 ? 334 HOH A O   1 
HETATM 1714 O O   . HOH C 3 .   ? 6.138   -17.423 -0.473  1.00 58.68 ? 335 HOH A O   1 
HETATM 1715 O O   . HOH C 3 .   ? 3.929   -4.762  6.776   1.00 25.22 ? 336 HOH A O   1 
HETATM 1716 O O   . HOH C 3 .   ? 3.391   -8.885  -11.651 1.00 42.44 ? 337 HOH A O   1 
HETATM 1717 O O   . HOH C 3 .   ? 8.884   11.042  -18.028 1.00 58.00 ? 338 HOH A O   1 
HETATM 1718 O O   . HOH C 3 .   ? 4.817   9.635   7.334   1.00 33.32 ? 339 HOH A O   1 
HETATM 1719 O O   . HOH C 3 .   ? 9.973   14.648  10.533  1.00 50.53 ? 340 HOH A O   1 
HETATM 1720 O O   . HOH C 3 .   ? 15.572  -6.385  5.152   1.00 35.31 ? 341 HOH A O   1 
HETATM 1721 O O   . HOH C 3 .   ? -8.454  -7.028  -8.042  1.00 36.83 ? 342 HOH A O   1 
HETATM 1722 O O   . HOH C 3 .   ? 14.802  -3.771  -4.826  1.00 40.61 ? 343 HOH A O   1 
HETATM 1723 O O   . HOH C 3 .   ? -19.339 2.655   -5.266  1.00 38.27 ? 344 HOH A O   1 
HETATM 1724 O O   . HOH C 3 .   ? -0.821  -1.218  -3.773  1.00 24.25 ? 345 HOH A O   1 
HETATM 1725 O O   . HOH C 3 .   ? -2.468  1.026   -4.299  1.00 23.48 ? 346 HOH A O   1 
HETATM 1726 O O   . HOH C 3 .   ? -2.631  1.832   16.383  1.00 53.56 ? 347 HOH A O   1 
HETATM 1727 O O   . HOH C 3 .   ? 8.757   15.833  -6.852  1.00 34.81 ? 348 HOH A O   1 
HETATM 1728 O O   . HOH C 3 .   ? -4.904  -16.741 0.220   1.00 43.59 ? 350 HOH A O   1 
HETATM 1729 O O   . HOH C 3 .   ? 23.122  -3.378  8.562   1.00 44.01 ? 351 HOH A O   1 
HETATM 1730 O O   . HOH C 3 .   ? -7.640  -15.507 0.081   1.00 27.51 ? 352 HOH A O   1 
HETATM 1731 O O   . HOH C 3 .   ? 14.995  -6.344  -6.491  1.00 40.25 ? 353 HOH A O   1 
HETATM 1732 O O   . HOH D 3 .   ? -7.728  10.850  -4.594  1.00 52.92 ? 349 HOH I O   1 
# 
